data_1S7U
#
_entry.id   1S7U
#
_cell.length_a   92.389
_cell.length_b   123.343
_cell.length_c   99.392
_cell.angle_alpha   90.00
_cell.angle_beta   103.17
_cell.angle_gamma   90.00
#
_symmetry.space_group_name_H-M   'P 1 21 1'
#
loop_
_entity.id
_entity.type
_entity.pdbx_description
1 polymer 'H-2 class I histocompatibility antigen, D-B alpha chain'
2 polymer Beta-2-microglobulin
3 polymer 'Glycoprotein 9-residue peptide'
4 water water
#
loop_
_entity_poly.entity_id
_entity_poly.type
_entity_poly.pdbx_seq_one_letter_code
_entity_poly.pdbx_strand_id
1 'polypeptide(L)'
;GPHSMRYFETAVSRPGLEEPRYISVGYVDNKEFVRFDSDAENPRYEPRAPWMEQEGPEYWERETQKAKGQEQWFRVSLRN
LLGYYNQSAGGSHTLQQMSGCDLGSDWRLLRGYLQFAYEGRDYIALNEDLKTWTAADMAAQITRRKWEQSGAAEHYKAYL
EGECVEWLHRYLKNGNATLLRTDSPKAHVTHHPRSKGEVTLRCWALGFYPADITLTWQLNGEELTQDMELVETRPAGDGT
FQKWASVVVPLGKEQNYTCRVYHEGLPEPLTLRWEPPPSTDSYMVIVAVLGVLGAMAIIGAVVAFVMKRRRNTGGKGGDY
ALAPGSQSSEMSLRDCKA
;
A,D,G,J
2 'polypeptide(L)'
;IQKTPQIQVYSRHPPENGKPNILNCYVTQFHPPHIEIQMLKNGKKIPKVEMSDMSFSKDWSFYILAHTEFTPTETDTYAC
RVKHDSMAEPKTVYWDRDM
;
B,E,H,K
3 'polypeptide(L)' KAVYNFATM C,F,I,L
#
# COMPACT_ATOMS: atom_id res chain seq x y z
N GLY A 1 35.91 24.55 -49.02
CA GLY A 1 34.43 24.61 -48.84
C GLY A 1 33.66 23.86 -49.92
N PRO A 2 33.80 22.53 -49.95
CA PRO A 2 33.05 21.68 -50.89
C PRO A 2 31.66 21.29 -50.37
N HIS A 3 30.80 20.85 -51.27
CA HIS A 3 29.42 20.51 -50.93
C HIS A 3 28.94 19.22 -51.62
N SER A 4 27.81 18.68 -51.15
CA SER A 4 27.27 17.41 -51.62
C SER A 4 25.79 17.24 -51.35
N MET A 5 25.11 16.45 -52.18
CA MET A 5 23.75 16.00 -51.88
C MET A 5 23.61 14.50 -52.19
N ARG A 6 22.86 13.79 -51.34
CA ARG A 6 22.58 12.36 -51.52
C ARG A 6 21.14 12.04 -51.21
N TYR A 7 20.60 11.06 -51.93
CA TYR A 7 19.38 10.37 -51.53
C TYR A 7 19.72 8.89 -51.33
N PHE A 8 19.48 8.40 -50.12
CA PHE A 8 19.70 7.02 -49.74
C PHE A 8 18.33 6.37 -49.68
N GLU A 9 18.11 5.37 -50.51
CA GLU A 9 16.82 4.71 -50.64
C GLU A 9 16.92 3.22 -50.33
N THR A 10 15.90 2.69 -49.70
CA THR A 10 15.88 1.32 -49.22
C THR A 10 14.47 0.76 -49.40
N ALA A 11 14.39 -0.47 -49.91
CA ALA A 11 13.15 -1.22 -49.91
C ALA A 11 13.44 -2.60 -49.33
N VAL A 12 12.58 -3.06 -48.43
CA VAL A 12 12.78 -4.32 -47.72
C VAL A 12 11.55 -5.18 -47.86
N SER A 13 11.71 -6.38 -48.43
CA SER A 13 10.62 -7.36 -48.48
C SER A 13 10.80 -8.35 -47.34
N ARG A 14 9.70 -8.73 -46.71
CA ARG A 14 9.71 -9.67 -45.59
C ARG A 14 8.71 -10.82 -45.85
N PRO A 15 9.00 -12.01 -45.31
CA PRO A 15 8.36 -13.25 -45.77
C PRO A 15 6.88 -13.16 -46.12
N GLY A 16 5.99 -12.93 -45.15
CA GLY A 16 4.56 -12.96 -45.41
C GLY A 16 3.95 -11.60 -45.69
N LEU A 17 4.70 -10.53 -45.43
CA LEU A 17 4.18 -9.16 -45.59
C LEU A 17 3.70 -8.92 -47.02
N GLU A 18 2.57 -8.24 -47.15
CA GLU A 18 1.93 -7.99 -48.44
C GLU A 18 2.89 -7.34 -49.43
N GLU A 19 3.50 -6.22 -49.04
CA GLU A 19 4.44 -5.54 -49.93
C GLU A 19 5.55 -4.78 -49.16
N PRO A 20 6.64 -4.44 -49.84
CA PRO A 20 7.83 -3.95 -49.16
C PRO A 20 7.69 -2.56 -48.55
N ARG A 21 8.43 -2.33 -47.48
CA ARG A 21 8.56 -1.02 -46.90
C ARG A 21 9.65 -0.25 -47.66
N TYR A 22 9.31 0.96 -48.10
CA TYR A 22 10.21 1.82 -48.84
C TYR A 22 10.55 3.09 -48.04
N ILE A 23 11.85 3.31 -47.80
CA ILE A 23 12.31 4.51 -47.11
C ILE A 23 13.33 5.26 -47.96
N SER A 24 13.16 6.58 -48.09
CA SER A 24 14.14 7.45 -48.73
C SER A 24 14.56 8.55 -47.79
N VAL A 25 15.85 8.85 -47.77
CA VAL A 25 16.42 9.92 -46.95
C VAL A 25 17.32 10.79 -47.80
N GLY A 26 17.10 12.09 -47.75
CA GLY A 26 17.91 13.05 -48.46
C GLY A 26 18.88 13.75 -47.52
N TYR A 27 20.06 14.05 -48.03
CA TYR A 27 21.14 14.65 -47.26
C TYR A 27 21.76 15.82 -48.05
N VAL A 28 21.98 16.94 -47.38
CA VAL A 28 22.77 18.02 -47.93
C VAL A 28 24.00 18.18 -47.03
N ASP A 29 25.18 18.14 -47.64
CA ASP A 29 26.45 18.15 -46.89
C ASP A 29 26.42 17.18 -45.72
N ASN A 30 25.95 15.96 -45.99
CA ASN A 30 25.86 14.86 -45.01
C ASN A 30 24.95 15.13 -43.80
N LYS A 31 24.04 16.08 -43.92
CA LYS A 31 23.01 16.29 -42.90
C LYS A 31 21.65 16.03 -43.51
N GLU A 32 20.81 15.31 -42.77
CA GLU A 32 19.49 14.92 -43.22
C GLU A 32 18.61 16.17 -43.39
N PHE A 33 17.83 16.22 -44.47
CA PHE A 33 16.92 17.36 -44.69
C PHE A 33 15.52 17.01 -45.24
N VAL A 34 15.34 15.79 -45.73
CA VAL A 34 14.02 15.27 -46.13
C VAL A 34 13.94 13.77 -45.89
N ARG A 35 12.73 13.26 -45.74
CA ARG A 35 12.50 11.84 -45.49
C ARG A 35 11.11 11.38 -45.89
N PHE A 36 11.02 10.25 -46.59
CA PHE A 36 9.77 9.60 -46.93
C PHE A 36 9.78 8.20 -46.34
N ASP A 37 8.63 7.71 -45.91
CA ASP A 37 8.52 6.38 -45.31
C ASP A 37 7.13 5.85 -45.58
N SER A 38 7.06 4.74 -46.32
CA SER A 38 5.78 4.15 -46.73
C SER A 38 4.95 3.57 -45.57
N ASP A 39 5.57 3.35 -44.41
CA ASP A 39 4.90 2.86 -43.19
C ASP A 39 4.06 3.92 -42.46
N ALA A 40 4.33 5.20 -42.71
CA ALA A 40 3.51 6.29 -42.15
C ALA A 40 2.06 6.17 -42.61
N GLU A 41 1.16 6.71 -41.79
CA GLU A 41 -0.26 6.73 -42.11
C GLU A 41 -0.52 7.39 -43.47
N ASN A 42 0.09 8.56 -43.66
CA ASN A 42 -0.13 9.38 -44.84
C ASN A 42 1.18 9.61 -45.56
N PRO A 43 1.75 8.56 -46.14
CA PRO A 43 3.14 8.61 -46.63
C PRO A 43 3.42 9.85 -47.46
N ARG A 44 4.37 10.66 -47.01
CA ARG A 44 4.78 11.88 -47.67
C ARG A 44 6.25 12.18 -47.35
N TYR A 45 6.95 12.84 -48.26
CA TYR A 45 8.24 13.43 -47.94
C TYR A 45 8.00 14.53 -46.91
N GLU A 46 8.88 14.63 -45.92
CA GLU A 46 8.70 15.56 -44.81
C GLU A 46 9.98 16.36 -44.61
N PRO A 47 9.87 17.60 -44.15
CA PRO A 47 11.07 18.36 -43.79
C PRO A 47 11.78 17.70 -42.59
N ARG A 48 13.11 17.75 -42.58
CA ARG A 48 13.90 17.22 -41.47
C ARG A 48 14.95 18.22 -40.99
N ALA A 49 14.91 19.42 -41.54
CA ALA A 49 15.68 20.56 -41.06
C ALA A 49 14.76 21.77 -41.15
N PRO A 50 14.87 22.73 -40.22
CA PRO A 50 13.98 23.89 -40.23
C PRO A 50 14.03 24.73 -41.51
N TRP A 51 15.19 24.80 -42.16
CA TRP A 51 15.32 25.59 -43.40
C TRP A 51 14.47 25.10 -44.59
N MET A 52 14.01 23.85 -44.55
CA MET A 52 13.22 23.28 -45.64
C MET A 52 11.74 23.66 -45.63
N GLU A 53 11.23 24.17 -44.51
CA GLU A 53 9.83 24.64 -44.46
C GLU A 53 9.55 25.86 -45.35
N GLN A 54 10.60 26.51 -45.86
CA GLN A 54 10.46 27.52 -46.92
C GLN A 54 9.72 27.02 -48.16
N GLU A 55 9.87 25.72 -48.46
CA GLU A 55 9.30 25.15 -49.68
C GLU A 55 7.77 25.06 -49.62
N GLY A 56 7.12 25.54 -50.68
CA GLY A 56 5.67 25.54 -50.72
C GLY A 56 5.12 24.14 -50.92
N PRO A 57 3.79 24.01 -50.85
CA PRO A 57 3.14 22.71 -51.01
C PRO A 57 3.34 22.02 -52.37
N GLU A 58 3.68 22.75 -53.44
CA GLU A 58 3.95 22.14 -54.74
C GLU A 58 5.26 21.37 -54.75
N TYR A 59 6.23 21.84 -53.98
CA TYR A 59 7.47 21.13 -53.79
C TYR A 59 7.17 19.77 -53.14
N TRP A 60 6.40 19.77 -52.05
CA TRP A 60 6.12 18.54 -51.29
C TRP A 60 5.23 17.54 -52.04
N GLU A 61 4.22 18.05 -52.75
CA GLU A 61 3.36 17.20 -53.56
C GLU A 61 4.14 16.47 -54.67
N ARG A 62 5.09 17.17 -55.30
CA ARG A 62 5.84 16.64 -56.42
C ARG A 62 6.84 15.59 -55.93
N GLU A 63 7.61 15.95 -54.91
CA GLU A 63 8.58 15.02 -54.32
C GLU A 63 7.90 13.76 -53.78
N THR A 64 6.69 13.93 -53.24
CA THR A 64 5.94 12.80 -52.70
C THR A 64 5.49 11.84 -53.80
N GLN A 65 5.00 12.39 -54.91
CA GLN A 65 4.64 11.57 -56.06
C GLN A 65 5.86 10.86 -56.60
N LYS A 66 7.01 11.52 -56.58
CA LYS A 66 8.26 10.91 -57.01
C LYS A 66 8.61 9.70 -56.13
N ALA A 67 8.46 9.87 -54.83
CA ALA A 67 8.72 8.83 -53.86
C ALA A 67 7.82 7.63 -54.08
N LYS A 68 6.53 7.89 -54.35
CA LYS A 68 5.58 6.82 -54.60
C LYS A 68 5.96 6.08 -55.88
N GLY A 69 6.47 6.79 -56.87
CA GLY A 69 6.99 6.18 -58.07
C GLY A 69 8.18 5.29 -57.77
N GLN A 70 9.11 5.79 -56.95
CA GLN A 70 10.30 5.05 -56.56
C GLN A 70 9.91 3.76 -55.82
N GLU A 71 8.89 3.87 -54.96
CA GLU A 71 8.37 2.73 -54.22
C GLU A 71 7.92 1.64 -55.17
N GLN A 72 7.19 2.01 -56.20
CA GLN A 72 6.77 1.03 -57.19
C GLN A 72 7.92 0.47 -58.01
N TRP A 73 8.89 1.30 -58.34
CA TRP A 73 10.09 0.86 -59.05
C TRP A 73 10.89 -0.17 -58.23
N PHE A 74 11.01 0.06 -56.92
CA PHE A 74 11.74 -0.84 -56.02
C PHE A 74 10.98 -2.14 -55.83
N ARG A 75 9.66 -2.05 -55.84
CA ARG A 75 8.83 -3.23 -55.69
C ARG A 75 9.03 -4.19 -56.89
N VAL A 76 8.97 -3.64 -58.11
CA VAL A 76 9.10 -4.47 -59.30
C VAL A 76 10.53 -5.02 -59.40
N SER A 77 11.52 -4.18 -59.09
CA SER A 77 12.92 -4.57 -59.16
C SER A 77 13.22 -5.71 -58.19
N LEU A 78 12.69 -5.62 -56.99
CA LEU A 78 12.80 -6.67 -55.97
C LEU A 78 12.26 -8.00 -56.53
N ARG A 79 11.13 -7.93 -57.22
CA ARG A 79 10.51 -9.10 -57.83
C ARG A 79 11.42 -9.66 -58.90
N ASN A 80 11.96 -8.79 -59.74
CA ASN A 80 12.83 -9.21 -60.81
C ASN A 80 14.11 -9.88 -60.25
N LEU A 81 14.69 -9.31 -59.21
CA LEU A 81 15.93 -9.79 -58.61
C LEU A 81 15.80 -11.18 -57.99
N LEU A 82 14.64 -11.46 -57.43
CA LEU A 82 14.29 -12.77 -56.88
C LEU A 82 14.40 -13.84 -57.98
N GLY A 83 13.85 -13.54 -59.16
CA GLY A 83 13.98 -14.41 -60.31
C GLY A 83 15.41 -14.51 -60.83
N TYR A 84 16.14 -13.40 -60.84
CA TYR A 84 17.52 -13.42 -61.33
C TYR A 84 18.43 -14.28 -60.47
N TYR A 85 18.18 -14.32 -59.16
CA TYR A 85 19.04 -15.09 -58.26
C TYR A 85 18.37 -16.41 -57.84
N ASN A 86 17.29 -16.79 -58.52
CA ASN A 86 16.59 -18.05 -58.27
C ASN A 86 16.34 -18.21 -56.78
N GLN A 87 15.91 -17.13 -56.16
CA GLN A 87 15.56 -17.14 -54.75
C GLN A 87 14.11 -17.54 -54.73
N SER A 88 13.70 -18.25 -53.70
CA SER A 88 12.31 -18.68 -53.66
C SER A 88 11.54 -17.71 -52.76
N ALA A 89 10.23 -17.94 -52.60
CA ALA A 89 9.42 -17.16 -51.68
C ALA A 89 9.81 -17.52 -50.26
N GLY A 90 9.54 -16.62 -49.32
CA GLY A 90 9.66 -16.93 -47.91
C GLY A 90 10.93 -16.46 -47.21
N GLY A 91 11.67 -15.54 -47.84
CA GLY A 91 12.86 -14.97 -47.23
C GLY A 91 12.72 -13.46 -47.14
N SER A 92 13.70 -12.81 -46.55
CA SER A 92 13.78 -11.36 -46.53
C SER A 92 14.86 -10.88 -47.48
N HIS A 93 14.58 -9.76 -48.14
CA HIS A 93 15.46 -9.19 -49.16
C HIS A 93 15.53 -7.67 -49.08
N THR A 94 16.63 -7.10 -49.57
CA THR A 94 16.89 -5.67 -49.46
C THR A 94 17.44 -5.10 -50.75
N LEU A 95 16.90 -3.96 -51.15
CA LEU A 95 17.41 -3.24 -52.31
C LEU A 95 17.73 -1.83 -51.85
N GLN A 96 18.94 -1.35 -52.12
CA GLN A 96 19.34 0.00 -51.69
C GLN A 96 19.91 0.79 -52.86
N GLN A 97 19.82 2.10 -52.74
CA GLN A 97 20.28 3.01 -53.75
C GLN A 97 20.90 4.22 -53.05
N MET A 98 22.06 4.63 -53.52
CA MET A 98 22.60 5.94 -53.21
C MET A 98 22.71 6.66 -54.53
N SER A 99 22.38 7.95 -54.50
CA SER A 99 22.59 8.79 -55.66
C SER A 99 22.78 10.21 -55.21
N GLY A 100 23.47 10.99 -56.02
CA GLY A 100 23.73 12.38 -55.68
C GLY A 100 24.93 12.98 -56.38
N CYS A 101 25.31 14.18 -55.94
CA CYS A 101 26.39 14.93 -56.56
C CYS A 101 27.34 15.54 -55.54
N ASP A 102 28.61 15.70 -55.93
CA ASP A 102 29.61 16.43 -55.15
C ASP A 102 29.95 17.70 -55.89
N LEU A 103 30.01 18.84 -55.21
CA LEU A 103 30.50 20.08 -55.83
C LEU A 103 31.83 20.55 -55.24
N GLY A 104 32.69 21.13 -56.07
CA GLY A 104 33.85 21.86 -55.59
C GLY A 104 33.46 23.10 -54.81
N SER A 105 34.45 23.80 -54.29
CA SER A 105 34.20 25.04 -53.58
C SER A 105 33.85 26.16 -54.56
N ASP A 106 34.09 25.95 -55.85
CA ASP A 106 33.57 26.85 -56.89
C ASP A 106 32.12 26.52 -57.32
N TRP A 107 31.49 25.60 -56.58
CA TRP A 107 30.11 25.16 -56.83
C TRP A 107 29.89 24.42 -58.16
N ARG A 108 30.98 24.01 -58.81
CA ARG A 108 30.89 23.18 -60.01
C ARG A 108 30.83 21.71 -59.61
N LEU A 109 30.20 20.91 -60.45
CA LEU A 109 30.05 19.49 -60.22
C LEU A 109 31.44 18.85 -60.25
N LEU A 110 31.80 18.18 -59.17
CA LEU A 110 33.02 17.41 -59.07
C LEU A 110 32.76 15.99 -59.57
N ARG A 111 31.70 15.37 -59.07
CA ARG A 111 31.41 13.97 -59.35
C ARG A 111 29.94 13.61 -59.16
N GLY A 112 29.42 12.74 -60.04
CA GLY A 112 28.10 12.15 -59.88
C GLY A 112 28.14 10.72 -59.38
N TYR A 113 27.10 10.34 -58.62
CA TYR A 113 26.97 9.03 -57.98
C TYR A 113 25.63 8.37 -58.24
N LEU A 114 25.68 7.08 -58.60
CA LEU A 114 24.48 6.27 -58.78
C LEU A 114 24.87 4.81 -58.61
N GLN A 115 24.49 4.25 -57.47
CA GLN A 115 24.85 2.86 -57.15
C GLN A 115 23.70 2.15 -56.45
N PHE A 116 23.66 0.84 -56.66
CA PHE A 116 22.61 -0.02 -56.09
C PHE A 116 23.26 -1.18 -55.37
N ALA A 117 22.59 -1.68 -54.34
CA ALA A 117 23.01 -2.91 -53.66
C ALA A 117 21.81 -3.80 -53.44
N TYR A 118 22.05 -5.10 -53.46
CA TYR A 118 21.02 -6.08 -53.18
C TYR A 118 21.60 -6.99 -52.12
N GLU A 119 20.82 -7.26 -51.08
CA GLU A 119 21.28 -7.99 -49.90
C GLU A 119 22.54 -7.37 -49.28
N GLY A 120 22.62 -6.04 -49.33
CA GLY A 120 23.75 -5.28 -48.79
C GLY A 120 25.05 -5.42 -49.57
N ARG A 121 24.97 -5.86 -50.83
CA ARG A 121 26.16 -6.06 -51.66
C ARG A 121 26.04 -5.33 -53.00
N ASP A 122 27.15 -4.78 -53.47
CA ASP A 122 27.23 -4.09 -54.75
C ASP A 122 26.49 -4.89 -55.81
N TYR A 123 25.54 -4.26 -56.49
CA TYR A 123 24.80 -4.92 -57.56
C TYR A 123 25.19 -4.28 -58.90
N ILE A 124 24.93 -2.99 -59.03
CA ILE A 124 25.28 -2.24 -60.23
C ILE A 124 25.53 -0.77 -59.88
N ALA A 125 26.45 -0.13 -60.59
CA ALA A 125 26.79 1.27 -60.34
C ALA A 125 27.17 1.97 -61.62
N LEU A 126 26.78 3.23 -61.72
CA LEU A 126 27.15 4.09 -62.82
C LEU A 126 28.57 4.54 -62.57
N ASN A 127 29.46 4.35 -63.55
CA ASN A 127 30.84 4.79 -63.39
C ASN A 127 30.96 6.32 -63.44
N GLU A 128 32.09 6.83 -62.98
CA GLU A 128 32.32 8.27 -62.83
C GLU A 128 32.11 9.02 -64.14
N ASP A 129 32.35 8.36 -65.27
CA ASP A 129 32.12 8.95 -66.58
C ASP A 129 30.63 9.20 -66.87
N LEU A 130 29.74 8.66 -66.04
CA LEU A 130 28.29 8.82 -66.17
C LEU A 130 27.78 8.29 -67.49
N LYS A 131 28.46 7.27 -68.01
CA LYS A 131 28.14 6.68 -69.31
C LYS A 131 28.15 5.14 -69.32
N THR A 132 28.97 4.51 -68.48
CA THR A 132 29.08 3.06 -68.46
C THR A 132 28.80 2.53 -67.07
N TRP A 133 28.54 1.22 -66.99
CA TRP A 133 28.08 0.57 -65.76
C TRP A 133 29.08 -0.46 -65.33
N THR A 134 29.26 -0.58 -64.01
CA THR A 134 29.97 -1.66 -63.37
C THR A 134 28.97 -2.57 -62.68
N ALA A 135 29.06 -3.85 -62.97
CA ALA A 135 28.22 -4.86 -62.36
C ALA A 135 29.04 -6.15 -62.27
N ALA A 136 29.29 -6.63 -61.07
CA ALA A 136 30.21 -7.75 -60.89
C ALA A 136 29.48 -9.07 -61.08
N ASP A 137 28.28 -9.18 -60.51
CA ASP A 137 27.56 -10.46 -60.45
C ASP A 137 27.10 -10.92 -61.82
N MET A 138 27.11 -12.23 -62.01
CA MET A 138 26.57 -12.79 -63.23
C MET A 138 25.10 -12.41 -63.35
N ALA A 139 24.35 -12.48 -62.25
CA ALA A 139 22.92 -12.11 -62.27
C ALA A 139 22.73 -10.64 -62.59
N ALA A 140 23.67 -9.78 -62.18
CA ALA A 140 23.56 -8.35 -62.47
C ALA A 140 23.78 -8.01 -63.95
N GLN A 141 24.41 -8.92 -64.69
CA GLN A 141 24.67 -8.70 -66.13
C GLN A 141 23.37 -8.48 -66.86
N ILE A 142 22.30 -9.16 -66.42
CA ILE A 142 20.98 -9.03 -67.02
C ILE A 142 20.48 -7.58 -66.94
N THR A 143 20.68 -6.95 -65.79
CA THR A 143 20.32 -5.56 -65.58
C THR A 143 21.23 -4.64 -66.41
N ARG A 144 22.53 -4.95 -66.43
CA ARG A 144 23.51 -4.15 -67.18
C ARG A 144 23.11 -4.12 -68.65
N ARG A 145 22.81 -5.26 -69.25
CA ARG A 145 22.42 -5.30 -70.66
C ARG A 145 21.12 -4.56 -70.92
N LYS A 146 20.19 -4.63 -69.99
CA LYS A 146 18.90 -3.99 -70.11
C LYS A 146 19.07 -2.47 -70.09
N TRP A 147 19.94 -1.99 -69.20
CA TRP A 147 20.13 -0.57 -68.98
C TRP A 147 21.00 0.03 -70.08
N GLU A 148 21.98 -0.73 -70.56
CA GLU A 148 22.77 -0.33 -71.74
C GLU A 148 21.90 -0.21 -73.00
N GLN A 149 20.90 -1.07 -73.16
CA GLN A 149 20.06 -1.08 -74.36
C GLN A 149 18.98 0.01 -74.38
N SER A 150 18.62 0.53 -73.21
CA SER A 150 17.58 1.56 -73.08
C SER A 150 18.15 2.97 -72.92
N GLY A 151 19.46 3.11 -72.79
CA GLY A 151 20.07 4.40 -72.56
C GLY A 151 19.73 5.00 -71.20
N ALA A 152 19.67 4.14 -70.19
CA ALA A 152 19.45 4.56 -68.81
C ALA A 152 20.51 5.53 -68.33
N ALA A 153 21.77 5.28 -68.69
CA ALA A 153 22.89 6.12 -68.26
C ALA A 153 22.70 7.59 -68.66
N GLU A 154 22.14 7.85 -69.84
CA GLU A 154 21.89 9.23 -70.28
C GLU A 154 20.88 9.91 -69.35
N HIS A 155 19.85 9.16 -68.97
CA HIS A 155 18.80 9.68 -68.08
C HIS A 155 19.40 10.06 -66.71
N TYR A 156 20.21 9.20 -66.12
CA TYR A 156 20.75 9.52 -64.79
C TYR A 156 21.77 10.66 -64.84
N LYS A 157 22.56 10.69 -65.91
CA LYS A 157 23.56 11.73 -66.13
C LYS A 157 22.90 13.13 -66.19
N ALA A 158 21.77 13.23 -66.88
CA ALA A 158 21.07 14.51 -66.99
C ALA A 158 20.61 14.97 -65.62
N TYR A 159 20.13 14.04 -64.78
CA TYR A 159 19.73 14.39 -63.41
C TYR A 159 20.94 14.90 -62.61
N LEU A 160 22.07 14.20 -62.72
CA LEU A 160 23.22 14.44 -61.86
C LEU A 160 23.97 15.72 -62.23
N GLU A 161 24.01 16.03 -63.52
CA GLU A 161 24.62 17.27 -64.04
C GLU A 161 23.65 18.45 -64.01
N GLY A 162 22.35 18.17 -64.01
CA GLY A 162 21.32 19.19 -64.13
C GLY A 162 20.65 19.45 -62.80
N GLU A 163 19.49 18.84 -62.57
CA GLU A 163 18.69 19.01 -61.35
C GLU A 163 19.49 18.91 -60.07
N CYS A 164 20.32 17.88 -59.94
CA CYS A 164 21.00 17.59 -58.68
C CYS A 164 21.87 18.76 -58.27
N VAL A 165 22.61 19.30 -59.24
CA VAL A 165 23.44 20.47 -59.03
C VAL A 165 22.57 21.70 -58.79
N GLU A 166 21.54 21.86 -59.63
CA GLU A 166 20.72 23.08 -59.62
C GLU A 166 19.98 23.25 -58.30
N TRP A 167 19.40 22.17 -57.81
CA TRP A 167 18.60 22.20 -56.59
C TRP A 167 19.48 22.18 -55.36
N LEU A 168 20.68 21.60 -55.46
CA LEU A 168 21.65 21.68 -54.37
C LEU A 168 22.07 23.14 -54.14
N HIS A 169 22.31 23.87 -55.23
CA HIS A 169 22.65 25.31 -55.14
C HIS A 169 21.57 26.07 -54.38
N ARG A 170 20.31 25.79 -54.75
CA ARG A 170 19.16 26.44 -54.13
C ARG A 170 19.05 26.10 -52.64
N TYR A 171 19.40 24.87 -52.28
CA TYR A 171 19.37 24.42 -50.89
C TYR A 171 20.48 25.07 -50.06
N LEU A 172 21.64 25.31 -50.67
CA LEU A 172 22.77 25.88 -49.96
C LEU A 172 22.56 27.36 -49.63
N LYS A 173 21.80 28.07 -50.47
CA LYS A 173 21.42 29.46 -50.21
C LYS A 173 20.37 29.53 -49.10
N ASN A 174 19.40 28.63 -49.15
CA ASN A 174 18.29 28.59 -48.20
C ASN A 174 18.71 28.18 -46.78
N GLY A 175 19.79 27.42 -46.66
CA GLY A 175 20.25 26.93 -45.37
C GLY A 175 21.64 27.44 -45.03
N ASN A 176 21.94 28.66 -45.45
CA ASN A 176 23.31 29.19 -45.39
C ASN A 176 23.87 29.44 -43.98
N ALA A 177 22.99 29.54 -42.99
CA ALA A 177 23.39 29.75 -41.60
C ALA A 177 23.53 28.43 -40.84
N THR A 178 22.71 27.44 -41.20
CA THR A 178 22.61 26.19 -40.44
C THR A 178 23.82 25.26 -40.64
N LEU A 179 24.23 25.04 -41.88
CA LEU A 179 25.23 24.01 -42.21
C LEU A 179 26.53 24.57 -42.82
N LEU A 180 26.80 25.85 -42.59
CA LEU A 180 28.11 26.43 -42.93
C LEU A 180 29.09 26.16 -41.77
N ARG A 181 28.59 26.21 -40.54
CA ARG A 181 29.44 26.14 -39.36
C ARG A 181 29.93 24.72 -38.99
N THR A 182 31.02 24.70 -38.21
CA THR A 182 31.57 23.50 -37.61
C THR A 182 31.77 23.76 -36.11
N ASP A 183 31.79 22.69 -35.33
CA ASP A 183 32.11 22.76 -33.91
C ASP A 183 33.46 22.12 -33.62
N SER A 184 34.38 22.89 -33.05
CA SER A 184 35.70 22.37 -32.74
C SER A 184 35.62 21.39 -31.59
N PRO A 185 36.48 20.38 -31.58
CA PRO A 185 36.57 19.45 -30.43
C PRO A 185 37.21 20.11 -29.22
N LYS A 186 36.65 19.86 -28.06
CA LYS A 186 37.28 20.19 -26.80
C LYS A 186 37.85 18.90 -26.26
N ALA A 187 39.15 18.88 -25.98
CA ALA A 187 39.83 17.63 -25.66
C ALA A 187 40.45 17.66 -24.28
N HIS A 188 40.52 16.48 -23.66
CA HIS A 188 41.23 16.31 -22.39
C HIS A 188 41.73 14.89 -22.23
N VAL A 189 42.71 14.71 -21.35
CA VAL A 189 43.25 13.37 -21.07
C VAL A 189 42.86 12.95 -19.65
N THR A 190 42.35 11.73 -19.52
CA THR A 190 42.07 11.12 -18.24
C THR A 190 43.12 10.04 -17.96
N HIS A 191 43.39 9.82 -16.68
CA HIS A 191 44.36 8.82 -16.22
C HIS A 191 43.63 7.64 -15.60
N HIS A 192 44.12 6.43 -15.84
CA HIS A 192 43.46 5.20 -15.39
C HIS A 192 44.46 4.10 -15.02
N PRO A 193 44.73 3.94 -13.73
CA PRO A 193 45.67 2.92 -13.25
C PRO A 193 45.30 1.50 -13.69
N ARG A 194 46.32 0.67 -13.93
CA ARG A 194 46.12 -0.75 -14.20
C ARG A 194 47.37 -1.60 -13.87
N SER A 195 47.26 -2.91 -14.11
CA SER A 195 48.31 -3.89 -13.84
C SER A 195 49.69 -3.31 -13.51
N LYS A 196 50.01 -3.33 -12.20
CA LYS A 196 51.29 -2.88 -11.63
C LYS A 196 52.31 -2.19 -12.56
N GLY A 197 52.62 -0.93 -12.23
CA GLY A 197 53.63 -0.17 -12.95
C GLY A 197 53.23 0.23 -14.35
N GLU A 198 51.92 0.20 -14.65
CA GLU A 198 51.40 0.63 -15.94
C GLU A 198 50.05 1.33 -15.78
N VAL A 199 49.77 2.27 -16.68
CA VAL A 199 48.51 3.01 -16.69
C VAL A 199 48.08 3.28 -18.13
N THR A 200 46.79 3.53 -18.31
CA THR A 200 46.25 3.90 -19.62
C THR A 200 45.94 5.39 -19.64
N LEU A 201 46.41 6.07 -20.69
CA LEU A 201 46.13 7.48 -20.90
C LEU A 201 45.09 7.58 -22.01
N ARG A 202 43.91 8.11 -21.67
CA ARG A 202 42.78 8.19 -22.59
C ARG A 202 42.56 9.63 -23.07
N CYS A 203 42.75 9.84 -24.37
CA CYS A 203 42.55 11.15 -24.95
C CYS A 203 41.14 11.26 -25.49
N TRP A 204 40.37 12.18 -24.92
CA TRP A 204 38.98 12.41 -25.30
C TRP A 204 38.87 13.61 -26.21
N ALA A 205 37.89 13.55 -27.11
CA ALA A 205 37.50 14.71 -27.89
C ALA A 205 35.99 14.73 -27.87
N LEU A 206 35.42 15.90 -27.62
CA LEU A 206 33.98 16.01 -27.39
C LEU A 206 33.38 17.25 -28.06
N GLY A 207 32.11 17.13 -28.45
CA GLY A 207 31.32 18.24 -28.94
C GLY A 207 31.64 18.72 -30.33
N PHE A 208 32.23 17.87 -31.17
CA PHE A 208 32.69 18.31 -32.49
C PHE A 208 31.75 17.96 -33.63
N TYR A 209 31.82 18.76 -34.70
CA TYR A 209 31.04 18.53 -35.91
C TYR A 209 31.79 19.17 -37.09
N PRO A 210 31.90 18.48 -38.24
CA PRO A 210 31.41 17.11 -38.47
C PRO A 210 32.23 16.01 -37.80
N ALA A 211 31.81 14.77 -38.01
CA ALA A 211 32.34 13.60 -37.31
C ALA A 211 33.81 13.28 -37.61
N ASP A 212 34.27 13.66 -38.80
CA ASP A 212 35.65 13.35 -39.21
C ASP A 212 36.65 13.92 -38.24
N ILE A 213 37.50 13.05 -37.69
CA ILE A 213 38.50 13.48 -36.73
C ILE A 213 39.61 12.45 -36.61
N THR A 214 40.80 12.89 -36.22
CA THR A 214 41.90 11.98 -35.92
C THR A 214 42.54 12.29 -34.58
N LEU A 215 42.74 11.23 -33.80
CA LEU A 215 43.46 11.28 -32.55
C LEU A 215 44.70 10.39 -32.71
N THR A 216 45.87 10.95 -32.46
CA THR A 216 47.11 10.16 -32.46
C THR A 216 47.78 10.30 -31.11
N TRP A 217 48.60 9.31 -30.76
CA TRP A 217 49.48 9.41 -29.61
C TRP A 217 50.93 9.35 -30.10
N GLN A 218 51.80 10.07 -29.39
CA GLN A 218 53.19 10.22 -29.79
C GLN A 218 54.11 10.00 -28.60
N LEU A 219 55.14 9.17 -28.79
CA LEU A 219 56.22 9.04 -27.81
C LEU A 219 57.34 10.01 -28.20
N ASN A 220 57.09 11.29 -27.91
CA ASN A 220 58.05 12.38 -28.18
C ASN A 220 58.67 12.41 -29.59
N GLY A 221 57.91 11.97 -30.59
CA GLY A 221 58.41 11.90 -31.95
C GLY A 221 57.52 11.11 -32.88
N GLU A 222 57.51 9.79 -32.73
CA GLU A 222 56.78 8.90 -33.63
C GLU A 222 55.36 8.69 -33.12
N GLU A 223 54.50 8.14 -33.99
CA GLU A 223 53.11 7.85 -33.65
C GLU A 223 53.06 6.59 -32.78
N LEU A 224 51.90 5.94 -32.70
CA LEU A 224 51.78 4.67 -31.98
C LEU A 224 50.65 3.79 -32.54
N THR A 225 51.03 2.77 -33.32
CA THR A 225 50.14 1.65 -33.64
C THR A 225 50.25 0.59 -32.55
N GLN A 226 51.37 0.62 -31.80
CA GLN A 226 51.63 -0.33 -30.73
C GLN A 226 50.52 -0.25 -29.68
N ASP A 227 49.55 -1.15 -29.83
CA ASP A 227 48.30 -1.13 -29.05
C ASP A 227 47.86 0.28 -28.63
N MET A 228 47.55 1.10 -29.63
CA MET A 228 46.71 2.26 -29.42
C MET A 228 45.29 1.74 -29.51
N GLU A 229 44.57 1.79 -28.39
CA GLU A 229 43.15 1.48 -28.39
C GLU A 229 42.38 2.73 -28.82
N LEU A 230 41.21 2.53 -29.41
CA LEU A 230 40.32 3.64 -29.74
C LEU A 230 38.87 3.15 -29.88
N VAL A 231 37.96 4.08 -30.05
CA VAL A 231 36.58 3.76 -30.41
C VAL A 231 36.23 4.44 -31.72
N GLU A 232 35.22 3.90 -32.40
CA GLU A 232 34.68 4.55 -33.58
C GLU A 232 34.02 5.85 -33.13
N THR A 233 34.08 6.86 -33.99
CA THR A 233 33.38 8.11 -33.75
C THR A 233 31.90 7.81 -33.59
N ARG A 234 31.30 8.44 -32.60
CA ARG A 234 29.94 8.13 -32.15
C ARG A 234 29.16 9.44 -32.00
N PRO A 235 27.86 9.43 -32.28
CA PRO A 235 27.02 10.62 -32.05
C PRO A 235 26.64 10.81 -30.58
N ALA A 236 26.82 12.02 -30.06
CA ALA A 236 26.37 12.38 -28.70
C ALA A 236 24.86 12.40 -28.62
N GLY A 237 24.21 12.59 -29.76
CA GLY A 237 22.77 12.65 -29.84
C GLY A 237 22.22 14.06 -29.90
N ASP A 238 23.09 15.06 -29.77
CA ASP A 238 22.69 16.47 -29.89
C ASP A 238 23.25 17.14 -31.17
N GLY A 239 23.59 16.34 -32.17
CA GLY A 239 24.22 16.85 -33.39
C GLY A 239 25.76 16.91 -33.43
N THR A 240 26.41 16.84 -32.27
CA THR A 240 27.87 16.74 -32.20
C THR A 240 28.30 15.28 -32.04
N PHE A 241 29.60 15.05 -31.99
CA PHE A 241 30.18 13.70 -31.95
C PHE A 241 31.25 13.59 -30.88
N GLN A 242 31.67 12.35 -30.61
CA GLN A 242 32.65 12.04 -29.58
C GLN A 242 33.64 10.99 -30.09
N LYS A 243 34.86 11.00 -29.55
CA LYS A 243 35.84 9.96 -29.82
C LYS A 243 36.93 9.95 -28.76
N TRP A 244 37.48 8.77 -28.51
CA TRP A 244 38.72 8.66 -27.73
C TRP A 244 39.72 7.67 -28.33
N ALA A 245 40.97 7.85 -27.92
CA ALA A 245 42.08 6.97 -28.27
C ALA A 245 42.98 6.86 -27.04
N SER A 246 43.51 5.67 -26.78
CA SER A 246 44.32 5.44 -25.57
C SER A 246 45.62 4.72 -25.86
N VAL A 247 46.51 4.70 -24.88
CA VAL A 247 47.77 3.99 -25.01
C VAL A 247 48.31 3.58 -23.64
N VAL A 248 48.78 2.33 -23.55
CA VAL A 248 49.38 1.81 -22.31
C VAL A 248 50.77 2.40 -22.10
N VAL A 249 51.02 2.88 -20.88
CA VAL A 249 52.16 3.74 -20.58
C VAL A 249 52.74 3.37 -19.20
N PRO A 250 54.07 3.42 -19.02
CA PRO A 250 54.66 3.25 -17.69
C PRO A 250 54.23 4.36 -16.72
N LEU A 251 53.96 3.99 -15.46
CA LEU A 251 53.59 4.97 -14.44
C LEU A 251 54.85 5.74 -14.04
N GLY A 252 54.77 7.06 -14.14
CA GLY A 252 55.91 7.93 -13.87
C GLY A 252 56.43 8.58 -15.13
N LYS A 253 56.42 7.84 -16.24
CA LYS A 253 56.93 8.33 -17.52
C LYS A 253 55.78 8.70 -18.47
N GLU A 254 54.76 9.33 -17.90
CA GLU A 254 53.53 9.64 -18.64
C GLU A 254 53.59 10.96 -19.39
N GLN A 255 54.51 11.85 -19.00
CA GLN A 255 54.68 13.14 -19.65
C GLN A 255 55.58 13.10 -20.89
N ASN A 256 56.09 11.92 -21.22
CA ASN A 256 56.73 11.70 -22.52
C ASN A 256 55.69 11.43 -23.62
N TYR A 257 54.41 11.43 -23.25
CA TYR A 257 53.33 11.10 -24.17
C TYR A 257 52.46 12.32 -24.45
N THR A 258 52.16 12.54 -25.72
CA THR A 258 51.38 13.69 -26.16
C THR A 258 50.28 13.21 -27.11
N CYS A 259 49.06 13.69 -26.90
CA CYS A 259 47.95 13.39 -27.79
C CYS A 259 47.65 14.58 -28.72
N ARG A 260 47.40 14.28 -29.99
CA ARG A 260 47.08 15.30 -30.98
C ARG A 260 45.70 15.06 -31.55
N VAL A 261 44.95 16.14 -31.73
CA VAL A 261 43.60 16.10 -32.24
C VAL A 261 43.56 16.89 -33.53
N TYR A 262 43.13 16.25 -34.61
CA TYR A 262 43.06 16.88 -35.91
C TYR A 262 41.59 16.97 -36.29
N HIS A 263 41.11 18.19 -36.50
CA HIS A 263 39.72 18.40 -36.88
C HIS A 263 39.60 19.66 -37.73
N GLU A 264 38.68 19.61 -38.70
CA GLU A 264 38.56 20.68 -39.68
C GLU A 264 38.06 22.01 -39.11
N GLY A 265 37.61 22.00 -37.85
CA GLY A 265 37.23 23.23 -37.18
C GLY A 265 38.41 23.92 -36.52
N LEU A 266 39.43 23.14 -36.15
CA LEU A 266 40.65 23.68 -35.52
C LEU A 266 41.45 24.59 -36.45
N PRO A 267 42.05 25.66 -35.92
CA PRO A 267 42.99 26.48 -36.69
C PRO A 267 44.32 25.77 -36.88
N GLU A 268 44.70 24.97 -35.89
CA GLU A 268 45.79 24.00 -36.01
C GLU A 268 45.50 22.79 -35.10
N PRO A 269 46.16 21.66 -35.35
CA PRO A 269 46.02 20.50 -34.47
C PRO A 269 46.24 20.86 -32.99
N LEU A 270 45.41 20.32 -32.11
CA LEU A 270 45.60 20.43 -30.66
C LEU A 270 46.69 19.46 -30.21
N THR A 271 47.49 19.91 -29.26
CA THR A 271 48.45 19.06 -28.59
C THR A 271 48.08 19.03 -27.11
N LEU A 272 48.26 17.90 -26.47
CA LEU A 272 47.71 17.70 -25.15
C LEU A 272 48.47 16.62 -24.40
N ARG A 273 48.41 16.67 -23.07
CA ARG A 273 48.92 15.58 -22.25
C ARG A 273 48.24 15.52 -20.87
N TRP A 274 48.51 14.44 -20.14
CA TRP A 274 47.95 14.26 -18.80
C TRP A 274 48.44 15.38 -17.88
N GLU A 275 47.52 15.92 -17.11
CA GLU A 275 47.81 16.97 -16.14
C GLU A 275 47.10 16.68 -14.82
N PRO A 276 47.86 16.31 -13.77
CA PRO A 276 47.31 16.22 -12.40
C PRO A 276 46.69 17.54 -11.91
N ILE B 1 23.78 -11.53 -47.14
CA ILE B 1 24.53 -12.12 -45.99
C ILE B 1 24.69 -11.14 -44.82
N GLN B 2 24.89 -11.72 -43.66
CA GLN B 2 24.68 -11.04 -42.40
C GLN B 2 25.95 -10.28 -42.02
N LYS B 3 25.78 -9.07 -41.52
CA LYS B 3 26.86 -8.31 -40.92
C LYS B 3 26.48 -8.10 -39.45
N THR B 4 27.39 -8.45 -38.55
CA THR B 4 27.07 -8.40 -37.14
C THR B 4 27.18 -6.97 -36.56
N PRO B 5 26.21 -6.56 -35.76
CA PRO B 5 26.23 -5.20 -35.18
C PRO B 5 27.40 -4.96 -34.23
N GLN B 6 28.02 -3.79 -34.38
CA GLN B 6 29.01 -3.29 -33.44
C GLN B 6 28.27 -2.33 -32.53
N ILE B 7 28.57 -2.40 -31.24
CA ILE B 7 27.81 -1.70 -30.21
C ILE B 7 28.70 -0.88 -29.30
N GLN B 8 28.31 0.38 -29.07
CA GLN B 8 28.90 1.24 -28.04
C GLN B 8 27.79 1.78 -27.14
N VAL B 9 28.09 1.84 -25.86
CA VAL B 9 27.19 2.34 -24.83
C VAL B 9 27.98 3.40 -24.08
N TYR B 10 27.40 4.58 -23.96
CA TYR B 10 28.12 5.79 -23.50
C TYR B 10 27.09 6.87 -23.20
N SER B 11 27.46 7.88 -22.42
CA SER B 11 26.57 8.98 -22.11
C SER B 11 26.79 10.19 -23.03
N ARG B 12 25.75 10.99 -23.23
CA ARG B 12 25.85 12.20 -24.03
C ARG B 12 26.81 13.18 -23.37
N HIS B 13 26.64 13.36 -22.05
CA HIS B 13 27.40 14.33 -21.29
C HIS B 13 28.37 13.61 -20.34
N PRO B 14 29.41 14.32 -19.87
CA PRO B 14 30.29 13.75 -18.84
C PRO B 14 29.49 13.24 -17.65
N PRO B 15 29.64 11.98 -17.30
CA PRO B 15 28.84 11.40 -16.23
C PRO B 15 29.23 11.96 -14.86
N GLU B 16 28.23 12.38 -14.11
CA GLU B 16 28.36 12.80 -12.71
C GLU B 16 27.22 12.13 -11.94
N ASN B 17 27.53 11.43 -10.85
CA ASN B 17 26.49 10.75 -10.07
C ASN B 17 25.48 11.75 -9.55
N GLY B 18 24.21 11.42 -9.66
CA GLY B 18 23.13 12.24 -9.16
C GLY B 18 22.64 13.28 -10.16
N LYS B 19 23.29 13.36 -11.33
CA LYS B 19 22.98 14.35 -12.35
C LYS B 19 22.29 13.73 -13.56
N PRO B 20 21.05 14.13 -13.87
CA PRO B 20 20.39 13.71 -15.10
C PRO B 20 21.30 13.84 -16.34
N ASN B 21 21.12 12.92 -17.27
CA ASN B 21 22.01 12.74 -18.41
C ASN B 21 21.24 11.86 -19.41
N ILE B 22 21.88 11.49 -20.52
CA ILE B 22 21.26 10.67 -21.54
C ILE B 22 22.21 9.54 -21.84
N LEU B 23 21.69 8.31 -21.80
CA LEU B 23 22.47 7.15 -22.11
C LEU B 23 22.20 6.78 -23.55
N ASN B 24 23.26 6.62 -24.32
CA ASN B 24 23.20 6.20 -25.72
C ASN B 24 23.61 4.75 -25.93
N CYS B 25 22.97 4.12 -26.91
CA CYS B 25 23.40 2.83 -27.41
C CYS B 25 23.44 2.93 -28.94
N TYR B 26 24.65 2.96 -29.48
CA TYR B 26 24.91 3.19 -30.89
C TYR B 26 25.24 1.87 -31.54
N VAL B 27 24.37 1.42 -32.43
CA VAL B 27 24.46 0.12 -33.07
C VAL B 27 24.71 0.35 -34.55
N THR B 28 25.85 -0.12 -35.05
CA THR B 28 26.30 0.13 -36.41
C THR B 28 26.70 -1.14 -37.16
N GLN B 29 26.86 -0.97 -38.47
CA GLN B 29 27.51 -1.96 -39.32
C GLN B 29 26.75 -3.31 -39.41
N PHE B 30 25.43 -3.27 -39.42
CA PHE B 30 24.65 -4.52 -39.43
C PHE B 30 23.82 -4.72 -40.70
N HIS B 31 23.52 -5.97 -41.01
CA HIS B 31 22.64 -6.36 -42.11
C HIS B 31 22.08 -7.75 -41.82
N PRO B 32 20.79 -8.01 -42.01
CA PRO B 32 19.78 -7.10 -42.54
C PRO B 32 19.29 -6.03 -41.55
N PRO B 33 18.48 -5.09 -42.03
CA PRO B 33 18.10 -3.93 -41.21
C PRO B 33 17.16 -4.25 -40.02
N HIS B 34 16.46 -5.37 -40.01
CA HIS B 34 15.67 -5.80 -38.85
C HIS B 34 16.57 -6.06 -37.65
N ILE B 35 16.22 -5.51 -36.50
CA ILE B 35 17.04 -5.60 -35.28
C ILE B 35 16.21 -5.22 -34.05
N GLU B 36 16.51 -5.88 -32.93
CA GLU B 36 15.91 -5.52 -31.65
C GLU B 36 16.97 -4.95 -30.75
N ILE B 37 16.68 -3.79 -30.16
CA ILE B 37 17.58 -3.14 -29.23
C ILE B 37 16.83 -2.80 -27.94
N GLN B 38 17.35 -3.28 -26.82
CA GLN B 38 16.84 -2.90 -25.50
C GLN B 38 17.96 -2.30 -24.68
N MET B 39 17.65 -1.26 -23.92
CA MET B 39 18.59 -0.73 -22.95
C MET B 39 18.12 -1.21 -21.59
N LEU B 40 19.08 -1.51 -20.72
CA LEU B 40 18.80 -2.20 -19.48
C LEU B 40 19.35 -1.41 -18.31
N LYS B 41 18.59 -1.39 -17.22
CA LYS B 41 19.06 -0.94 -15.94
C LYS B 41 18.97 -2.13 -15.00
N ASN B 42 20.11 -2.53 -14.44
CA ASN B 42 20.18 -3.62 -13.49
C ASN B 42 19.51 -4.89 -14.00
N GLY B 43 19.70 -5.17 -15.28
CA GLY B 43 19.24 -6.41 -15.88
C GLY B 43 17.87 -6.28 -16.53
N LYS B 44 17.15 -5.22 -16.19
CA LYS B 44 15.73 -5.10 -16.53
C LYS B 44 15.53 -4.04 -17.61
N LYS B 45 14.64 -4.35 -18.55
CA LYS B 45 14.31 -3.45 -19.64
C LYS B 45 13.86 -2.07 -19.12
N ILE B 46 14.50 -1.04 -19.64
CA ILE B 46 14.06 0.35 -19.44
C ILE B 46 12.90 0.62 -20.39
N PRO B 47 11.75 1.05 -19.87
CA PRO B 47 10.51 1.14 -20.67
C PRO B 47 10.39 2.17 -21.81
N LYS B 48 10.93 3.38 -21.72
CA LYS B 48 10.63 4.40 -22.76
C LYS B 48 11.87 4.84 -23.57
N VAL B 49 12.42 3.91 -24.33
CA VAL B 49 13.67 4.15 -25.02
C VAL B 49 13.44 4.77 -26.39
N GLU B 50 14.09 5.91 -26.63
CA GLU B 50 13.96 6.61 -27.90
C GLU B 50 14.83 5.92 -28.92
N MET B 51 14.34 5.90 -30.14
CA MET B 51 14.94 5.13 -31.21
C MET B 51 14.92 6.02 -32.43
N SER B 52 16.11 6.32 -32.96
CA SER B 52 16.21 7.07 -34.20
C SER B 52 15.71 6.23 -35.37
N ASP B 53 15.49 6.87 -36.51
CA ASP B 53 15.04 6.15 -37.70
C ASP B 53 16.17 5.38 -38.38
N MET B 54 15.80 4.27 -39.05
CA MET B 54 16.71 3.43 -39.87
C MET B 54 17.51 4.31 -40.82
N SER B 55 18.83 4.20 -40.75
CA SER B 55 19.72 4.83 -41.73
C SER B 55 20.80 3.83 -42.20
N PHE B 56 21.46 4.14 -43.32
CA PHE B 56 22.59 3.32 -43.75
C PHE B 56 23.81 4.14 -44.23
N SER B 57 24.99 3.52 -44.09
CA SER B 57 26.28 4.15 -44.38
C SER B 57 26.67 3.88 -45.80
N LYS B 58 27.71 4.57 -46.27
CA LYS B 58 28.09 4.41 -47.67
C LYS B 58 28.65 3.01 -47.98
N ASP B 59 28.97 2.20 -46.98
CA ASP B 59 29.27 0.77 -47.24
C ASP B 59 27.99 -0.12 -47.29
N TRP B 60 26.81 0.51 -47.24
CA TRP B 60 25.49 -0.13 -47.30
C TRP B 60 24.95 -0.66 -45.97
N SER B 61 25.82 -0.75 -44.96
CA SER B 61 25.43 -1.30 -43.67
C SER B 61 24.54 -0.32 -42.90
N PHE B 62 23.68 -0.87 -42.03
CA PHE B 62 22.73 -0.06 -41.29
C PHE B 62 23.26 0.37 -39.93
N TYR B 63 22.67 1.44 -39.40
CA TYR B 63 23.03 1.92 -38.08
C TYR B 63 21.84 2.62 -37.40
N ILE B 64 21.85 2.62 -36.07
CA ILE B 64 20.79 3.20 -35.27
C ILE B 64 21.34 3.72 -33.95
N LEU B 65 20.75 4.80 -33.47
CA LEU B 65 21.03 5.32 -32.15
C LEU B 65 19.81 5.15 -31.25
N ALA B 66 19.94 4.33 -30.21
CA ALA B 66 18.94 4.24 -29.15
C ALA B 66 19.43 5.10 -27.99
N HIS B 67 18.52 5.74 -27.28
CA HIS B 67 18.88 6.54 -26.12
C HIS B 67 17.75 6.66 -25.11
N THR B 68 18.11 7.04 -23.89
CA THR B 68 17.15 7.22 -22.83
C THR B 68 17.71 8.15 -21.77
N GLU B 69 16.79 8.79 -21.07
CA GLU B 69 17.15 9.60 -19.92
C GLU B 69 17.59 8.64 -18.83
N PHE B 70 18.59 9.07 -18.08
CA PHE B 70 19.05 8.33 -16.92
C PHE B 70 19.83 9.25 -16.00
N THR B 71 19.90 8.86 -14.75
CA THR B 71 20.69 9.56 -13.77
C THR B 71 21.67 8.55 -13.22
N PRO B 72 22.94 8.66 -13.61
CA PRO B 72 23.93 7.68 -13.17
C PRO B 72 24.15 7.74 -11.65
N THR B 73 24.46 6.59 -11.09
CA THR B 73 24.83 6.47 -9.69
C THR B 73 26.04 5.58 -9.53
N GLU B 74 26.53 5.53 -8.31
CA GLU B 74 27.63 4.68 -7.92
C GLU B 74 27.33 3.20 -8.14
N THR B 75 26.09 2.83 -7.94
CA THR B 75 25.71 1.44 -7.69
C THR B 75 24.93 0.77 -8.85
N ASP B 76 24.17 1.54 -9.59
CA ASP B 76 23.40 0.97 -10.68
C ASP B 76 24.30 0.73 -11.87
N THR B 77 23.96 -0.30 -12.63
CA THR B 77 24.68 -0.65 -13.82
C THR B 77 23.73 -0.55 -15.00
N TYR B 78 24.23 -0.04 -16.12
CA TYR B 78 23.44 0.09 -17.34
C TYR B 78 24.08 -0.68 -18.47
N ALA B 79 23.27 -1.04 -19.46
CA ALA B 79 23.69 -1.92 -20.55
C ALA B 79 22.77 -1.80 -21.74
N CYS B 80 23.20 -2.40 -22.85
CA CYS B 80 22.39 -2.45 -24.05
C CYS B 80 22.47 -3.85 -24.62
N ARG B 81 21.33 -4.39 -25.01
CA ARG B 81 21.26 -5.76 -25.43
C ARG B 81 20.66 -5.77 -26.82
N VAL B 82 21.39 -6.36 -27.77
CA VAL B 82 20.99 -6.34 -29.15
C VAL B 82 20.75 -7.76 -29.62
N LYS B 83 19.60 -7.97 -30.24
CA LYS B 83 19.31 -9.21 -30.93
C LYS B 83 19.25 -8.98 -32.43
N HIS B 84 19.96 -9.82 -33.16
CA HIS B 84 20.07 -9.70 -34.61
C HIS B 84 20.37 -11.07 -35.21
N ASP B 85 19.93 -11.29 -36.45
CA ASP B 85 20.03 -12.61 -37.08
C ASP B 85 21.49 -13.04 -37.30
N SER B 86 22.42 -12.09 -37.32
CA SER B 86 23.85 -12.39 -37.45
C SER B 86 24.42 -13.13 -36.24
N MET B 87 23.70 -13.13 -35.13
CA MET B 87 24.16 -13.74 -33.89
C MET B 87 23.18 -14.81 -33.42
N ALA B 88 23.70 -15.97 -33.05
CA ALA B 88 22.88 -17.02 -32.46
C ALA B 88 22.23 -16.54 -31.15
N GLU B 89 22.98 -15.80 -30.34
CA GLU B 89 22.48 -15.27 -29.08
C GLU B 89 22.57 -13.74 -29.03
N PRO B 90 21.81 -13.11 -28.14
CA PRO B 90 21.90 -11.65 -27.97
C PRO B 90 23.29 -11.21 -27.54
N LYS B 91 23.65 -9.98 -27.86
CA LYS B 91 24.90 -9.39 -27.41
C LYS B 91 24.60 -8.26 -26.41
N THR B 92 25.23 -8.32 -25.25
CA THR B 92 25.09 -7.30 -24.21
C THR B 92 26.41 -6.56 -24.09
N VAL B 93 26.35 -5.23 -24.09
CA VAL B 93 27.50 -4.47 -23.63
C VAL B 93 27.11 -3.51 -22.52
N TYR B 94 28.02 -3.39 -21.55
CA TYR B 94 27.77 -2.68 -20.33
C TYR B 94 28.33 -1.28 -20.46
N TRP B 95 27.55 -0.33 -19.96
CA TRP B 95 28.03 1.04 -19.85
C TRP B 95 29.21 1.09 -18.89
N ASP B 96 30.30 1.66 -19.39
CA ASP B 96 31.48 1.97 -18.62
C ASP B 96 31.68 3.48 -18.71
N ARG B 97 31.61 4.19 -17.59
CA ARG B 97 31.68 5.67 -17.60
C ARG B 97 33.02 6.27 -18.08
N ASP B 98 34.10 5.49 -18.02
CA ASP B 98 35.40 5.89 -18.55
C ASP B 98 35.66 5.52 -20.03
N MET B 99 34.62 5.13 -20.77
CA MET B 99 34.78 4.76 -22.17
C MET B 99 33.59 5.09 -23.08
N LYS C 1 16.17 17.71 -54.51
CA LYS C 1 15.21 17.18 -55.51
C LYS C 1 15.64 15.77 -55.82
N ALA C 2 14.76 14.83 -55.55
CA ALA C 2 15.11 13.41 -55.65
C ALA C 2 15.14 12.98 -57.10
N VAL C 3 15.97 11.97 -57.35
CA VAL C 3 16.03 11.30 -58.63
C VAL C 3 14.74 10.50 -58.85
N TYR C 4 14.33 10.36 -60.10
CA TYR C 4 13.39 9.30 -60.46
C TYR C 4 14.05 8.28 -61.38
N ASN C 5 13.79 7.01 -61.14
CA ASN C 5 14.57 5.96 -61.80
C ASN C 5 14.03 5.67 -63.20
N PHE C 6 14.86 5.09 -64.03
CA PHE C 6 14.53 4.81 -65.44
C PHE C 6 14.02 3.38 -65.52
N ALA C 7 14.62 2.53 -66.36
CA ALA C 7 14.19 1.15 -66.46
C ALA C 7 14.32 0.43 -65.12
N THR C 8 13.39 -0.48 -64.85
CA THR C 8 13.53 -1.36 -63.71
C THR C 8 14.72 -2.31 -63.86
N MET C 9 15.14 -2.91 -62.77
CA MET C 9 16.23 -3.87 -62.78
C MET C 9 15.88 -5.11 -63.59
N GLY D 1 7.42 16.66 29.86
CA GLY D 1 7.54 15.24 30.32
C GLY D 1 6.52 14.37 29.61
N PRO D 2 6.72 13.05 29.64
CA PRO D 2 5.86 12.13 28.89
C PRO D 2 4.48 11.95 29.51
N HIS D 3 3.51 11.54 28.70
CA HIS D 3 2.14 11.31 29.14
C HIS D 3 1.53 10.09 28.47
N SER D 4 0.36 9.68 28.96
CA SER D 4 -0.31 8.49 28.46
C SER D 4 -1.80 8.45 28.77
N MET D 5 -2.53 7.66 27.98
CA MET D 5 -3.94 7.39 28.24
C MET D 5 -4.19 5.91 27.99
N ARG D 6 -5.00 5.30 28.85
CA ARG D 6 -5.41 3.91 28.65
C ARG D 6 -6.85 3.70 29.06
N TYR D 7 -7.52 2.80 28.34
CA TYR D 7 -8.75 2.21 28.80
C TYR D 7 -8.53 0.71 28.99
N PHE D 8 -8.84 0.25 30.19
CA PHE D 8 -8.73 -1.13 30.61
C PHE D 8 -10.15 -1.69 30.75
N GLU D 9 -10.52 -2.63 29.88
CA GLU D 9 -11.87 -3.18 29.82
C GLU D 9 -11.88 -4.67 30.12
N THR D 10 -12.96 -5.11 30.77
CA THR D 10 -13.11 -6.48 31.25
C THR D 10 -14.54 -6.97 31.11
N ALA D 11 -14.71 -8.17 30.57
CA ALA D 11 -15.98 -8.86 30.64
C ALA D 11 -15.77 -10.22 31.28
N VAL D 12 -16.59 -10.55 32.26
CA VAL D 12 -16.50 -11.81 32.99
C VAL D 12 -17.85 -12.55 32.91
N SER D 13 -17.81 -13.78 32.43
CA SER D 13 -18.97 -14.65 32.42
C SER D 13 -18.81 -15.65 33.56
N ARG D 14 -19.92 -15.97 34.23
CA ARG D 14 -19.93 -16.91 35.34
C ARG D 14 -21.02 -17.94 35.12
N PRO D 15 -20.88 -19.13 35.73
CA PRO D 15 -21.79 -20.24 35.45
C PRO D 15 -23.25 -19.91 35.75
N GLY D 16 -24.13 -20.22 34.81
CA GLY D 16 -25.55 -20.30 35.08
C GLY D 16 -26.29 -18.98 35.11
N LEU D 17 -25.65 -17.95 35.66
CA LEU D 17 -26.33 -16.72 36.08
C LEU D 17 -27.05 -16.08 34.87
N GLU D 18 -26.76 -14.82 34.57
CA GLU D 18 -27.30 -14.17 33.39
C GLU D 18 -26.11 -13.72 32.53
N GLU D 19 -26.14 -12.48 32.07
CA GLU D 19 -25.17 -11.93 31.14
C GLU D 19 -23.86 -11.54 31.84
N PRO D 20 -22.77 -11.43 31.08
CA PRO D 20 -21.48 -11.07 31.67
C PRO D 20 -21.48 -9.66 32.26
N ARG D 21 -20.61 -9.45 33.23
CA ARG D 21 -20.40 -8.15 33.82
C ARG D 21 -19.27 -7.47 33.05
N TYR D 22 -19.51 -6.25 32.59
CA TYR D 22 -18.55 -5.48 31.83
C TYR D 22 -18.12 -4.24 32.61
N ILE D 23 -16.81 -4.05 32.75
CA ILE D 23 -16.26 -2.88 33.42
C ILE D 23 -15.16 -2.24 32.58
N SER D 24 -15.23 -0.93 32.40
CA SER D 24 -14.19 -0.16 31.72
C SER D 24 -13.62 0.93 32.63
N VAL D 25 -12.30 1.05 32.62
CA VAL D 25 -11.62 2.08 33.40
C VAL D 25 -10.63 2.83 32.49
N GLY D 26 -10.75 4.15 32.48
CA GLY D 26 -9.82 5.02 31.79
C GLY D 26 -8.79 5.62 32.73
N TYR D 27 -7.57 5.80 32.22
CA TYR D 27 -6.49 6.40 32.98
C TYR D 27 -5.84 7.48 32.14
N VAL D 28 -5.50 8.60 32.79
CA VAL D 28 -4.53 9.55 32.22
C VAL D 28 -3.32 9.54 33.15
N ASP D 29 -2.13 9.58 32.54
CA ASP D 29 -0.88 9.09 33.13
C ASP D 29 -0.98 8.26 34.38
N ASN D 30 -1.54 7.06 34.21
CA ASN D 30 -1.60 6.01 35.22
C ASN D 30 -2.51 6.31 36.40
N LYS D 31 -3.38 7.30 36.24
CA LYS D 31 -4.34 7.72 37.25
C LYS D 31 -5.76 7.60 36.69
N GLU D 32 -6.60 6.89 37.41
CA GLU D 32 -7.97 6.63 36.96
C GLU D 32 -8.79 7.92 36.90
N PHE D 33 -9.41 8.20 35.74
CA PHE D 33 -10.23 9.42 35.56
C PHE D 33 -11.69 9.19 35.11
N VAL D 34 -12.01 8.01 34.56
CA VAL D 34 -13.40 7.62 34.29
C VAL D 34 -13.64 6.11 34.51
N ARG D 35 -14.91 5.76 34.65
CA ARG D 35 -15.28 4.38 34.97
C ARG D 35 -16.74 4.04 34.66
N PHE D 36 -16.93 2.91 33.99
CA PHE D 36 -18.22 2.32 33.67
C PHE D 36 -18.30 0.92 34.28
N ASP D 37 -19.50 0.56 34.76
CA ASP D 37 -19.75 -0.71 35.40
C ASP D 37 -21.18 -1.16 35.15
N SER D 38 -21.35 -2.19 34.32
CA SER D 38 -22.65 -2.76 33.99
C SER D 38 -23.47 -3.24 35.20
N ASP D 39 -22.81 -3.50 36.33
CA ASP D 39 -23.51 -3.91 37.55
C ASP D 39 -24.17 -2.76 38.33
N ALA D 40 -23.85 -1.51 38.03
CA ALA D 40 -24.51 -0.37 38.68
C ALA D 40 -25.99 -0.26 38.30
N GLU D 41 -26.79 0.33 39.19
CA GLU D 41 -28.22 0.54 38.94
C GLU D 41 -28.45 1.34 37.66
N ASN D 42 -27.69 2.43 37.53
CA ASN D 42 -27.71 3.24 36.32
C ASN D 42 -26.35 3.18 35.58
N PRO D 43 -26.11 2.11 34.81
CA PRO D 43 -24.83 1.94 34.13
C PRO D 43 -24.45 3.16 33.30
N ARG D 44 -23.40 3.84 33.72
CA ARG D 44 -22.92 5.05 33.07
C ARG D 44 -21.41 5.18 33.27
N TYR D 45 -20.74 5.85 32.35
CA TYR D 45 -19.39 6.35 32.61
C TYR D 45 -19.55 7.46 33.65
N GLU D 46 -18.70 7.45 34.66
CA GLU D 46 -18.75 8.45 35.73
C GLU D 46 -17.36 9.05 35.91
N PRO D 47 -17.29 10.35 36.24
CA PRO D 47 -16.00 10.98 36.57
C PRO D 47 -15.36 10.33 37.79
N ARG D 48 -14.03 10.28 37.82
CA ARG D 48 -13.30 9.68 38.95
C ARG D 48 -12.16 10.56 39.48
N ALA D 49 -12.04 11.76 38.92
CA ALA D 49 -11.13 12.81 39.40
C ALA D 49 -11.85 14.15 39.22
N PRO D 50 -11.67 15.09 40.15
CA PRO D 50 -12.45 16.35 40.12
C PRO D 50 -12.37 17.13 38.82
N TRP D 51 -11.24 17.08 38.12
CA TRP D 51 -11.06 17.85 36.88
C TRP D 51 -11.96 17.38 35.73
N MET D 52 -12.42 16.13 35.76
CA MET D 52 -13.31 15.62 34.70
C MET D 52 -14.75 16.10 34.83
N GLU D 53 -15.13 16.62 35.99
CA GLU D 53 -16.45 17.23 36.18
C GLU D 53 -16.70 18.46 35.29
N GLN D 54 -15.63 19.04 34.76
CA GLN D 54 -15.73 20.04 33.69
C GLN D 54 -16.63 19.60 32.54
N GLU D 55 -16.43 18.36 32.07
CA GLU D 55 -17.12 17.86 30.88
C GLU D 55 -18.63 17.92 31.03
N GLY D 56 -19.31 18.36 29.97
CA GLY D 56 -20.76 18.48 29.98
C GLY D 56 -21.47 17.16 29.77
N PRO D 57 -22.80 17.17 29.93
CA PRO D 57 -23.60 15.95 29.79
C PRO D 57 -23.53 15.27 28.43
N GLU D 58 -23.28 15.98 27.32
CA GLU D 58 -23.14 15.33 26.01
C GLU D 58 -21.94 14.39 25.96
N TYR D 59 -20.87 14.77 26.66
CA TYR D 59 -19.67 13.96 26.73
C TYR D 59 -20.01 12.65 27.39
N TRP D 60 -20.69 12.71 28.53
CA TRP D 60 -21.00 11.52 29.32
C TRP D 60 -21.99 10.56 28.62
N GLU D 61 -22.98 11.11 27.94
CA GLU D 61 -23.96 10.32 27.19
C GLU D 61 -23.31 9.53 26.05
N ARG D 62 -22.43 10.17 25.31
CA ARG D 62 -21.74 9.55 24.18
C ARG D 62 -20.80 8.43 24.62
N GLU D 63 -19.96 8.72 25.60
CA GLU D 63 -19.06 7.71 26.16
C GLU D 63 -19.81 6.53 26.74
N THR D 64 -20.91 6.80 27.45
CA THR D 64 -21.76 5.75 28.00
C THR D 64 -22.35 4.87 26.90
N GLN D 65 -22.80 5.48 25.81
CA GLN D 65 -23.37 4.76 24.68
C GLN D 65 -22.32 3.88 24.01
N LYS D 66 -21.07 4.36 23.99
CA LYS D 66 -19.92 3.59 23.52
C LYS D 66 -19.69 2.41 24.43
N ALA D 67 -19.79 2.65 25.74
CA ALA D 67 -19.64 1.57 26.73
C ALA D 67 -20.66 0.46 26.50
N LYS D 68 -21.91 0.83 26.23
CA LYS D 68 -22.95 -0.16 26.00
C LYS D 68 -22.73 -0.94 24.70
N GLY D 69 -22.08 -0.31 23.71
CA GLY D 69 -21.70 -1.00 22.50
C GLY D 69 -20.62 -2.03 22.82
N GLN D 70 -19.63 -1.62 23.60
CA GLN D 70 -18.51 -2.47 23.98
C GLN D 70 -19.01 -3.70 24.74
N GLU D 71 -19.90 -3.48 25.70
CA GLU D 71 -20.51 -4.56 26.47
C GLU D 71 -21.02 -5.66 25.55
N GLN D 72 -21.72 -5.27 24.48
CA GLN D 72 -22.30 -6.26 23.57
C GLN D 72 -21.23 -6.94 22.72
N TRP D 73 -20.21 -6.19 22.32
CA TRP D 73 -19.07 -6.71 21.56
C TRP D 73 -18.35 -7.80 22.36
N PHE D 74 -18.20 -7.54 23.65
CA PHE D 74 -17.48 -8.42 24.55
C PHE D 74 -18.29 -9.69 24.76
N ARG D 75 -19.60 -9.54 24.80
CA ARG D 75 -20.49 -10.65 25.06
C ARG D 75 -20.45 -11.63 23.87
N VAL D 76 -20.52 -11.09 22.68
CA VAL D 76 -20.45 -11.89 21.45
C VAL D 76 -19.08 -12.57 21.31
N SER D 77 -18.02 -11.83 21.64
CA SER D 77 -16.66 -12.34 21.54
C SER D 77 -16.44 -13.48 22.53
N LEU D 78 -17.00 -13.31 23.73
CA LEU D 78 -16.95 -14.35 24.76
C LEU D 78 -17.58 -15.66 24.24
N ARG D 79 -18.70 -15.53 23.55
CA ARG D 79 -19.39 -16.67 22.92
C ARG D 79 -18.51 -17.33 21.85
N ASN D 80 -17.90 -16.52 21.01
CA ASN D 80 -17.09 -17.05 19.91
C ASN D 80 -15.86 -17.81 20.44
N LEU D 81 -15.28 -17.33 21.53
CA LEU D 81 -14.04 -17.86 22.10
C LEU D 81 -14.27 -19.23 22.74
N LEU D 82 -15.46 -19.38 23.31
CA LEU D 82 -15.93 -20.63 23.88
C LEU D 82 -15.93 -21.73 22.82
N GLY D 83 -16.42 -21.41 21.64
CA GLY D 83 -16.31 -22.29 20.49
C GLY D 83 -14.89 -22.46 19.94
N TYR D 84 -14.08 -21.39 19.91
CA TYR D 84 -12.71 -21.51 19.40
C TYR D 84 -11.87 -22.45 20.24
N TYR D 85 -12.08 -22.43 21.56
CA TYR D 85 -11.31 -23.24 22.50
C TYR D 85 -12.00 -24.54 22.94
N ASN D 86 -13.13 -24.85 22.29
CA ASN D 86 -13.88 -26.08 22.60
C ASN D 86 -14.11 -26.23 24.09
N GLN D 87 -14.55 -25.12 24.69
CA GLN D 87 -14.89 -25.06 26.10
C GLN D 87 -16.39 -25.32 26.19
N SER D 88 -16.81 -26.13 27.14
CA SER D 88 -18.24 -26.36 27.30
C SER D 88 -18.83 -25.26 28.18
N ALA D 89 -20.14 -25.30 28.37
CA ALA D 89 -20.84 -24.42 29.30
C ALA D 89 -20.48 -24.83 30.72
N GLY D 90 -20.61 -23.90 31.65
CA GLY D 90 -20.42 -24.19 33.07
C GLY D 90 -19.10 -23.79 33.69
N GLY D 91 -18.34 -22.93 33.02
CA GLY D 91 -17.14 -22.35 33.60
C GLY D 91 -17.27 -20.85 33.71
N SER D 92 -16.24 -20.19 34.26
CA SER D 92 -16.12 -18.74 34.20
C SER D 92 -15.01 -18.38 33.24
N HIS D 93 -15.21 -17.28 32.54
CA HIS D 93 -14.30 -16.85 31.50
C HIS D 93 -14.11 -15.35 31.57
N THR D 94 -12.93 -14.90 31.16
CA THR D 94 -12.59 -13.50 31.23
C THR D 94 -12.02 -13.04 29.89
N LEU D 95 -12.49 -11.90 29.41
CA LEU D 95 -11.94 -11.22 28.24
C LEU D 95 -11.51 -9.83 28.66
N GLN D 96 -10.28 -9.46 28.36
CA GLN D 96 -9.77 -8.16 28.77
C GLN D 96 -9.12 -7.46 27.58
N GLN D 97 -9.14 -6.14 27.66
CA GLN D 97 -8.59 -5.28 26.63
C GLN D 97 -7.84 -4.10 27.30
N MET D 98 -6.67 -3.78 26.75
CA MET D 98 -5.98 -2.50 27.00
C MET D 98 -5.82 -1.76 25.68
N SER D 99 -6.16 -0.48 25.67
CA SER D 99 -5.95 0.35 24.50
C SER D 99 -5.52 1.74 24.91
N GLY D 100 -4.84 2.44 24.03
CA GLY D 100 -4.45 3.80 24.32
C GLY D 100 -3.17 4.24 23.66
N CYS D 101 -2.65 5.37 24.17
CA CYS D 101 -1.51 6.03 23.56
C CYS D 101 -0.48 6.56 24.56
N ASP D 102 0.79 6.50 24.14
CA ASP D 102 1.90 7.16 24.82
C ASP D 102 2.28 8.38 24.00
N LEU D 103 2.45 9.52 24.68
CA LEU D 103 2.98 10.73 24.07
C LEU D 103 4.36 11.02 24.63
N GLY D 104 5.26 11.53 23.79
CA GLY D 104 6.52 12.06 24.28
C GLY D 104 6.33 13.33 25.07
N SER D 105 7.43 13.98 25.43
CA SER D 105 7.38 15.26 26.13
C SER D 105 6.99 16.41 25.19
N ASP D 106 7.00 16.14 23.89
CA ASP D 106 6.53 17.12 22.88
C ASP D 106 5.04 16.97 22.55
N TRP D 107 4.35 16.12 23.32
CA TRP D 107 2.91 15.85 23.16
C TRP D 107 2.56 15.15 21.86
N ARG D 108 3.57 14.59 21.20
CA ARG D 108 3.42 13.84 19.97
C ARG D 108 3.32 12.35 20.25
N LEU D 109 2.53 11.63 19.44
CA LEU D 109 2.37 10.19 19.56
C LEU D 109 3.72 9.46 19.44
N LEU D 110 4.06 8.71 20.49
CA LEU D 110 5.19 7.79 20.50
C LEU D 110 4.76 6.39 20.06
N ARG D 111 3.60 5.95 20.56
CA ARG D 111 3.17 4.57 20.43
C ARG D 111 1.68 4.38 20.72
N GLY D 112 1.01 3.65 19.83
CA GLY D 112 -0.35 3.20 20.09
C GLY D 112 -0.33 1.80 20.69
N TYR D 113 -1.38 1.47 21.44
CA TYR D 113 -1.55 0.17 22.06
C TYR D 113 -2.96 -0.35 21.86
N LEU D 114 -3.05 -1.62 21.50
CA LEU D 114 -4.30 -2.36 21.42
C LEU D 114 -3.99 -3.83 21.69
N GLN D 115 -4.38 -4.33 22.85
CA GLN D 115 -4.09 -5.71 23.25
C GLN D 115 -5.31 -6.37 23.86
N PHE D 116 -5.47 -7.67 23.63
CA PHE D 116 -6.53 -8.47 24.25
C PHE D 116 -5.97 -9.71 24.97
N ALA D 117 -6.63 -10.09 26.07
CA ALA D 117 -6.37 -11.33 26.77
C ALA D 117 -7.64 -12.13 26.97
N TYR D 118 -7.52 -13.45 26.88
CA TYR D 118 -8.59 -14.36 27.22
C TYR D 118 -8.08 -15.26 28.34
N GLU D 119 -8.89 -15.45 29.36
CA GLU D 119 -8.52 -16.17 30.58
C GLU D 119 -7.22 -15.64 31.20
N GLY D 120 -6.97 -14.34 31.08
CA GLY D 120 -5.79 -13.71 31.66
C GLY D 120 -4.50 -13.91 30.88
N ARG D 121 -4.60 -14.35 29.62
CA ARG D 121 -3.42 -14.62 28.80
C ARG D 121 -3.52 -13.99 27.44
N ASP D 122 -2.39 -13.57 26.91
CA ASP D 122 -2.31 -12.93 25.60
C ASP D 122 -3.17 -13.68 24.58
N TYR D 123 -4.07 -12.96 23.93
CA TYR D 123 -4.89 -13.52 22.86
C TYR D 123 -4.47 -12.95 21.49
N ILE D 124 -4.66 -11.65 21.33
CA ILE D 124 -4.25 -10.95 20.11
C ILE D 124 -3.90 -9.50 20.42
N ALA D 125 -2.88 -8.98 19.74
CA ALA D 125 -2.45 -7.58 19.90
C ALA D 125 -2.16 -6.95 18.56
N LEU D 126 -2.44 -5.65 18.44
CA LEU D 126 -1.98 -4.83 17.32
C LEU D 126 -0.50 -4.52 17.50
N ASN D 127 0.31 -4.79 16.48
CA ASN D 127 1.74 -4.52 16.56
C ASN D 127 2.00 -3.02 16.57
N GLU D 128 3.24 -2.62 16.85
CA GLU D 128 3.57 -1.21 17.02
C GLU D 128 3.39 -0.41 15.73
N ASP D 129 3.43 -1.09 14.59
CA ASP D 129 3.18 -0.48 13.29
C ASP D 129 1.71 -0.14 13.06
N LEU D 130 0.84 -0.54 13.97
CA LEU D 130 -0.59 -0.23 13.90
C LEU D 130 -1.22 -0.75 12.60
N LYS D 131 -0.63 -1.80 12.07
CA LYS D 131 -0.99 -2.38 10.77
C LYS D 131 -1.14 -3.91 10.80
N THR D 132 -0.28 -4.59 11.56
CA THR D 132 -0.27 -6.04 11.63
C THR D 132 -0.59 -6.54 13.03
N TRP D 133 -0.90 -7.82 13.13
CA TRP D 133 -1.42 -8.44 14.35
C TRP D 133 -0.50 -9.54 14.80
N THR D 134 -0.35 -9.66 16.11
CA THR D 134 0.26 -10.82 16.73
C THR D 134 -0.79 -11.64 17.50
N ALA D 135 -0.76 -12.95 17.30
CA ALA D 135 -1.64 -13.89 17.98
C ALA D 135 -0.92 -15.22 18.11
N ALA D 136 -0.57 -15.61 19.32
CA ALA D 136 0.14 -16.87 19.54
C ALA D 136 -0.74 -18.13 19.32
N ASP D 137 -1.92 -18.18 19.94
CA ASP D 137 -2.69 -19.43 20.03
C ASP D 137 -3.19 -19.90 18.67
N MET D 138 -3.16 -21.22 18.45
CA MET D 138 -3.76 -21.76 17.23
C MET D 138 -5.22 -21.31 17.13
N ALA D 139 -5.93 -21.35 18.25
CA ALA D 139 -7.31 -20.90 18.33
C ALA D 139 -7.47 -19.42 17.94
N ALA D 140 -6.48 -18.59 18.27
CA ALA D 140 -6.54 -17.16 18.00
C ALA D 140 -6.32 -16.79 16.53
N GLN D 141 -5.79 -17.72 15.74
CA GLN D 141 -5.57 -17.48 14.31
C GLN D 141 -6.88 -17.22 13.55
N ILE D 142 -7.98 -17.74 14.06
CA ILE D 142 -9.28 -17.51 13.47
C ILE D 142 -9.62 -16.00 13.54
N THR D 143 -9.40 -15.40 14.70
CA THR D 143 -9.61 -13.97 14.88
C THR D 143 -8.62 -13.14 14.08
N ARG D 144 -7.36 -13.56 14.06
CA ARG D 144 -6.33 -12.87 13.30
C ARG D 144 -6.77 -12.75 11.83
N ARG D 145 -7.13 -13.87 11.19
CA ARG D 145 -7.52 -13.84 9.79
C ARG D 145 -8.74 -12.98 9.56
N LYS D 146 -9.72 -13.09 10.43
CA LYS D 146 -10.94 -12.31 10.32
C LYS D 146 -10.64 -10.81 10.36
N TRP D 147 -9.75 -10.41 11.26
CA TRP D 147 -9.43 -8.99 11.43
C TRP D 147 -8.52 -8.48 10.30
N GLU D 148 -7.65 -9.34 9.78
CA GLU D 148 -6.81 -8.98 8.65
C GLU D 148 -7.70 -8.70 7.42
N GLN D 149 -8.72 -9.53 7.24
CA GLN D 149 -9.54 -9.46 6.04
C GLN D 149 -10.61 -8.34 6.07
N SER D 150 -10.97 -7.86 7.25
CA SER D 150 -11.95 -6.77 7.39
C SER D 150 -11.30 -5.39 7.52
N GLY D 151 -9.97 -5.34 7.52
CA GLY D 151 -9.26 -4.08 7.73
C GLY D 151 -9.47 -3.48 9.12
N ALA D 152 -9.50 -4.33 10.13
CA ALA D 152 -9.71 -3.87 11.49
C ALA D 152 -8.59 -2.94 11.97
N ALA D 153 -7.36 -3.16 11.51
CA ALA D 153 -6.22 -2.40 12.05
C ALA D 153 -6.35 -0.93 11.70
N GLU D 154 -6.86 -0.66 10.51
CA GLU D 154 -6.98 0.70 10.01
C GLU D 154 -7.95 1.50 10.89
N HIS D 155 -9.02 0.86 11.32
CA HIS D 155 -9.97 1.47 12.26
C HIS D 155 -9.31 1.76 13.61
N TYR D 156 -8.59 0.80 14.19
CA TYR D 156 -7.96 1.06 15.49
C TYR D 156 -6.84 2.12 15.40
N LYS D 157 -6.06 2.08 14.32
CA LYS D 157 -5.02 3.07 14.05
C LYS D 157 -5.58 4.51 14.02
N ALA D 158 -6.73 4.68 13.38
CA ALA D 158 -7.32 6.00 13.27
C ALA D 158 -7.71 6.52 14.66
N TYR D 159 -8.19 5.65 15.54
CA TYR D 159 -8.44 6.05 16.93
C TYR D 159 -7.13 6.39 17.65
N LEU D 160 -6.14 5.52 17.54
CA LEU D 160 -4.89 5.71 18.31
C LEU D 160 -4.10 6.97 17.92
N GLU D 161 -4.17 7.34 16.65
CA GLU D 161 -3.43 8.49 16.09
C GLU D 161 -4.21 9.79 16.14
N GLY D 162 -5.54 9.69 16.18
CA GLY D 162 -6.42 10.84 16.11
C GLY D 162 -7.05 11.11 17.45
N GLU D 163 -8.24 10.56 17.67
CA GLU D 163 -9.05 10.79 18.86
C GLU D 163 -8.29 10.56 20.18
N CYS D 164 -7.50 9.50 20.29
CA CYS D 164 -6.80 9.19 21.53
C CYS D 164 -5.83 10.31 21.91
N VAL D 165 -5.11 10.80 20.91
CA VAL D 165 -4.12 11.85 21.09
C VAL D 165 -4.80 13.16 21.43
N GLU D 166 -5.74 13.55 20.58
CA GLU D 166 -6.40 14.85 20.69
C GLU D 166 -7.14 14.97 22.00
N TRP D 167 -7.83 13.90 22.41
CA TRP D 167 -8.58 13.97 23.66
C TRP D 167 -7.65 13.87 24.87
N LEU D 168 -6.53 13.15 24.76
CA LEU D 168 -5.51 13.20 25.82
C LEU D 168 -4.95 14.63 25.95
N HIS D 169 -4.76 15.32 24.84
CA HIS D 169 -4.27 16.72 24.90
C HIS D 169 -5.26 17.58 25.69
N ARG D 170 -6.55 17.40 25.39
CA ARG D 170 -7.63 18.10 26.06
C ARG D 170 -7.65 17.81 27.56
N TYR D 171 -7.42 16.56 27.93
CA TYR D 171 -7.45 16.17 29.34
C TYR D 171 -6.27 16.77 30.10
N LEU D 172 -5.11 16.79 29.44
CA LEU D 172 -3.89 17.31 30.04
C LEU D 172 -4.00 18.80 30.35
N LYS D 173 -4.69 19.54 29.49
CA LYS D 173 -4.94 20.97 29.73
C LYS D 173 -5.96 21.15 30.86
N ASN D 174 -6.99 20.30 30.87
CA ASN D 174 -8.13 20.43 31.80
C ASN D 174 -7.79 20.11 33.25
N GLY D 175 -6.86 19.17 33.45
CA GLY D 175 -6.45 18.78 34.78
C GLY D 175 -4.96 19.01 34.99
N ASN D 176 -4.51 20.22 34.70
CA ASN D 176 -3.08 20.54 34.75
C ASN D 176 -2.56 20.77 36.18
N ALA D 177 -3.42 21.27 37.06
CA ALA D 177 -3.09 21.39 38.48
C ALA D 177 -3.51 20.14 39.26
N THR D 178 -3.26 18.96 38.69
CA THR D 178 -3.58 17.67 39.34
C THR D 178 -2.65 16.51 38.94
N LEU D 179 -2.21 16.48 37.68
CA LEU D 179 -1.31 15.42 37.17
C LEU D 179 -0.02 16.00 36.56
N LEU D 180 0.33 17.22 36.94
CA LEU D 180 1.61 17.82 36.58
C LEU D 180 2.66 17.49 37.64
N ARG D 181 2.23 17.33 38.89
CA ARG D 181 3.15 17.15 40.00
C ARG D 181 3.49 15.69 40.33
N THR D 182 4.70 15.51 40.85
CA THR D 182 5.14 14.27 41.46
C THR D 182 5.41 14.58 42.93
N ASP D 183 5.23 13.58 43.80
CA ASP D 183 5.67 13.69 45.19
C ASP D 183 6.96 12.90 45.35
N SER D 184 7.95 13.52 45.98
CA SER D 184 9.26 12.89 46.13
C SER D 184 9.32 12.00 47.35
N PRO D 185 10.10 10.92 47.28
CA PRO D 185 10.22 10.01 48.43
C PRO D 185 10.88 10.70 49.60
N LYS D 186 10.21 10.67 50.75
CA LYS D 186 10.85 10.98 52.02
C LYS D 186 11.29 9.63 52.54
N ALA D 187 12.59 9.44 52.67
CA ALA D 187 13.14 8.15 53.11
C ALA D 187 13.83 8.28 54.45
N HIS D 188 13.84 7.18 55.20
CA HIS D 188 14.62 7.04 56.42
C HIS D 188 15.05 5.59 56.60
N VAL D 189 15.97 5.34 57.51
CA VAL D 189 16.42 3.97 57.80
C VAL D 189 16.09 3.64 59.27
N THR D 190 15.50 2.46 59.47
CA THR D 190 15.12 1.98 60.80
C THR D 190 16.05 0.86 61.24
N HIS D 191 16.21 0.71 62.54
CA HIS D 191 17.14 -0.25 63.13
C HIS D 191 16.37 -1.34 63.86
N HIS D 192 16.72 -2.59 63.58
CA HIS D 192 15.95 -3.76 64.01
C HIS D 192 16.87 -4.92 64.36
N PRO D 193 16.78 -5.48 65.57
CA PRO D 193 17.58 -6.66 65.93
C PRO D 193 17.24 -7.88 65.06
N ARG D 194 18.15 -8.86 65.01
CA ARG D 194 17.98 -10.02 64.14
C ARG D 194 18.45 -11.29 64.86
N SER D 195 19.78 -11.46 64.91
CA SER D 195 20.41 -12.60 65.56
C SER D 195 21.60 -12.08 66.38
N LYS D 196 22.38 -12.97 66.99
CA LYS D 196 23.58 -12.58 67.71
C LYS D 196 24.52 -11.82 66.78
N GLY D 197 24.87 -10.59 67.14
CA GLY D 197 25.80 -9.77 66.40
C GLY D 197 25.36 -9.41 64.98
N GLU D 198 24.06 -9.16 64.80
CA GLU D 198 23.48 -8.86 63.49
C GLU D 198 22.17 -8.08 63.61
N VAL D 199 22.01 -7.05 62.77
CA VAL D 199 20.79 -6.23 62.74
C VAL D 199 20.30 -5.95 61.33
N THR D 200 18.98 -5.96 61.15
CA THR D 200 18.35 -5.54 59.90
C THR D 200 18.25 -4.02 59.84
N LEU D 201 18.65 -3.47 58.69
CA LEU D 201 18.46 -2.07 58.38
C LEU D 201 17.41 -1.97 57.28
N ARG D 202 16.30 -1.31 57.57
CA ARG D 202 15.19 -1.24 56.64
C ARG D 202 15.09 0.17 56.08
N CYS D 203 15.46 0.30 54.82
CA CYS D 203 15.33 1.57 54.12
C CYS D 203 13.89 1.76 53.62
N TRP D 204 13.22 2.77 54.16
CA TRP D 204 11.85 3.11 53.78
C TRP D 204 11.82 4.25 52.79
N ALA D 205 10.88 4.17 51.85
CA ALA D 205 10.55 5.29 50.98
C ALA D 205 9.05 5.47 51.12
N LEU D 206 8.62 6.68 51.44
CA LEU D 206 7.22 6.95 51.74
C LEU D 206 6.78 8.21 51.03
N GLY D 207 5.47 8.29 50.77
CA GLY D 207 4.85 9.51 50.28
C GLY D 207 5.21 9.91 48.87
N PHE D 208 5.48 8.92 48.01
CA PHE D 208 5.93 9.22 46.65
C PHE D 208 4.87 8.92 45.61
N TYR D 209 4.92 9.68 44.53
CA TYR D 209 4.08 9.50 43.36
C TYR D 209 4.88 10.03 42.17
N PRO D 210 4.95 9.33 41.04
CA PRO D 210 4.27 8.06 40.79
C PRO D 210 4.96 6.85 41.45
N ALA D 211 4.39 5.67 41.23
CA ALA D 211 4.75 4.45 41.96
C ALA D 211 6.13 3.86 41.61
N ASP D 212 6.67 4.23 40.46
CA ASP D 212 7.96 3.72 40.01
C ASP D 212 9.11 4.26 40.84
N ILE D 213 9.92 3.36 41.37
CA ILE D 213 11.00 3.72 42.27
C ILE D 213 12.04 2.58 42.35
N THR D 214 13.23 2.89 42.83
CA THR D 214 14.25 1.86 43.04
C THR D 214 15.01 2.08 44.35
N LEU D 215 15.18 1.00 45.10
CA LEU D 215 15.95 1.02 46.34
C LEU D 215 17.13 0.06 46.18
N THR D 216 18.33 0.54 46.51
CA THR D 216 19.55 -0.27 46.47
C THR D 216 20.32 -0.13 47.78
N TRP D 217 20.99 -1.21 48.18
CA TRP D 217 21.88 -1.17 49.35
C TRP D 217 23.33 -1.36 48.88
N GLN D 218 24.25 -0.63 49.49
CA GLN D 218 25.66 -0.61 49.05
C GLN D 218 26.62 -0.81 50.21
N LEU D 219 27.71 -1.52 49.94
CA LEU D 219 28.80 -1.72 50.91
C LEU D 219 29.99 -0.89 50.43
N ASN D 220 29.92 0.41 50.69
CA ASN D 220 30.83 1.42 50.14
C ASN D 220 31.46 1.07 48.79
N GLY D 221 30.60 0.92 47.78
CA GLY D 221 31.05 0.62 46.43
C GLY D 221 30.02 -0.09 45.57
N GLU D 222 29.91 -1.41 45.73
CA GLU D 222 29.04 -2.23 44.89
C GLU D 222 27.63 -2.35 45.46
N GLU D 223 26.72 -2.76 44.59
CA GLU D 223 25.32 -2.99 44.96
C GLU D 223 25.23 -4.34 45.68
N LEU D 224 24.01 -4.73 46.05
CA LEU D 224 23.80 -6.00 46.75
C LEU D 224 22.57 -6.73 46.22
N THR D 225 22.81 -7.74 45.37
CA THR D 225 21.78 -8.72 45.00
C THR D 225 21.84 -9.91 45.95
N GLN D 226 22.86 -9.94 46.81
CA GLN D 226 23.04 -10.97 47.82
C GLN D 226 21.88 -10.95 48.82
N ASP D 227 20.81 -11.66 48.46
CA ASP D 227 19.61 -11.78 49.29
C ASP D 227 19.19 -10.44 49.92
N MET D 228 19.04 -9.42 49.08
CA MET D 228 18.47 -8.14 49.52
C MET D 228 16.98 -8.35 49.71
N GLU D 229 16.49 -8.06 50.92
CA GLU D 229 15.06 -8.14 51.21
C GLU D 229 14.32 -6.92 50.65
N LEU D 230 13.17 -7.15 50.04
CA LEU D 230 12.30 -6.04 49.62
C LEU D 230 10.83 -6.43 49.57
N VAL D 231 9.98 -5.43 49.34
CA VAL D 231 8.55 -5.68 49.13
C VAL D 231 8.11 -5.03 47.83
N GLU D 232 7.03 -5.53 47.28
CA GLU D 232 6.42 -4.93 46.12
C GLU D 232 5.88 -3.54 46.51
N THR D 233 6.01 -2.59 45.61
CA THR D 233 5.52 -1.23 45.83
C THR D 233 4.01 -1.26 46.06
N ARG D 234 3.55 -0.46 47.02
CA ARG D 234 2.20 -0.58 47.57
C ARG D 234 1.55 0.79 47.76
N PRO D 235 0.25 0.91 47.55
CA PRO D 235 -0.46 2.18 47.81
C PRO D 235 -0.72 2.42 49.29
N ALA D 236 -0.38 3.62 49.77
CA ALA D 236 -0.84 4.10 51.08
C ALA D 236 -2.37 4.24 51.16
N GLY D 237 -2.96 4.57 50.03
CA GLY D 237 -4.40 4.77 49.92
C GLY D 237 -4.83 6.24 49.94
N ASP D 238 -3.85 7.14 50.03
CA ASP D 238 -4.08 8.59 49.92
C ASP D 238 -3.55 9.11 48.59
N GLY D 239 -3.31 8.20 47.64
CA GLY D 239 -2.74 8.53 46.34
C GLY D 239 -1.24 8.42 46.21
N THR D 240 -0.54 8.22 47.33
CA THR D 240 0.91 8.01 47.30
C THR D 240 1.24 6.51 47.50
N PHE D 241 2.52 6.18 47.51
CA PHE D 241 3.00 4.80 47.57
C PHE D 241 4.14 4.60 48.57
N GLN D 242 4.42 3.34 48.88
CA GLN D 242 5.47 2.97 49.82
C GLN D 242 6.31 1.81 49.27
N LYS D 243 7.54 1.72 49.73
CA LYS D 243 8.39 0.58 49.43
C LYS D 243 9.50 0.56 50.45
N TRP D 244 9.94 -0.63 50.81
CA TRP D 244 11.17 -0.76 51.58
C TRP D 244 12.06 -1.84 51.05
N ALA D 245 13.35 -1.69 51.32
CA ALA D 245 14.34 -2.72 51.10
C ALA D 245 15.21 -2.78 52.33
N SER D 246 15.73 -3.96 52.65
CA SER D 246 16.52 -4.18 53.86
C SER D 246 17.65 -5.18 53.64
N VAL D 247 18.63 -5.17 54.54
CA VAL D 247 19.77 -6.10 54.43
C VAL D 247 20.20 -6.66 55.77
N VAL D 248 20.90 -7.79 55.70
CA VAL D 248 21.59 -8.37 56.86
C VAL D 248 22.99 -7.74 57.03
N VAL D 249 23.28 -7.26 58.23
CA VAL D 249 24.50 -6.47 58.50
C VAL D 249 25.07 -6.79 59.90
N PRO D 250 26.40 -6.93 60.01
CA PRO D 250 27.03 -7.09 61.33
C PRO D 250 26.79 -5.90 62.27
N LEU D 251 26.58 -6.17 63.54
CA LEU D 251 26.33 -5.15 64.56
C LEU D 251 27.63 -4.42 64.88
N GLY D 252 27.64 -3.10 64.72
CA GLY D 252 28.84 -2.30 64.94
C GLY D 252 29.43 -1.75 63.65
N LYS D 253 29.24 -2.47 62.54
CA LYS D 253 29.75 -2.05 61.22
C LYS D 253 28.59 -1.57 60.35
N GLU D 254 27.68 -0.82 60.95
CA GLU D 254 26.41 -0.45 60.29
C GLU D 254 26.39 0.96 59.71
N GLN D 255 27.53 1.66 59.82
CA GLN D 255 27.69 2.98 59.21
C GLN D 255 28.26 2.86 57.81
N ASN D 256 28.95 1.75 57.53
CA ASN D 256 29.52 1.51 56.20
C ASN D 256 28.50 0.93 55.21
N TYR D 257 27.22 0.99 55.56
CA TYR D 257 26.12 0.62 54.67
C TYR D 257 25.29 1.86 54.31
N THR D 258 25.01 2.02 53.02
CA THR D 258 24.23 3.14 52.52
C THR D 258 23.08 2.68 51.65
N CYS D 259 21.95 3.38 51.75
CA CYS D 259 20.80 3.12 50.90
C CYS D 259 20.56 4.30 49.97
N ARG D 260 20.30 4.01 48.70
CA ARG D 260 20.03 5.04 47.71
C ARG D 260 18.62 4.89 47.13
N VAL D 261 17.93 6.02 46.97
CA VAL D 261 16.56 6.04 46.47
C VAL D 261 16.51 6.76 45.11
N TYR D 262 16.02 6.07 44.09
CA TYR D 262 15.91 6.59 42.73
C TYR D 262 14.44 6.82 42.37
N HIS D 263 14.07 8.08 42.23
CA HIS D 263 12.72 8.45 41.85
C HIS D 263 12.78 9.67 40.94
N GLU D 264 11.76 9.82 40.12
CA GLU D 264 11.73 10.85 39.10
C GLU D 264 11.47 12.24 39.68
N GLY D 265 10.81 12.30 40.84
CA GLY D 265 10.60 13.55 41.54
C GLY D 265 11.86 14.12 42.17
N LEU D 266 12.85 13.25 42.41
CA LEU D 266 14.14 13.67 42.94
C LEU D 266 14.97 14.51 41.93
N PRO D 267 15.63 15.56 42.41
CA PRO D 267 16.64 16.24 41.59
C PRO D 267 17.88 15.37 41.40
N GLU D 268 18.13 14.50 42.37
CA GLU D 268 19.19 13.49 42.29
C GLU D 268 18.89 12.33 43.26
N PRO D 269 19.54 11.18 43.09
CA PRO D 269 19.34 10.06 44.01
C PRO D 269 19.72 10.41 45.44
N LEU D 270 18.82 10.11 46.39
CA LEU D 270 19.09 10.32 47.80
C LEU D 270 20.12 9.31 48.24
N THR D 271 21.00 9.73 49.15
CA THR D 271 21.87 8.81 49.88
C THR D 271 21.52 8.94 51.36
N LEU D 272 21.61 7.83 52.10
CA LEU D 272 21.08 7.76 53.47
C LEU D 272 21.64 6.60 54.29
N ARG D 273 21.81 6.84 55.59
CA ARG D 273 22.32 5.81 56.52
C ARG D 273 21.57 5.88 57.87
N TRP D 274 21.96 5.00 58.79
CA TRP D 274 21.27 4.84 60.08
C TRP D 274 21.17 6.17 60.85
N ILE E 1 -4.16 -21.58 34.69
CA ILE E 1 -5.01 -20.34 34.48
C ILE E 1 -5.12 -19.49 35.75
N GLN E 2 -5.18 -20.18 36.89
CA GLN E 2 -5.29 -19.52 38.17
C GLN E 2 -3.95 -18.83 38.45
N LYS E 3 -4.02 -17.61 38.97
CA LYS E 3 -2.85 -16.93 39.50
C LYS E 3 -3.15 -16.64 40.96
N THR E 4 -2.25 -17.05 41.87
CA THR E 4 -2.56 -16.95 43.29
C THR E 4 -2.24 -15.55 43.84
N PRO E 5 -3.10 -15.01 44.68
CA PRO E 5 -2.92 -13.66 45.22
C PRO E 5 -1.68 -13.46 46.09
N GLN E 6 -0.95 -12.37 45.85
CA GLN E 6 0.07 -11.89 46.76
C GLN E 6 -0.59 -10.89 47.69
N ILE E 7 -0.25 -10.95 48.98
CA ILE E 7 -0.94 -10.17 50.01
C ILE E 7 0.09 -9.41 50.86
N GLN E 8 -0.13 -8.11 51.01
CA GLN E 8 0.56 -7.31 52.00
C GLN E 8 -0.44 -6.62 52.93
N VAL E 9 -0.18 -6.67 54.23
CA VAL E 9 -0.95 -5.97 55.23
C VAL E 9 -0.03 -4.97 55.87
N TYR E 10 -0.46 -3.71 55.95
CA TYR E 10 0.41 -2.61 56.41
C TYR E 10 -0.43 -1.36 56.65
N SER E 11 0.12 -0.41 57.40
CA SER E 11 -0.58 0.81 57.75
C SER E 11 -0.20 1.94 56.80
N ARG E 12 -1.12 2.88 56.63
CA ARG E 12 -0.94 4.03 55.75
C ARG E 12 0.12 4.98 56.31
N HIS E 13 0.08 5.24 57.62
CA HIS E 13 1.05 6.10 58.29
C HIS E 13 1.94 5.26 59.20
N PRO E 14 3.09 5.79 59.59
CA PRO E 14 3.96 5.11 60.56
C PRO E 14 3.22 4.74 61.85
N PRO E 15 3.17 3.45 62.20
CA PRO E 15 2.35 2.99 63.32
C PRO E 15 2.75 3.59 64.67
N GLU E 16 1.75 3.78 65.53
CA GLU E 16 1.94 4.42 66.82
C GLU E 16 0.76 4.05 67.72
N ASN E 17 1.04 3.38 68.83
CA ASN E 17 -0.03 2.87 69.69
C ASN E 17 -0.84 4.00 70.27
N GLY E 18 -2.17 3.90 70.12
CA GLY E 18 -3.10 4.89 70.62
C GLY E 18 -3.55 5.88 69.57
N LYS E 19 -2.87 5.89 68.43
CA LYS E 19 -3.08 6.90 67.40
C LYS E 19 -3.89 6.36 66.21
N PRO E 20 -5.06 6.96 65.95
CA PRO E 20 -5.87 6.62 64.77
C PRO E 20 -5.08 6.54 63.46
N ASN E 21 -5.37 5.50 62.69
CA ASN E 21 -4.57 5.14 61.52
C ASN E 21 -5.46 4.38 60.54
N ILE E 22 -4.88 3.92 59.44
CA ILE E 22 -5.63 3.16 58.45
C ILE E 22 -4.80 1.93 58.18
N LEU E 23 -5.42 0.76 58.28
CA LEU E 23 -4.77 -0.50 57.94
C LEU E 23 -5.18 -0.94 56.55
N ASN E 24 -4.20 -1.37 55.77
CA ASN E 24 -4.36 -1.73 54.38
C ASN E 24 -4.18 -3.22 54.15
N CYS E 25 -4.96 -3.79 53.23
CA CYS E 25 -4.73 -5.15 52.78
C CYS E 25 -4.73 -5.15 51.26
N TYR E 26 -3.52 -5.11 50.71
CA TYR E 26 -3.26 -4.98 49.28
C TYR E 26 -3.12 -6.38 48.69
N VAL E 27 -4.04 -6.75 47.79
CA VAL E 27 -4.08 -8.08 47.18
C VAL E 27 -3.89 -7.94 45.67
N THR E 28 -2.79 -8.49 45.16
CA THR E 28 -2.42 -8.33 43.75
C THR E 28 -2.15 -9.67 43.05
N GLN E 29 -2.00 -9.59 41.73
CA GLN E 29 -1.51 -10.67 40.89
C GLN E 29 -2.40 -11.89 40.86
N PHE E 30 -3.72 -11.71 40.93
CA PHE E 30 -4.62 -12.86 40.96
C PHE E 30 -5.52 -13.01 39.75
N HIS E 31 -6.07 -14.21 39.61
CA HIS E 31 -6.95 -14.55 38.50
C HIS E 31 -7.60 -15.90 38.75
N PRO E 32 -8.91 -16.03 38.59
CA PRO E 32 -9.82 -15.00 38.07
C PRO E 32 -10.07 -13.84 39.06
N PRO E 33 -10.78 -12.80 38.64
CA PRO E 33 -10.97 -11.61 39.47
C PRO E 33 -11.89 -11.79 40.69
N HIS E 34 -12.73 -12.82 40.71
CA HIS E 34 -13.57 -13.10 41.87
C HIS E 34 -12.70 -13.50 43.06
N ILE E 35 -12.91 -12.81 44.18
CA ILE E 35 -12.08 -12.96 45.38
C ILE E 35 -12.84 -12.47 46.62
N GLU E 36 -12.49 -13.01 47.79
CA GLU E 36 -13.11 -12.65 49.06
C GLU E 36 -12.02 -12.20 50.02
N ILE E 37 -12.15 -10.99 50.53
CA ILE E 37 -11.13 -10.38 51.37
C ILE E 37 -11.80 -9.96 52.65
N GLN E 38 -11.23 -10.39 53.77
CA GLN E 38 -11.71 -10.03 55.10
C GLN E 38 -10.56 -9.44 55.87
N MET E 39 -10.82 -8.42 56.66
CA MET E 39 -9.87 -7.99 57.67
C MET E 39 -10.39 -8.37 59.05
N LEU E 40 -9.47 -8.78 59.92
CA LEU E 40 -9.79 -9.34 61.22
C LEU E 40 -9.09 -8.56 62.31
N LYS E 41 -9.73 -8.43 63.47
CA LYS E 41 -9.10 -7.90 64.67
C LYS E 41 -9.34 -8.92 65.79
N ASN E 42 -8.24 -9.48 66.32
CA ASN E 42 -8.29 -10.52 67.31
C ASN E 42 -9.23 -11.64 66.88
N GLY E 43 -9.14 -12.01 65.61
CA GLY E 43 -9.89 -13.12 65.05
C GLY E 43 -11.33 -12.81 64.73
N LYS E 44 -11.73 -11.56 64.89
CA LYS E 44 -13.08 -11.12 64.60
C LYS E 44 -13.10 -10.26 63.34
N LYS E 45 -13.99 -10.61 62.42
CA LYS E 45 -14.28 -9.82 61.23
C LYS E 45 -14.52 -8.36 61.61
N ILE E 46 -13.82 -7.44 60.98
CA ILE E 46 -14.02 -6.02 61.21
C ILE E 46 -15.19 -5.59 60.33
N PRO E 47 -16.25 -5.07 60.93
CA PRO E 47 -17.50 -4.81 60.19
C PRO E 47 -17.35 -3.89 58.97
N LYS E 48 -16.83 -2.68 59.13
CA LYS E 48 -16.83 -1.73 58.01
C LYS E 48 -15.46 -1.66 57.36
N VAL E 49 -15.34 -2.31 56.21
CA VAL E 49 -14.08 -2.41 55.48
C VAL E 49 -14.27 -1.81 54.09
N GLU E 50 -13.55 -0.72 53.83
CA GLU E 50 -13.56 -0.06 52.52
C GLU E 50 -12.85 -0.93 51.50
N MET E 51 -13.45 -1.05 50.31
CA MET E 51 -12.96 -1.94 49.26
C MET E 51 -12.94 -1.21 47.92
N SER E 52 -11.75 -1.09 47.33
CA SER E 52 -11.59 -0.43 46.04
C SER E 52 -12.23 -1.27 44.92
N ASP E 53 -12.47 -0.62 43.78
CA ASP E 53 -13.08 -1.27 42.63
C ASP E 53 -12.06 -2.13 41.88
N MET E 54 -12.55 -3.20 41.23
CA MET E 54 -11.73 -4.12 40.46
C MET E 54 -10.84 -3.36 39.50
N SER E 55 -9.54 -3.61 39.56
CA SER E 55 -8.61 -3.13 38.55
C SER E 55 -7.64 -4.25 38.10
N PHE E 56 -6.96 -4.03 36.97
CA PHE E 56 -5.90 -4.95 36.56
C PHE E 56 -4.64 -4.24 36.05
N SER E 57 -3.54 -4.96 36.15
CA SER E 57 -2.25 -4.44 35.77
C SER E 57 -1.98 -4.72 34.31
N LYS E 58 -0.92 -4.14 33.80
CA LYS E 58 -0.54 -4.37 32.41
C LYS E 58 -0.16 -5.82 32.13
N ASP E 59 0.18 -6.61 33.15
CA ASP E 59 0.37 -8.06 32.92
C ASP E 59 -0.96 -8.88 32.99
N TRP E 60 -2.11 -8.19 32.92
CA TRP E 60 -3.45 -8.79 32.93
C TRP E 60 -3.99 -9.24 34.31
N SER E 61 -3.12 -9.31 35.32
CA SER E 61 -3.54 -9.78 36.64
C SER E 61 -4.26 -8.68 37.43
N PHE E 62 -5.19 -9.10 38.29
CA PHE E 62 -6.05 -8.20 39.06
C PHE E 62 -5.53 -7.86 40.46
N TYR E 63 -6.01 -6.76 41.01
CA TYR E 63 -5.58 -6.24 42.31
C TYR E 63 -6.65 -5.41 42.96
N ILE E 64 -6.63 -5.38 44.28
CA ILE E 64 -7.61 -4.68 45.08
C ILE E 64 -6.96 -4.18 46.34
N LEU E 65 -7.34 -2.99 46.81
CA LEU E 65 -6.93 -2.49 48.10
C LEU E 65 -8.13 -2.47 49.05
N ALA E 66 -8.05 -3.27 50.10
CA ALA E 66 -9.01 -3.20 51.20
C ALA E 66 -8.39 -2.36 52.29
N HIS E 67 -9.19 -1.55 52.97
CA HIS E 67 -8.70 -0.78 54.11
C HIS E 67 -9.78 -0.47 55.14
N THR E 68 -9.32 -0.10 56.32
CA THR E 68 -10.24 0.21 57.42
C THR E 68 -9.56 1.06 58.46
N GLU E 69 -10.38 1.85 59.16
CA GLU E 69 -9.93 2.67 60.26
C GLU E 69 -9.48 1.76 61.37
N PHE E 70 -8.30 2.03 61.94
CA PHE E 70 -7.86 1.28 63.10
C PHE E 70 -6.93 2.12 63.97
N THR E 71 -6.98 1.86 65.27
CA THR E 71 -6.04 2.44 66.22
C THR E 71 -5.24 1.27 66.76
N PRO E 72 -3.97 1.13 66.39
CA PRO E 72 -3.18 0.00 66.87
C PRO E 72 -2.87 0.06 68.36
N THR E 73 -2.55 -1.09 68.92
CA THR E 73 -2.09 -1.19 70.29
C THR E 73 -1.04 -2.29 70.35
N GLU E 74 -0.39 -2.42 71.50
CA GLU E 74 0.61 -3.46 71.71
C GLU E 74 -0.01 -4.85 71.59
N THR E 75 -1.29 -4.94 71.98
CA THR E 75 -1.96 -6.21 72.24
C THR E 75 -2.79 -6.77 71.08
N ASP E 76 -3.49 -5.88 70.36
CA ASP E 76 -4.40 -6.30 69.30
C ASP E 76 -3.62 -6.85 68.12
N THR E 77 -4.07 -7.98 67.58
CA THR E 77 -3.50 -8.44 66.32
C THR E 77 -4.50 -8.28 65.19
N TYR E 78 -3.99 -7.81 64.06
CA TYR E 78 -4.81 -7.63 62.89
C TYR E 78 -4.34 -8.59 61.85
N ALA E 79 -5.26 -9.00 60.99
CA ALA E 79 -4.94 -9.86 59.87
C ALA E 79 -5.86 -9.61 58.69
N CYS E 80 -5.50 -10.21 57.58
CA CYS E 80 -6.30 -10.18 56.38
C CYS E 80 -6.37 -11.61 55.89
N ARG E 81 -7.58 -12.04 55.55
CA ARG E 81 -7.84 -13.41 55.15
C ARG E 81 -8.46 -13.39 53.76
N VAL E 82 -7.85 -14.14 52.85
CA VAL E 82 -8.21 -14.08 51.46
C VAL E 82 -8.60 -15.45 51.00
N LYS E 83 -9.76 -15.52 50.36
CA LYS E 83 -10.25 -16.74 49.78
C LYS E 83 -10.24 -16.50 48.29
N HIS E 84 -9.66 -17.43 47.56
CA HIS E 84 -9.58 -17.32 46.11
C HIS E 84 -9.47 -18.73 45.57
N ASP E 85 -9.97 -18.95 44.36
CA ASP E 85 -10.02 -20.28 43.76
C ASP E 85 -8.65 -20.91 43.47
N SER E 86 -7.59 -20.09 43.41
CA SER E 86 -6.21 -20.59 43.24
C SER E 86 -5.70 -21.40 44.42
N MET E 87 -6.30 -21.16 45.59
CA MET E 87 -5.86 -21.77 46.83
C MET E 87 -6.96 -22.66 47.38
N ALA E 88 -6.59 -23.88 47.79
CA ALA E 88 -7.54 -24.83 48.37
C ALA E 88 -8.14 -24.33 49.66
N GLU E 89 -7.36 -23.63 50.47
CA GLU E 89 -7.83 -23.04 51.73
C GLU E 89 -7.54 -21.54 51.78
N PRO E 90 -8.28 -20.82 52.62
CA PRO E 90 -8.02 -19.38 52.81
C PRO E 90 -6.62 -19.11 53.38
N LYS E 91 -6.04 -18.00 52.96
CA LYS E 91 -4.70 -17.61 53.37
C LYS E 91 -4.83 -16.39 54.26
N THR E 92 -4.18 -16.43 55.41
CA THR E 92 -4.20 -15.32 56.38
C THR E 92 -2.82 -14.71 56.47
N VAL E 93 -2.72 -13.40 56.37
CA VAL E 93 -1.47 -12.74 56.72
C VAL E 93 -1.72 -11.71 57.80
N TYR E 94 -0.83 -11.71 58.79
CA TYR E 94 -0.91 -10.92 59.99
C TYR E 94 -0.13 -9.65 59.81
N TRP E 95 -0.71 -8.55 60.28
CA TRP E 95 -0.02 -7.27 60.29
C TRP E 95 1.22 -7.34 61.16
N ASP E 96 2.33 -6.87 60.60
CA ASP E 96 3.60 -6.73 61.29
C ASP E 96 3.97 -5.25 61.19
N ARG E 97 4.03 -4.57 62.32
CA ARG E 97 4.24 -3.11 62.35
C ARG E 97 5.58 -2.64 61.75
N ASP E 98 6.55 -3.55 61.63
CA ASP E 98 7.87 -3.22 61.07
C ASP E 98 7.98 -3.46 59.57
N MET E 99 6.86 -3.80 58.94
CA MET E 99 6.86 -4.20 57.54
C MET E 99 5.67 -3.63 56.78
N LYS F 1 -10.97 9.83 25.79
CA LYS F 1 -12.15 9.22 25.12
C LYS F 1 -11.84 7.79 24.75
N ALA F 2 -12.82 6.91 24.92
CA ALA F 2 -12.61 5.48 24.75
C ALA F 2 -12.65 5.07 23.29
N VAL F 3 -11.93 4.01 22.99
CA VAL F 3 -12.05 3.30 21.73
C VAL F 3 -13.43 2.67 21.67
N TYR F 4 -13.91 2.42 20.45
CA TYR F 4 -15.03 1.51 20.20
C TYR F 4 -14.55 0.46 19.21
N ASN F 5 -14.84 -0.81 19.46
CA ASN F 5 -14.20 -1.89 18.70
C ASN F 5 -14.85 -2.09 17.33
N PHE F 6 -14.15 -2.80 16.46
CA PHE F 6 -14.57 -3.06 15.08
C PHE F 6 -15.20 -4.47 15.06
N ALA F 7 -14.74 -5.37 14.20
CA ALA F 7 -15.30 -6.73 14.13
C ALA F 7 -15.05 -7.49 15.43
N THR F 8 -16.01 -8.32 15.81
CA THR F 8 -15.92 -9.14 17.00
C THR F 8 -14.85 -10.21 16.82
N MET F 9 -14.49 -10.89 17.90
CA MET F 9 -13.47 -11.91 17.80
C MET F 9 -13.96 -13.10 16.98
N GLY G 1 -60.52 -22.75 7.26
CA GLY G 1 -60.47 -22.95 5.79
C GLY G 1 -59.28 -23.80 5.41
N PRO G 2 -59.30 -24.42 4.23
CA PRO G 2 -58.21 -25.31 3.82
C PRO G 2 -56.87 -24.56 3.68
N HIS G 3 -55.78 -25.30 3.68
CA HIS G 3 -54.43 -24.74 3.53
C HIS G 3 -53.55 -25.69 2.76
N SER G 4 -52.43 -25.20 2.25
CA SER G 4 -51.51 -26.02 1.47
C SER G 4 -50.06 -25.53 1.56
N MET G 5 -49.12 -26.43 1.29
CA MET G 5 -47.73 -26.06 1.06
C MET G 5 -47.19 -26.80 -0.16
N ARG G 6 -46.34 -26.11 -0.93
CA ARG G 6 -45.81 -26.65 -2.16
C ARG G 6 -44.38 -26.18 -2.41
N TYR G 7 -43.53 -27.10 -2.84
CA TYR G 7 -42.26 -26.74 -3.40
C TYR G 7 -42.24 -27.16 -4.88
N PHE G 8 -41.91 -26.21 -5.75
CA PHE G 8 -41.83 -26.42 -7.20
C PHE G 8 -40.35 -26.26 -7.53
N GLU G 9 -39.72 -27.31 -8.05
CA GLU G 9 -38.29 -27.30 -8.32
C GLU G 9 -38.06 -27.54 -9.78
N THR G 10 -37.05 -26.89 -10.32
CA THR G 10 -36.68 -27.02 -11.71
C THR G 10 -35.18 -27.14 -11.89
N ALA G 11 -34.75 -28.03 -12.78
CA ALA G 11 -33.37 -28.05 -13.27
C ALA G 11 -33.40 -28.04 -14.79
N VAL G 12 -32.65 -27.11 -15.37
CA VAL G 12 -32.67 -26.91 -16.81
C VAL G 12 -31.25 -26.97 -17.31
N SER G 13 -31.02 -27.85 -18.28
CA SER G 13 -29.76 -27.88 -19.00
C SER G 13 -29.96 -27.25 -20.38
N ARG G 14 -28.92 -26.55 -20.84
CA ARG G 14 -28.89 -25.89 -22.14
C ARG G 14 -27.57 -26.20 -22.84
N PRO G 15 -27.54 -26.18 -24.18
CA PRO G 15 -26.33 -26.49 -24.91
C PRO G 15 -25.30 -25.37 -24.77
N GLY G 16 -24.04 -25.73 -24.52
CA GLY G 16 -23.00 -24.76 -24.31
C GLY G 16 -22.94 -24.22 -22.87
N LEU G 17 -23.84 -24.72 -22.02
CA LEU G 17 -23.74 -24.52 -20.57
C LEU G 17 -23.30 -25.84 -19.96
N GLU G 18 -22.39 -25.76 -18.99
CA GLU G 18 -21.78 -26.96 -18.42
C GLU G 18 -22.81 -27.59 -17.50
N GLU G 19 -23.16 -26.88 -16.42
CA GLU G 19 -24.08 -27.39 -15.42
C GLU G 19 -25.47 -26.80 -15.60
N PRO G 20 -26.48 -27.57 -15.23
CA PRO G 20 -27.85 -27.06 -15.24
C PRO G 20 -28.06 -26.01 -14.16
N ARG G 21 -29.03 -25.14 -14.40
CA ARG G 21 -29.48 -24.21 -13.39
C ARG G 21 -30.56 -24.91 -12.59
N TYR G 22 -30.53 -24.75 -11.27
CA TYR G 22 -31.52 -25.32 -10.38
C TYR G 22 -32.23 -24.22 -9.61
N ILE G 23 -33.55 -24.18 -9.69
CA ILE G 23 -34.36 -23.21 -8.95
C ILE G 23 -35.40 -23.95 -8.11
N SER G 24 -35.55 -23.56 -6.85
CA SER G 24 -36.62 -24.06 -6.00
C SER G 24 -37.45 -22.93 -5.40
N VAL G 25 -38.75 -23.10 -5.45
CA VAL G 25 -39.68 -22.08 -4.98
C VAL G 25 -40.67 -22.74 -4.06
N GLY G 26 -40.79 -22.21 -2.83
CA GLY G 26 -41.77 -22.69 -1.88
C GLY G 26 -42.98 -21.78 -1.80
N TYR G 27 -44.15 -22.37 -1.58
CA TYR G 27 -45.41 -21.64 -1.46
C TYR G 27 -46.18 -22.13 -0.25
N VAL G 28 -46.82 -21.20 0.46
CA VAL G 28 -47.84 -21.56 1.45
C VAL G 28 -49.14 -20.87 1.04
N ASP G 29 -50.21 -21.65 0.92
CA ASP G 29 -51.48 -21.17 0.38
C ASP G 29 -51.31 -20.44 -0.95
N ASN G 30 -50.68 -21.15 -1.89
CA ASN G 30 -50.43 -20.66 -3.25
C ASN G 30 -49.75 -19.29 -3.34
N LYS G 31 -48.91 -18.98 -2.36
CA LYS G 31 -48.17 -17.73 -2.33
C LYS G 31 -46.70 -17.94 -1.93
N GLU G 32 -45.80 -17.34 -2.71
CA GLU G 32 -44.39 -17.60 -2.60
C GLU G 32 -43.84 -17.13 -1.26
N PHE G 33 -43.10 -18.00 -0.56
CA PHE G 33 -42.50 -17.62 0.71
C PHE G 33 -41.00 -17.90 0.85
N VAL G 34 -40.44 -18.80 0.03
CA VAL G 34 -38.99 -19.01 -0.01
C VAL G 34 -38.47 -19.25 -1.43
N ARG G 35 -37.18 -19.07 -1.66
CA ARG G 35 -36.63 -19.22 -3.01
C ARG G 35 -35.12 -19.47 -3.04
N PHE G 36 -34.70 -20.37 -3.92
CA PHE G 36 -33.30 -20.72 -4.16
C PHE G 36 -33.03 -20.75 -5.65
N ASP G 37 -31.89 -20.22 -6.06
CA ASP G 37 -31.52 -20.10 -7.46
C ASP G 37 -30.00 -20.22 -7.60
N SER G 38 -29.55 -21.27 -8.29
CA SER G 38 -28.13 -21.57 -8.45
C SER G 38 -27.34 -20.55 -9.29
N ASP G 39 -28.03 -19.68 -10.01
CA ASP G 39 -27.33 -18.68 -10.81
C ASP G 39 -26.92 -17.44 -10.01
N ALA G 40 -27.63 -17.13 -8.92
CA ALA G 40 -27.20 -16.06 -8.01
C ALA G 40 -25.72 -16.21 -7.60
N GLU G 41 -25.09 -15.07 -7.32
CA GLU G 41 -23.69 -15.01 -6.87
C GLU G 41 -23.48 -15.83 -5.60
N ASN G 42 -24.45 -15.74 -4.69
CA ASN G 42 -24.38 -16.43 -3.40
C ASN G 42 -25.59 -17.36 -3.24
N PRO G 43 -25.60 -18.48 -3.94
CA PRO G 43 -26.80 -19.33 -4.00
C PRO G 43 -27.30 -19.67 -2.60
N ARG G 44 -28.49 -19.18 -2.27
CA ARG G 44 -29.10 -19.45 -0.97
C ARG G 44 -30.62 -19.44 -1.03
N TYR G 45 -31.26 -20.22 -0.15
CA TYR G 45 -32.68 -19.99 0.16
C TYR G 45 -32.76 -18.63 0.85
N GLU G 46 -33.76 -17.86 0.46
CA GLU G 46 -34.00 -16.51 0.97
C GLU G 46 -35.51 -16.34 1.15
N PRO G 47 -35.93 -15.49 2.09
CA PRO G 47 -37.36 -15.23 2.27
C PRO G 47 -37.96 -14.44 1.12
N ARG G 48 -39.21 -14.70 0.84
CA ARG G 48 -39.93 -14.03 -0.23
C ARG G 48 -41.23 -13.39 0.26
N ALA G 49 -41.55 -13.60 1.53
CA ALA G 49 -42.63 -12.87 2.19
C ALA G 49 -42.10 -12.24 3.47
N PRO G 50 -42.69 -11.11 3.89
CA PRO G 50 -42.31 -10.43 5.14
C PRO G 50 -42.25 -11.35 6.37
N TRP G 51 -43.28 -12.19 6.54
CA TRP G 51 -43.44 -13.02 7.73
C TRP G 51 -42.35 -14.07 7.91
N MET G 52 -41.70 -14.48 6.81
CA MET G 52 -40.67 -15.51 6.87
C MET G 52 -39.35 -15.05 7.45
N GLU G 53 -39.18 -13.74 7.65
CA GLU G 53 -37.94 -13.19 8.18
C GLU G 53 -37.74 -13.50 9.67
N GLN G 54 -38.80 -14.01 10.31
CA GLN G 54 -38.72 -14.50 11.70
C GLN G 54 -37.73 -15.67 11.85
N GLU G 55 -37.58 -16.51 10.82
CA GLU G 55 -36.69 -17.66 10.93
C GLU G 55 -35.24 -17.22 11.13
N GLY G 56 -34.50 -17.96 11.94
CA GLY G 56 -33.12 -17.65 12.26
C GLY G 56 -32.13 -18.17 11.23
N PRO G 57 -30.85 -17.85 11.44
CA PRO G 57 -29.77 -18.26 10.51
C PRO G 57 -29.61 -19.77 10.36
N GLU G 58 -29.92 -20.54 11.40
CA GLU G 58 -29.85 -22.00 11.34
C GLU G 58 -30.84 -22.57 10.33
N TYR G 59 -32.02 -21.98 10.27
CA TYR G 59 -33.04 -22.38 9.32
C TYR G 59 -32.54 -22.23 7.88
N TRP G 60 -32.04 -21.03 7.55
CA TRP G 60 -31.61 -20.71 6.19
C TRP G 60 -30.36 -21.50 5.78
N GLU G 61 -29.49 -21.79 6.74
CA GLU G 61 -28.28 -22.54 6.47
C GLU G 61 -28.56 -24.01 6.17
N ARG G 62 -29.49 -24.59 6.92
CA ARG G 62 -29.80 -26.01 6.77
C ARG G 62 -30.57 -26.21 5.48
N GLU G 63 -31.48 -25.30 5.17
CA GLU G 63 -32.28 -25.36 3.97
C GLU G 63 -31.41 -25.18 2.74
N THR G 64 -30.42 -24.29 2.84
CA THR G 64 -29.49 -24.03 1.75
C THR G 64 -28.66 -25.27 1.46
N GLN G 65 -28.13 -25.90 2.50
CA GLN G 65 -27.42 -27.17 2.33
C GLN G 65 -28.32 -28.27 1.73
N LYS G 66 -29.62 -28.26 2.07
CA LYS G 66 -30.58 -29.19 1.49
C LYS G 66 -30.76 -28.92 -0.02
N ALA G 67 -30.89 -27.64 -0.39
CA ALA G 67 -31.02 -27.24 -1.80
C ALA G 67 -29.81 -27.65 -2.63
N LYS G 68 -28.62 -27.49 -2.07
CA LYS G 68 -27.39 -27.83 -2.77
C LYS G 68 -27.34 -29.34 -2.99
N GLY G 69 -27.90 -30.10 -2.05
CA GLY G 69 -28.04 -31.54 -2.24
C GLY G 69 -29.05 -31.85 -3.35
N GLN G 70 -30.14 -31.10 -3.35
CA GLN G 70 -31.17 -31.29 -4.36
C GLN G 70 -30.61 -31.05 -5.76
N GLU G 71 -29.78 -30.03 -5.88
CA GLU G 71 -29.19 -29.64 -7.15
C GLU G 71 -28.32 -30.76 -7.72
N GLN G 72 -27.54 -31.41 -6.86
CA GLN G 72 -26.76 -32.58 -7.26
C GLN G 72 -27.68 -33.74 -7.66
N TRP G 73 -28.73 -33.98 -6.89
CA TRP G 73 -29.76 -34.96 -7.24
C TRP G 73 -30.35 -34.70 -8.64
N PHE G 74 -30.70 -33.46 -8.93
CA PHE G 74 -31.29 -33.14 -10.22
C PHE G 74 -30.26 -33.32 -11.32
N ARG G 75 -29.02 -32.98 -11.00
CA ARG G 75 -27.97 -33.08 -11.98
C ARG G 75 -27.70 -34.54 -12.38
N VAL G 76 -27.55 -35.42 -11.39
CA VAL G 76 -27.31 -36.83 -11.67
C VAL G 76 -28.50 -37.42 -12.42
N SER G 77 -29.70 -37.06 -12.03
CA SER G 77 -30.86 -37.64 -12.68
C SER G 77 -31.17 -37.08 -14.06
N LEU G 78 -30.77 -35.84 -14.32
CA LEU G 78 -30.73 -35.33 -15.69
C LEU G 78 -29.83 -36.21 -16.58
N ARG G 79 -28.67 -36.55 -16.05
CA ARG G 79 -27.73 -37.42 -16.73
C ARG G 79 -28.33 -38.81 -16.98
N ASN G 80 -28.96 -39.37 -15.96
CA ASN G 80 -29.57 -40.68 -16.08
C ASN G 80 -30.67 -40.66 -17.16
N LEU G 81 -31.51 -39.64 -17.15
CA LEU G 81 -32.65 -39.56 -18.06
C LEU G 81 -32.24 -39.51 -19.53
N LEU G 82 -31.15 -38.80 -19.77
CA LEU G 82 -30.53 -38.70 -21.07
C LEU G 82 -30.21 -40.09 -21.62
N GLY G 83 -29.59 -40.92 -20.77
CA GLY G 83 -29.33 -42.31 -21.09
C GLY G 83 -30.60 -43.11 -21.31
N TYR G 84 -31.58 -42.95 -20.43
CA TYR G 84 -32.86 -43.68 -20.55
C TYR G 84 -33.59 -43.38 -21.86
N TYR G 85 -33.55 -42.13 -22.31
CA TYR G 85 -34.20 -41.75 -23.57
C TYR G 85 -33.30 -41.74 -24.79
N ASN G 86 -32.06 -42.27 -24.65
CA ASN G 86 -31.11 -42.25 -25.76
C ASN G 86 -31.06 -40.90 -26.49
N GLN G 87 -30.99 -39.84 -25.69
CA GLN G 87 -30.88 -38.49 -26.19
C GLN G 87 -29.37 -38.18 -26.22
N SER G 88 -28.89 -37.57 -27.28
CA SER G 88 -27.47 -37.27 -27.31
C SER G 88 -27.19 -35.91 -26.65
N ALA G 89 -25.99 -35.37 -26.87
CA ALA G 89 -25.61 -34.09 -26.31
C ALA G 89 -26.00 -33.01 -27.30
N GLY G 90 -26.05 -31.78 -26.83
CA GLY G 90 -26.35 -30.65 -27.69
C GLY G 90 -27.83 -30.33 -27.73
N GLY G 91 -28.53 -30.61 -26.62
CA GLY G 91 -29.96 -30.35 -26.51
C GLY G 91 -30.32 -29.57 -25.25
N SER G 92 -31.58 -29.16 -25.18
CA SER G 92 -32.14 -28.59 -23.96
C SER G 92 -33.03 -29.62 -23.25
N HIS G 93 -32.85 -29.74 -21.94
CA HIS G 93 -33.64 -30.66 -21.12
C HIS G 93 -34.09 -30.03 -19.81
N THR G 94 -35.20 -30.53 -19.30
CA THR G 94 -35.84 -30.00 -18.12
C THR G 94 -36.36 -31.12 -17.23
N LEU G 95 -36.07 -31.01 -15.95
CA LEU G 95 -36.63 -31.91 -14.95
C LEU G 95 -37.36 -31.01 -13.94
N GLN G 96 -38.64 -31.29 -13.70
CA GLN G 96 -39.46 -30.49 -12.79
C GLN G 96 -40.03 -31.39 -11.71
N GLN G 97 -40.18 -30.83 -10.53
CA GLN G 97 -40.77 -31.53 -9.41
C GLN G 97 -41.81 -30.65 -8.68
N MET G 98 -42.95 -31.23 -8.33
CA MET G 98 -43.87 -30.61 -7.38
C MET G 98 -44.07 -31.52 -6.19
N SER G 99 -43.97 -30.96 -4.99
CA SER G 99 -44.26 -31.75 -3.80
C SER G 99 -44.89 -30.89 -2.72
N GLY G 100 -45.55 -31.53 -1.75
CA GLY G 100 -46.16 -30.79 -0.67
C GLY G 100 -47.41 -31.43 -0.13
N CYS G 101 -48.14 -30.69 0.70
CA CYS G 101 -49.30 -31.22 1.40
C CYS G 101 -50.52 -30.29 1.34
N ASP G 102 -51.71 -30.87 1.36
CA ASP G 102 -52.97 -30.14 1.51
C ASP G 102 -53.54 -30.46 2.88
N LEU G 103 -53.97 -29.43 3.60
CA LEU G 103 -54.68 -29.61 4.86
C LEU G 103 -56.14 -29.22 4.72
N GLY G 104 -57.02 -29.96 5.38
CA GLY G 104 -58.40 -29.56 5.53
C GLY G 104 -58.50 -28.37 6.48
N SER G 105 -59.71 -27.88 6.68
CA SER G 105 -59.94 -26.77 7.59
C SER G 105 -59.66 -27.19 9.06
N ASP G 106 -59.64 -28.49 9.33
CA ASP G 106 -59.21 -29.03 10.62
C ASP G 106 -57.67 -29.08 10.83
N TRP G 107 -56.91 -28.56 9.88
CA TRP G 107 -55.43 -28.58 9.87
C TRP G 107 -54.82 -29.99 9.74
N ARG G 108 -55.65 -30.95 9.36
CA ARG G 108 -55.23 -32.34 9.21
C ARG G 108 -54.90 -32.62 7.74
N LEU G 109 -53.93 -33.49 7.50
CA LEU G 109 -53.52 -33.85 6.14
C LEU G 109 -54.67 -34.45 5.34
N LEU G 110 -55.08 -33.76 4.30
CA LEU G 110 -56.02 -34.31 3.30
C LEU G 110 -55.25 -35.16 2.29
N ARG G 111 -54.18 -34.60 1.73
CA ARG G 111 -53.49 -35.23 0.61
C ARG G 111 -52.00 -34.86 0.53
N GLY G 112 -51.18 -35.83 0.14
CA GLY G 112 -49.77 -35.60 -0.16
C GLY G 112 -49.54 -35.57 -1.66
N TYR G 113 -48.50 -34.83 -2.08
CA TYR G 113 -48.13 -34.74 -3.49
C TYR G 113 -46.63 -34.89 -3.68
N LEU G 114 -46.28 -35.67 -4.69
CA LEU G 114 -44.89 -35.85 -5.14
C LEU G 114 -44.98 -36.30 -6.61
N GLN G 115 -44.71 -35.39 -7.52
CA GLN G 115 -44.83 -35.64 -8.95
C GLN G 115 -43.61 -35.05 -9.66
N PHE G 116 -43.21 -35.67 -10.76
CA PHE G 116 -42.08 -35.23 -11.55
C PHE G 116 -42.43 -35.19 -13.03
N ALA G 117 -41.86 -34.22 -13.73
CA ALA G 117 -41.93 -34.14 -15.19
C ALA G 117 -40.54 -34.07 -15.82
N TYR G 118 -40.40 -34.72 -16.97
CA TYR G 118 -39.20 -34.61 -17.81
C TYR G 118 -39.65 -34.03 -19.14
N GLU G 119 -38.95 -33.01 -19.61
CA GLU G 119 -39.29 -32.31 -20.84
C GLU G 119 -40.70 -31.73 -20.87
N GLY G 120 -41.24 -31.39 -19.70
CA GLY G 120 -42.59 -30.87 -19.57
C GLY G 120 -43.69 -31.93 -19.54
N ARG G 121 -43.31 -33.20 -19.41
CA ARG G 121 -44.28 -34.29 -19.47
C ARG G 121 -44.19 -35.16 -18.26
N ASP G 122 -45.35 -35.68 -17.84
CA ASP G 122 -45.45 -36.53 -16.66
C ASP G 122 -44.45 -37.62 -16.79
N TYR G 123 -43.63 -37.78 -15.77
CA TYR G 123 -42.63 -38.85 -15.76
C TYR G 123 -42.99 -39.91 -14.74
N ILE G 124 -42.98 -39.54 -13.47
CA ILE G 124 -43.38 -40.43 -12.38
C ILE G 124 -44.07 -39.61 -11.29
N ALA G 125 -45.03 -40.22 -10.62
CA ALA G 125 -45.81 -39.58 -9.57
C ALA G 125 -46.17 -40.59 -8.47
N LEU G 126 -46.11 -40.14 -7.23
CA LEU G 126 -46.59 -40.90 -6.10
C LEU G 126 -48.10 -40.81 -6.06
N ASN G 127 -48.74 -41.97 -5.98
CA ASN G 127 -50.20 -42.03 -5.92
C ASN G 127 -50.67 -41.49 -4.57
N GLU G 128 -51.94 -41.13 -4.52
CA GLU G 128 -52.56 -40.57 -3.30
C GLU G 128 -52.37 -41.43 -2.06
N ASP G 129 -52.28 -42.76 -2.23
CA ASP G 129 -51.98 -43.69 -1.15
C ASP G 129 -50.57 -43.55 -0.52
N LEU G 130 -49.68 -42.83 -1.19
CA LEU G 130 -48.33 -42.57 -0.68
C LEU G 130 -47.54 -43.85 -0.53
N LYS G 131 -47.93 -44.84 -1.33
CA LYS G 131 -47.34 -46.18 -1.31
C LYS G 131 -46.95 -46.70 -2.69
N THR G 132 -47.72 -46.35 -3.72
CA THR G 132 -47.42 -46.84 -5.07
C THR G 132 -47.21 -45.71 -6.07
N TRP G 133 -46.67 -46.09 -7.23
CA TRP G 133 -46.20 -45.13 -8.23
C TRP G 133 -46.95 -45.23 -9.55
N THR G 134 -47.18 -44.09 -10.18
CA THR G 134 -47.66 -44.01 -11.56
C THR G 134 -46.52 -43.53 -12.47
N ALA G 135 -46.20 -44.33 -13.48
CA ALA G 135 -45.16 -44.06 -14.47
C ALA G 135 -45.61 -44.67 -15.81
N ALA G 136 -45.97 -43.79 -16.74
CA ALA G 136 -46.45 -44.22 -18.05
C ALA G 136 -45.33 -44.69 -18.98
N ASP G 137 -44.28 -43.90 -19.15
CA ASP G 137 -43.27 -44.18 -20.19
C ASP G 137 -42.52 -45.52 -19.99
N MET G 138 -42.13 -46.16 -21.08
CA MET G 138 -41.34 -47.38 -20.96
C MET G 138 -40.05 -47.04 -20.21
N ALA G 139 -39.43 -45.93 -20.60
CA ALA G 139 -38.22 -45.43 -19.95
C ALA G 139 -38.43 -45.24 -18.46
N ALA G 140 -39.58 -44.69 -18.08
CA ALA G 140 -39.87 -44.41 -16.68
C ALA G 140 -40.07 -45.66 -15.80
N GLN G 141 -40.22 -46.84 -16.41
CA GLN G 141 -40.32 -48.10 -15.67
C GLN G 141 -39.01 -48.45 -14.97
N ILE G 142 -37.90 -48.02 -15.55
CA ILE G 142 -36.60 -48.22 -14.97
C ILE G 142 -36.61 -47.56 -13.60
N THR G 143 -36.93 -46.26 -13.58
CA THR G 143 -37.05 -45.50 -12.35
C THR G 143 -38.05 -46.10 -11.37
N ARG G 144 -39.21 -46.47 -11.87
CA ARG G 144 -40.24 -47.03 -11.02
C ARG G 144 -39.74 -48.28 -10.27
N ARG G 145 -39.07 -49.18 -10.98
CA ARG G 145 -38.54 -50.41 -10.38
C ARG G 145 -37.48 -50.08 -9.33
N LYS G 146 -36.56 -49.16 -9.68
CA LYS G 146 -35.50 -48.66 -8.81
C LYS G 146 -36.09 -48.10 -7.50
N TRP G 147 -37.13 -47.27 -7.61
CA TRP G 147 -37.74 -46.62 -6.44
C TRP G 147 -38.60 -47.56 -5.61
N GLU G 148 -39.20 -48.56 -6.26
CA GLU G 148 -39.98 -49.56 -5.57
C GLU G 148 -39.06 -50.46 -4.73
N GLN G 149 -37.94 -50.88 -5.32
CA GLN G 149 -37.00 -51.78 -4.65
C GLN G 149 -36.19 -51.11 -3.53
N SER G 150 -36.03 -49.78 -3.60
CA SER G 150 -35.28 -49.03 -2.59
C SER G 150 -36.15 -48.52 -1.46
N GLY G 151 -37.47 -48.63 -1.61
CA GLY G 151 -38.41 -48.10 -0.64
C GLY G 151 -38.58 -46.59 -0.68
N ALA G 152 -38.46 -45.98 -1.85
CA ALA G 152 -38.58 -44.53 -1.96
C ALA G 152 -39.90 -44.00 -1.43
N ALA G 153 -41.01 -44.69 -1.70
CA ALA G 153 -42.33 -44.17 -1.31
C ALA G 153 -42.44 -43.94 0.19
N GLU G 154 -41.87 -44.83 0.98
CA GLU G 154 -41.91 -44.71 2.43
C GLU G 154 -41.16 -43.49 2.93
N HIS G 155 -39.97 -43.25 2.37
CA HIS G 155 -39.24 -42.00 2.64
C HIS G 155 -40.11 -40.74 2.40
N TYR G 156 -40.70 -40.63 1.21
CA TYR G 156 -41.54 -39.47 0.87
C TYR G 156 -42.83 -39.36 1.71
N LYS G 157 -43.46 -40.49 2.00
CA LYS G 157 -44.67 -40.50 2.84
C LYS G 157 -44.40 -39.94 4.24
N ALA G 158 -43.23 -40.24 4.81
CA ALA G 158 -42.83 -39.71 6.11
C ALA G 158 -42.63 -38.22 6.03
N TYR G 159 -42.03 -37.73 4.96
CA TYR G 159 -41.92 -36.28 4.79
C TYR G 159 -43.33 -35.64 4.72
N LEU G 160 -44.20 -36.21 3.89
CA LEU G 160 -45.51 -35.60 3.61
C LEU G 160 -46.48 -35.67 4.79
N GLU G 161 -46.39 -36.73 5.59
CA GLU G 161 -47.22 -36.92 6.78
C GLU G 161 -46.64 -36.21 8.01
N GLY G 162 -45.33 -35.99 8.01
CA GLY G 162 -44.63 -35.46 9.18
C GLY G 162 -44.13 -34.05 8.96
N GLU G 163 -42.89 -33.92 8.51
CA GLU G 163 -42.26 -32.62 8.29
C GLU G 163 -43.10 -31.58 7.52
N CYS G 164 -43.64 -31.96 6.35
CA CYS G 164 -44.49 -31.05 5.54
C CYS G 164 -45.66 -30.50 6.34
N VAL G 165 -46.36 -31.36 7.07
CA VAL G 165 -47.51 -30.94 7.86
C VAL G 165 -47.07 -30.04 9.01
N GLU G 166 -46.07 -30.51 9.75
CA GLU G 166 -45.61 -29.83 10.96
C GLU G 166 -45.06 -28.45 10.67
N TRP G 167 -44.32 -28.30 9.60
CA TRP G 167 -43.74 -27.01 9.25
C TRP G 167 -44.77 -26.06 8.62
N LEU G 168 -45.76 -26.60 7.93
CA LEU G 168 -46.88 -25.81 7.41
C LEU G 168 -47.68 -25.20 8.59
N HIS G 169 -47.99 -26.00 9.61
CA HIS G 169 -48.64 -25.50 10.82
C HIS G 169 -47.89 -24.31 11.40
N ARG G 170 -46.58 -24.48 11.53
CA ARG G 170 -45.70 -23.43 12.03
C ARG G 170 -45.76 -22.14 11.18
N TYR G 171 -45.79 -22.30 9.86
CA TYR G 171 -45.84 -21.15 8.94
C TYR G 171 -47.19 -20.45 9.00
N LEU G 172 -48.26 -21.19 9.20
CA LEU G 172 -49.60 -20.62 9.20
C LEU G 172 -49.84 -19.77 10.45
N LYS G 173 -49.20 -20.15 11.55
CA LYS G 173 -49.31 -19.39 12.79
C LYS G 173 -48.53 -18.08 12.70
N ASN G 174 -47.45 -18.08 11.92
CA ASN G 174 -46.57 -16.92 11.81
C ASN G 174 -47.14 -15.77 10.96
N GLY G 175 -47.56 -16.07 9.73
CA GLY G 175 -48.06 -15.03 8.83
C GLY G 175 -49.56 -15.09 8.60
N ASN G 176 -50.34 -15.12 9.68
CA ASN G 176 -51.79 -15.25 9.58
C ASN G 176 -52.53 -13.95 9.22
N ALA G 177 -51.80 -12.82 9.24
CA ALA G 177 -52.38 -11.52 8.85
C ALA G 177 -52.20 -11.17 7.36
N THR G 178 -51.61 -12.10 6.60
CA THR G 178 -51.44 -11.94 5.14
C THR G 178 -52.34 -12.91 4.36
N LEU G 179 -52.29 -14.20 4.73
CA LEU G 179 -53.00 -15.27 3.99
C LEU G 179 -54.16 -15.87 4.79
N LEU G 180 -55.10 -15.01 5.15
CA LEU G 180 -56.40 -15.43 5.71
C LEU G 180 -57.48 -14.50 5.15
N ARG G 181 -57.47 -14.34 3.83
CA ARG G 181 -58.46 -13.51 3.15
C ARG G 181 -58.55 -13.84 1.66
N THR G 182 -59.71 -13.53 1.08
CA THR G 182 -59.93 -13.59 -0.36
C THR G 182 -60.62 -12.31 -0.81
N ASP G 183 -60.47 -11.99 -2.08
CA ASP G 183 -61.10 -10.80 -2.65
C ASP G 183 -62.15 -11.21 -3.68
N SER G 184 -63.36 -10.69 -3.49
CA SER G 184 -64.45 -10.97 -4.40
C SER G 184 -64.25 -10.22 -5.71
N PRO G 185 -64.80 -10.75 -6.79
CA PRO G 185 -64.84 -10.03 -8.06
C PRO G 185 -65.90 -8.92 -8.07
N LYS G 186 -65.47 -7.70 -8.34
CA LYS G 186 -66.38 -6.63 -8.70
C LYS G 186 -66.56 -6.73 -10.21
N ALA G 187 -67.77 -7.07 -10.64
CA ALA G 187 -68.06 -7.28 -12.06
C ALA G 187 -68.96 -6.19 -12.65
N HIS G 188 -68.80 -5.95 -13.95
CA HIS G 188 -69.61 -5.00 -14.67
C HIS G 188 -69.79 -5.41 -16.14
N VAL G 189 -70.58 -4.65 -16.88
CA VAL G 189 -70.91 -4.99 -18.26
C VAL G 189 -70.78 -3.78 -19.19
N THR G 190 -69.90 -3.90 -20.19
CA THR G 190 -69.71 -2.85 -21.19
C THR G 190 -70.55 -3.12 -22.43
N HIS G 191 -70.75 -2.08 -23.23
CA HIS G 191 -71.52 -2.14 -24.46
C HIS G 191 -70.61 -1.91 -25.67
N HIS G 192 -70.66 -2.82 -26.65
CA HIS G 192 -69.78 -2.77 -27.82
C HIS G 192 -70.54 -3.11 -29.10
N PRO G 193 -70.94 -2.11 -29.89
CA PRO G 193 -71.73 -2.33 -31.11
C PRO G 193 -70.90 -2.83 -32.30
N ARG G 194 -71.14 -4.07 -32.72
CA ARG G 194 -70.44 -4.65 -33.88
C ARG G 194 -71.19 -4.31 -35.18
N SER G 195 -71.59 -5.33 -35.95
CA SER G 195 -72.30 -5.14 -37.21
C SER G 195 -73.76 -4.77 -36.96
N LYS G 196 -74.37 -4.15 -37.97
CA LYS G 196 -75.77 -3.73 -37.94
C LYS G 196 -76.68 -4.63 -37.09
N GLY G 197 -77.25 -4.06 -36.03
CA GLY G 197 -78.25 -4.73 -35.21
C GLY G 197 -77.74 -5.88 -34.35
N GLU G 198 -76.51 -5.76 -33.84
CA GLU G 198 -75.89 -6.82 -33.04
C GLU G 198 -74.67 -6.31 -32.26
N VAL G 199 -74.86 -6.05 -30.97
CA VAL G 199 -73.77 -5.62 -30.09
C VAL G 199 -73.30 -6.78 -29.22
N THR G 200 -71.99 -6.80 -28.95
CA THR G 200 -71.41 -7.73 -27.99
C THR G 200 -71.54 -7.15 -26.57
N LEU G 201 -71.79 -8.03 -25.60
CA LEU G 201 -71.88 -7.66 -24.19
C LEU G 201 -70.75 -8.34 -23.42
N ARG G 202 -69.76 -7.55 -23.01
CA ARG G 202 -68.60 -8.08 -22.28
C ARG G 202 -68.86 -8.06 -20.78
N CYS G 203 -68.67 -9.21 -20.15
CA CYS G 203 -68.74 -9.34 -18.71
C CYS G 203 -67.32 -9.37 -18.15
N TRP G 204 -66.94 -8.28 -17.45
CA TRP G 204 -65.64 -8.21 -16.80
C TRP G 204 -65.76 -8.73 -15.39
N ALA G 205 -64.72 -9.43 -14.96
CA ALA G 205 -64.52 -9.77 -13.57
C ALA G 205 -63.16 -9.21 -13.21
N LEU G 206 -63.11 -8.34 -12.22
CA LEU G 206 -61.87 -7.65 -11.85
C LEU G 206 -61.64 -7.70 -10.35
N GLY G 207 -60.37 -7.60 -9.95
CA GLY G 207 -59.99 -7.53 -8.56
C GLY G 207 -60.34 -8.73 -7.69
N PHE G 208 -60.30 -9.94 -8.27
CA PHE G 208 -60.64 -11.14 -7.51
C PHE G 208 -59.41 -12.01 -7.22
N TYR G 209 -59.47 -12.73 -6.10
CA TYR G 209 -58.41 -13.62 -5.65
C TYR G 209 -59.06 -14.70 -4.75
N PRO G 210 -58.75 -15.98 -4.92
CA PRO G 210 -57.79 -16.51 -5.92
C PRO G 210 -58.25 -16.46 -7.39
N ALA G 211 -57.35 -16.89 -8.28
CA ALA G 211 -57.56 -16.79 -9.72
C ALA G 211 -58.70 -17.68 -10.24
N ASP G 212 -59.07 -18.71 -9.47
CA ASP G 212 -60.14 -19.63 -9.87
C ASP G 212 -61.46 -18.89 -9.95
N ILE G 213 -62.05 -18.88 -11.15
CA ILE G 213 -63.31 -18.19 -11.41
C ILE G 213 -64.02 -18.81 -12.62
N THR G 214 -65.32 -18.56 -12.73
CA THR G 214 -66.12 -19.11 -13.82
C THR G 214 -67.18 -18.09 -14.25
N LEU G 215 -67.16 -17.70 -15.52
CA LEU G 215 -68.13 -16.73 -16.04
C LEU G 215 -69.10 -17.41 -17.01
N THR G 216 -70.40 -17.17 -16.82
CA THR G 216 -71.45 -17.78 -17.64
C THR G 216 -72.53 -16.78 -18.02
N TRP G 217 -72.87 -16.76 -19.31
CA TRP G 217 -73.96 -15.92 -19.80
C TRP G 217 -75.24 -16.73 -19.84
N GLN G 218 -76.37 -16.07 -19.58
CA GLN G 218 -77.69 -16.71 -19.61
C GLN G 218 -78.66 -15.94 -20.49
N LEU G 219 -79.70 -16.63 -20.94
CA LEU G 219 -80.83 -16.02 -21.65
C LEU G 219 -82.10 -16.31 -20.85
N ASN G 220 -82.33 -15.48 -19.84
CA ASN G 220 -83.35 -15.69 -18.80
C ASN G 220 -83.78 -17.15 -18.60
N GLY G 221 -82.80 -18.04 -18.46
CA GLY G 221 -83.07 -19.45 -18.25
C GLY G 221 -81.83 -20.32 -18.18
N GLU G 222 -81.22 -20.56 -19.35
CA GLU G 222 -80.15 -21.56 -19.48
C GLU G 222 -78.80 -20.95 -19.86
N GLU G 223 -77.75 -21.71 -19.57
CA GLU G 223 -76.36 -21.27 -19.81
C GLU G 223 -76.09 -21.15 -21.32
N LEU G 224 -74.96 -20.57 -21.67
CA LEU G 224 -74.61 -20.34 -23.08
C LEU G 224 -73.18 -20.79 -23.40
N THR G 225 -73.08 -21.87 -24.18
CA THR G 225 -71.81 -22.26 -24.81
C THR G 225 -71.90 -21.97 -26.33
N GLN G 226 -72.89 -21.17 -26.73
CA GLN G 226 -73.14 -20.82 -28.13
C GLN G 226 -72.16 -19.74 -28.59
N ASP G 227 -70.94 -20.15 -28.91
CA ASP G 227 -69.84 -19.25 -29.29
C ASP G 227 -69.63 -18.12 -28.27
N MET G 228 -69.50 -18.51 -26.99
CA MET G 228 -69.15 -17.57 -25.93
C MET G 228 -67.64 -17.31 -25.99
N GLU G 229 -67.26 -16.04 -26.11
CA GLU G 229 -65.85 -15.63 -26.12
C GLU G 229 -65.33 -15.43 -24.70
N LEU G 230 -64.02 -15.61 -24.51
CA LEU G 230 -63.35 -15.31 -23.23
C LEU G 230 -61.82 -15.25 -23.35
N VAL G 231 -61.16 -14.86 -22.25
CA VAL G 231 -59.70 -14.88 -22.18
C VAL G 231 -59.23 -15.81 -21.07
N GLU G 232 -57.98 -16.27 -21.19
CA GLU G 232 -57.31 -16.95 -20.09
C GLU G 232 -57.23 -15.95 -18.92
N THR G 233 -57.58 -16.42 -17.72
CA THR G 233 -57.44 -15.63 -16.51
C THR G 233 -56.00 -15.11 -16.36
N ARG G 234 -55.88 -13.85 -15.94
CA ARG G 234 -54.64 -13.09 -16.06
C ARG G 234 -54.42 -12.25 -14.81
N PRO G 235 -53.17 -12.12 -14.37
CA PRO G 235 -52.87 -11.30 -13.20
C PRO G 235 -52.89 -9.82 -13.57
N ALA G 236 -53.60 -9.03 -12.80
CA ALA G 236 -53.53 -7.58 -12.87
C ALA G 236 -52.13 -7.07 -12.53
N GLY G 237 -51.38 -7.87 -11.77
CA GLY G 237 -50.06 -7.50 -11.29
C GLY G 237 -50.07 -6.90 -9.89
N ASP G 238 -51.24 -6.73 -9.29
CA ASP G 238 -51.38 -6.24 -7.92
C ASP G 238 -51.87 -7.33 -6.96
N GLY G 239 -51.61 -8.60 -7.31
CA GLY G 239 -52.09 -9.73 -6.52
C GLY G 239 -53.47 -10.27 -6.90
N THR G 240 -54.33 -9.45 -7.50
CA THR G 240 -55.65 -9.91 -7.96
C THR G 240 -55.63 -10.28 -9.44
N PHE G 241 -56.77 -10.79 -9.92
CA PHE G 241 -56.87 -11.33 -11.27
C PHE G 241 -58.02 -10.71 -12.07
N GLN G 242 -57.92 -10.85 -13.38
CA GLN G 242 -58.88 -10.32 -14.33
C GLN G 242 -59.33 -11.44 -15.26
N LYS G 243 -60.59 -11.38 -15.68
CA LYS G 243 -61.11 -12.26 -16.71
C LYS G 243 -62.35 -11.62 -17.34
N TRP G 244 -62.63 -11.98 -18.59
CA TRP G 244 -63.88 -11.56 -19.21
C TRP G 244 -64.45 -12.61 -20.16
N ALA G 245 -65.73 -12.41 -20.48
CA ALA G 245 -66.51 -13.37 -21.25
C ALA G 245 -67.69 -12.63 -21.88
N SER G 246 -67.78 -12.68 -23.20
CA SER G 246 -68.80 -11.93 -23.93
C SER G 246 -69.65 -12.82 -24.85
N VAL G 247 -70.82 -12.31 -25.22
CA VAL G 247 -71.70 -13.01 -26.13
C VAL G 247 -72.26 -12.07 -27.20
N VAL G 248 -72.82 -12.64 -28.25
CA VAL G 248 -73.49 -11.87 -29.30
C VAL G 248 -74.98 -11.78 -28.98
N VAL G 249 -75.52 -10.57 -29.07
CA VAL G 249 -76.87 -10.26 -28.60
C VAL G 249 -77.52 -9.21 -29.52
N PRO G 250 -78.76 -9.44 -29.95
CA PRO G 250 -79.50 -8.46 -30.76
C PRO G 250 -79.61 -7.09 -30.09
N LEU G 251 -79.51 -6.01 -30.88
CA LEU G 251 -79.64 -4.65 -30.36
C LEU G 251 -81.11 -4.37 -30.01
N GLY G 252 -81.33 -3.75 -28.85
CA GLY G 252 -82.66 -3.57 -28.31
C GLY G 252 -83.09 -4.66 -27.34
N LYS G 253 -82.49 -5.85 -27.45
CA LYS G 253 -82.82 -7.00 -26.59
C LYS G 253 -81.59 -7.48 -25.82
N GLU G 254 -81.02 -6.59 -25.01
CA GLU G 254 -79.84 -6.91 -24.19
C GLU G 254 -80.17 -7.03 -22.70
N GLN G 255 -81.36 -6.59 -22.29
CA GLN G 255 -81.81 -6.74 -20.90
C GLN G 255 -82.33 -8.15 -20.61
N ASN G 256 -82.44 -8.98 -21.66
CA ASN G 256 -82.75 -10.40 -21.50
C ASN G 256 -81.59 -11.19 -20.87
N TYR G 257 -80.37 -10.74 -21.14
CA TYR G 257 -79.16 -11.53 -20.84
C TYR G 257 -78.56 -11.18 -19.47
N THR G 258 -78.11 -12.21 -18.77
CA THR G 258 -77.61 -12.08 -17.40
C THR G 258 -76.33 -12.87 -17.17
N CYS G 259 -75.21 -12.17 -17.07
CA CYS G 259 -73.94 -12.77 -16.68
C CYS G 259 -74.01 -13.26 -15.23
N ARG G 260 -73.28 -14.33 -14.93
CA ARG G 260 -73.20 -14.87 -13.58
C ARG G 260 -71.75 -15.20 -13.25
N VAL G 261 -71.31 -14.74 -12.09
CA VAL G 261 -69.92 -14.85 -11.66
C VAL G 261 -69.87 -15.86 -10.52
N TYR G 262 -68.98 -16.85 -10.66
CA TYR G 262 -68.81 -17.91 -9.66
C TYR G 262 -67.40 -17.84 -9.10
N HIS G 263 -67.30 -17.55 -7.82
CA HIS G 263 -66.04 -17.36 -7.14
C HIS G 263 -66.23 -17.66 -5.66
N GLU G 264 -65.20 -18.22 -5.04
CA GLU G 264 -65.27 -18.65 -3.65
C GLU G 264 -65.44 -17.51 -2.65
N GLY G 265 -65.00 -16.30 -3.01
CA GLY G 265 -65.12 -15.14 -2.14
C GLY G 265 -66.52 -14.56 -2.06
N LEU G 266 -67.32 -14.80 -3.09
CA LEU G 266 -68.71 -14.37 -3.13
C LEU G 266 -69.56 -15.06 -2.06
N PRO G 267 -70.42 -14.33 -1.36
CA PRO G 267 -71.39 -14.97 -0.46
C PRO G 267 -72.38 -15.84 -1.26
N GLU G 268 -72.71 -15.37 -2.47
CA GLU G 268 -73.46 -16.13 -3.47
C GLU G 268 -73.11 -15.62 -4.86
N PRO G 269 -73.32 -16.43 -5.91
CA PRO G 269 -72.99 -16.00 -7.27
C PRO G 269 -73.65 -14.67 -7.68
N LEU G 270 -72.86 -13.74 -8.20
CA LEU G 270 -73.38 -12.44 -8.62
C LEU G 270 -74.20 -12.58 -9.91
N THR G 271 -75.30 -11.84 -9.99
CA THR G 271 -76.12 -11.78 -11.20
C THR G 271 -76.12 -10.32 -11.68
N LEU G 272 -75.89 -10.12 -12.97
CA LEU G 272 -75.59 -8.80 -13.51
C LEU G 272 -76.00 -8.64 -14.97
N ARG G 273 -76.39 -7.42 -15.34
CA ARG G 273 -76.73 -7.06 -16.72
C ARG G 273 -76.37 -5.59 -17.02
N TRP G 274 -76.74 -5.12 -18.20
CA TRP G 274 -76.61 -3.70 -18.55
C TRP G 274 -77.52 -2.87 -17.65
N ILE H 1 -42.45 -31.23 -27.87
CA ILE H 1 -41.89 -30.92 -26.52
C ILE H 1 -41.86 -29.41 -26.31
N GLN H 2 -41.52 -28.68 -27.36
CA GLN H 2 -41.70 -27.24 -27.35
C GLN H 2 -43.21 -26.93 -27.30
N LYS H 3 -43.60 -26.07 -26.36
CA LYS H 3 -44.94 -25.53 -26.30
C LYS H 3 -44.82 -24.04 -26.61
N THR H 4 -45.64 -23.52 -27.53
CA THR H 4 -45.46 -22.14 -27.98
C THR H 4 -46.12 -21.16 -27.00
N PRO H 5 -45.43 -20.08 -26.64
CA PRO H 5 -45.96 -19.13 -25.67
C PRO H 5 -47.26 -18.48 -26.15
N GLN H 6 -48.24 -18.44 -25.27
CA GLN H 6 -49.49 -17.72 -25.44
C GLN H 6 -49.33 -16.37 -24.75
N ILE H 7 -49.73 -15.31 -25.43
CA ILE H 7 -49.38 -13.96 -25.03
C ILE H 7 -50.63 -13.10 -24.94
N GLN H 8 -50.72 -12.31 -23.87
CA GLN H 8 -51.76 -11.29 -23.73
C GLN H 8 -51.10 -9.96 -23.36
N VAL H 9 -51.43 -8.90 -24.08
CA VAL H 9 -51.02 -7.54 -23.74
C VAL H 9 -52.25 -6.74 -23.33
N TYR H 10 -52.19 -6.10 -22.17
CA TYR H 10 -53.36 -5.47 -21.55
C TYR H 10 -52.96 -4.57 -20.37
N SER H 11 -53.76 -3.56 -20.08
CA SER H 11 -53.51 -2.67 -18.97
C SER H 11 -54.11 -3.24 -17.67
N ARG H 12 -53.49 -2.88 -16.54
CA ARG H 12 -53.95 -3.24 -15.20
C ARG H 12 -55.31 -2.62 -14.95
N HIS H 13 -55.41 -1.32 -15.25
CA HIS H 13 -56.63 -0.54 -15.08
C HIS H 13 -57.24 -0.22 -16.44
N PRO H 14 -58.53 0.12 -16.45
CA PRO H 14 -59.19 0.60 -17.66
C PRO H 14 -58.40 1.75 -18.31
N PRO H 15 -58.05 1.64 -19.59
CA PRO H 15 -57.17 2.60 -20.26
C PRO H 15 -57.82 3.95 -20.59
N GLU H 16 -57.09 5.02 -20.26
CA GLU H 16 -57.57 6.39 -20.37
C GLU H 16 -56.40 7.30 -20.74
N ASN H 17 -56.54 8.05 -21.82
CA ASN H 17 -55.46 8.92 -22.30
C ASN H 17 -55.10 10.00 -21.25
N GLY H 18 -53.81 10.36 -21.21
CA GLY H 18 -53.27 11.31 -20.24
C GLY H 18 -53.09 10.77 -18.82
N LYS H 19 -53.52 9.54 -18.60
CA LYS H 19 -53.73 9.00 -17.26
C LYS H 19 -52.76 7.83 -16.98
N PRO H 20 -51.91 7.96 -15.95
CA PRO H 20 -50.94 6.90 -15.60
C PRO H 20 -51.56 5.51 -15.38
N ASN H 21 -50.83 4.48 -15.83
CA ASN H 21 -51.32 3.13 -15.87
C ASN H 21 -50.14 2.13 -15.81
N ILE H 22 -50.47 0.85 -15.86
CA ILE H 22 -49.49 -0.23 -16.01
C ILE H 22 -49.91 -1.06 -17.21
N LEU H 23 -48.97 -1.36 -18.09
CA LEU H 23 -49.20 -2.27 -19.18
C LEU H 23 -48.53 -3.59 -18.79
N ASN H 24 -49.23 -4.69 -19.03
CA ASN H 24 -48.77 -6.04 -18.77
C ASN H 24 -48.53 -6.82 -20.06
N CYS H 25 -47.54 -7.71 -20.03
CA CYS H 25 -47.41 -8.75 -21.03
C CYS H 25 -47.32 -10.07 -20.28
N TYR H 26 -48.41 -10.82 -20.31
CA TYR H 26 -48.53 -12.10 -19.64
C TYR H 26 -48.25 -13.20 -20.66
N VAL H 27 -47.17 -13.95 -20.42
CA VAL H 27 -46.76 -15.04 -21.32
C VAL H 27 -46.90 -16.37 -20.56
N THR H 28 -47.72 -17.27 -21.08
CA THR H 28 -48.07 -18.52 -20.41
C THR H 28 -47.86 -19.72 -21.32
N GLN H 29 -47.84 -20.89 -20.71
CA GLN H 29 -48.02 -22.13 -21.46
C GLN H 29 -46.82 -22.45 -22.36
N PHE H 30 -45.61 -22.07 -21.98
CA PHE H 30 -44.45 -22.32 -22.87
C PHE H 30 -43.44 -23.32 -22.31
N HIS H 31 -42.61 -23.85 -23.21
CA HIS H 31 -41.56 -24.81 -22.87
C HIS H 31 -40.59 -24.95 -24.04
N PRO H 32 -39.28 -24.97 -23.80
CA PRO H 32 -38.65 -24.93 -22.47
C PRO H 32 -38.73 -23.54 -21.85
N PRO H 33 -38.28 -23.38 -20.60
CA PRO H 33 -38.49 -22.14 -19.86
C PRO H 33 -37.61 -20.96 -20.26
N HIS H 34 -36.54 -21.16 -21.03
CA HIS H 34 -35.75 -20.04 -21.55
C HIS H 34 -36.59 -19.22 -22.53
N ILE H 35 -36.68 -17.92 -22.26
CA ILE H 35 -37.45 -16.98 -23.08
C ILE H 35 -36.90 -15.54 -23.00
N GLU H 36 -37.19 -14.75 -24.04
CA GLU H 36 -36.78 -13.35 -24.11
C GLU H 36 -38.01 -12.49 -24.36
N ILE H 37 -38.29 -11.53 -23.47
CA ILE H 37 -39.48 -10.71 -23.59
C ILE H 37 -39.09 -9.25 -23.58
N GLN H 38 -39.57 -8.49 -24.56
CA GLN H 38 -39.33 -7.04 -24.69
C GLN H 38 -40.67 -6.36 -24.81
N MET H 39 -40.82 -5.18 -24.21
CA MET H 39 -41.99 -4.37 -24.47
C MET H 39 -41.60 -3.17 -25.32
N LEU H 40 -42.42 -2.87 -26.33
CA LEU H 40 -42.13 -1.83 -27.31
C LEU H 40 -43.18 -0.70 -27.27
N LYS H 41 -42.71 0.53 -27.42
CA LYS H 41 -43.53 1.71 -27.58
C LYS H 41 -43.15 2.35 -28.91
N ASN H 42 -44.09 2.39 -29.85
CA ASN H 42 -43.87 2.97 -31.18
C ASN H 42 -42.69 2.33 -31.92
N GLY H 43 -42.55 1.02 -31.73
CA GLY H 43 -41.51 0.24 -32.38
C GLY H 43 -40.17 0.22 -31.67
N LYS H 44 -40.05 0.94 -30.56
CA LYS H 44 -38.79 1.10 -29.84
C LYS H 44 -38.85 0.44 -28.47
N LYS H 45 -37.79 -0.27 -28.13
CA LYS H 45 -37.67 -0.95 -26.84
C LYS H 45 -37.88 0.05 -25.68
N ILE H 46 -38.73 -0.34 -24.74
CA ILE H 46 -38.95 0.44 -23.52
C ILE H 46 -37.88 0.00 -22.52
N PRO H 47 -37.17 0.96 -21.92
CA PRO H 47 -36.00 0.64 -21.09
C PRO H 47 -36.31 -0.06 -19.75
N LYS H 48 -37.22 0.48 -18.96
CA LYS H 48 -37.43 -0.05 -17.60
C LYS H 48 -38.68 -0.93 -17.57
N VAL H 49 -38.45 -2.23 -17.72
CA VAL H 49 -39.52 -3.20 -17.81
C VAL H 49 -39.34 -4.20 -16.67
N GLU H 50 -40.30 -4.23 -15.77
CA GLU H 50 -40.31 -5.19 -14.66
C GLU H 50 -40.60 -6.59 -15.19
N MET H 51 -39.86 -7.58 -14.70
CA MET H 51 -40.04 -8.97 -15.08
C MET H 51 -40.16 -9.85 -13.85
N SER H 52 -41.21 -10.69 -13.79
CA SER H 52 -41.40 -11.60 -12.67
C SER H 52 -40.41 -12.77 -12.80
N ASP H 53 -40.27 -13.55 -11.74
CA ASP H 53 -39.36 -14.70 -11.76
C ASP H 53 -40.04 -15.90 -12.40
N MET H 54 -39.24 -16.90 -12.75
CA MET H 54 -39.71 -18.09 -13.48
C MET H 54 -40.61 -18.91 -12.57
N SER H 55 -41.81 -19.21 -13.07
CA SER H 55 -42.74 -20.11 -12.38
C SER H 55 -43.36 -21.08 -13.37
N PHE H 56 -43.88 -22.20 -12.84
CA PHE H 56 -44.67 -23.09 -13.66
C PHE H 56 -45.98 -23.47 -12.96
N SER H 57 -46.99 -23.78 -13.76
CA SER H 57 -48.31 -24.20 -13.28
C SER H 57 -48.33 -25.69 -13.04
N LYS H 58 -49.46 -26.17 -12.52
CA LYS H 58 -49.63 -27.58 -12.17
C LYS H 58 -49.64 -28.50 -13.40
N ASP H 59 -49.93 -27.97 -14.59
CA ASP H 59 -49.72 -28.73 -15.83
C ASP H 59 -48.29 -28.67 -16.37
N TRP H 60 -47.36 -28.15 -15.57
CA TRP H 60 -45.92 -28.08 -15.86
C TRP H 60 -45.48 -26.94 -16.79
N SER H 61 -46.42 -26.25 -17.44
CA SER H 61 -46.06 -25.18 -18.35
C SER H 61 -45.62 -23.91 -17.59
N PHE H 62 -44.70 -23.18 -18.15
CA PHE H 62 -44.17 -21.99 -17.50
C PHE H 62 -44.99 -20.75 -17.82
N TYR H 63 -44.80 -19.73 -17.00
CA TYR H 63 -45.42 -18.42 -17.23
C TYR H 63 -44.57 -17.31 -16.62
N ILE H 64 -44.68 -16.14 -17.24
CA ILE H 64 -44.02 -14.93 -16.79
C ILE H 64 -44.94 -13.73 -17.04
N LEU H 65 -44.90 -12.78 -16.12
CA LEU H 65 -45.58 -11.52 -16.22
C LEU H 65 -44.54 -10.39 -16.35
N ALA H 66 -44.58 -9.66 -17.45
CA ALA H 66 -43.76 -8.48 -17.66
C ALA H 66 -44.66 -7.26 -17.55
N HIS H 67 -44.18 -6.20 -16.93
CA HIS H 67 -45.00 -4.99 -16.85
C HIS H 67 -44.18 -3.72 -16.74
N THR H 68 -44.79 -2.62 -17.15
CA THR H 68 -44.13 -1.32 -17.09
C THR H 68 -45.16 -0.23 -16.87
N GLU H 69 -44.74 0.82 -16.17
CA GLU H 69 -45.56 2.01 -16.00
C GLU H 69 -45.62 2.70 -17.35
N PHE H 70 -46.79 3.22 -17.68
CA PHE H 70 -46.97 4.03 -18.88
C PHE H 70 -48.19 4.90 -18.75
N THR H 71 -48.22 5.95 -19.56
CA THR H 71 -49.35 6.85 -19.62
C THR H 71 -49.79 6.93 -21.06
N PRO H 72 -50.89 6.28 -21.40
CA PRO H 72 -51.28 6.14 -22.81
C PRO H 72 -51.71 7.48 -23.42
N THR H 73 -51.59 7.57 -24.73
CA THR H 73 -52.12 8.69 -25.50
C THR H 73 -52.82 8.13 -26.72
N GLU H 74 -53.65 8.95 -27.35
CA GLU H 74 -54.41 8.48 -28.51
C GLU H 74 -53.56 7.80 -29.57
N THR H 75 -52.31 8.24 -29.72
CA THR H 75 -51.47 7.91 -30.87
C THR H 75 -50.40 6.84 -30.62
N ASP H 76 -49.97 6.69 -29.37
CA ASP H 76 -48.94 5.71 -29.03
C ASP H 76 -49.45 4.29 -29.13
N THR H 77 -48.69 3.44 -29.82
CA THR H 77 -48.99 2.02 -29.92
C THR H 77 -47.91 1.21 -29.20
N TYR H 78 -48.33 0.13 -28.57
CA TYR H 78 -47.46 -0.67 -27.72
C TYR H 78 -47.53 -2.11 -28.17
N ALA H 79 -46.46 -2.85 -27.97
CA ALA H 79 -46.39 -4.25 -28.32
C ALA H 79 -45.55 -5.02 -27.30
N CYS H 80 -45.61 -6.33 -27.38
CA CYS H 80 -44.75 -7.21 -26.61
C CYS H 80 -44.10 -8.19 -27.59
N ARG H 81 -42.77 -8.23 -27.61
CA ARG H 81 -42.03 -9.03 -28.58
C ARG H 81 -41.37 -10.18 -27.84
N VAL H 82 -41.75 -11.41 -28.21
CA VAL H 82 -41.29 -12.60 -27.54
C VAL H 82 -40.44 -13.44 -28.50
N LYS H 83 -39.28 -13.90 -28.02
CA LYS H 83 -38.42 -14.81 -28.78
C LYS H 83 -38.28 -16.12 -28.00
N HIS H 84 -38.56 -17.21 -28.69
CA HIS H 84 -38.65 -18.51 -28.07
C HIS H 84 -38.34 -19.59 -29.09
N ASP H 85 -37.66 -20.65 -28.65
CA ASP H 85 -37.21 -21.71 -29.55
C ASP H 85 -38.34 -22.37 -30.35
N SER H 86 -39.56 -22.30 -29.82
CA SER H 86 -40.76 -22.82 -30.49
C SER H 86 -41.13 -22.06 -31.75
N MET H 87 -40.48 -20.93 -31.99
CA MET H 87 -40.79 -20.05 -33.10
C MET H 87 -39.50 -19.63 -33.79
N ALA H 88 -39.49 -19.70 -35.11
CA ALA H 88 -38.31 -19.35 -35.89
C ALA H 88 -38.02 -17.86 -35.75
N GLU H 89 -39.07 -17.04 -35.78
CA GLU H 89 -38.91 -15.59 -35.60
C GLU H 89 -39.60 -15.10 -34.35
N PRO H 90 -39.22 -13.91 -33.87
CA PRO H 90 -39.95 -13.24 -32.79
C PRO H 90 -41.41 -12.99 -33.14
N LYS H 91 -42.29 -13.24 -32.17
CA LYS H 91 -43.72 -12.97 -32.28
C LYS H 91 -44.02 -11.64 -31.60
N THR H 92 -44.57 -10.69 -32.35
CA THR H 92 -45.00 -9.41 -31.77
C THR H 92 -46.52 -9.37 -31.71
N VAL H 93 -47.06 -9.08 -30.53
CA VAL H 93 -48.50 -8.85 -30.36
C VAL H 93 -48.71 -7.45 -29.82
N TYR H 94 -49.53 -6.69 -30.55
CA TYR H 94 -49.82 -5.30 -30.22
C TYR H 94 -50.91 -5.21 -29.17
N TRP H 95 -50.79 -4.17 -28.34
CA TRP H 95 -51.82 -3.84 -27.38
C TRP H 95 -53.10 -3.47 -28.13
N ASP H 96 -54.17 -4.15 -27.77
CA ASP H 96 -55.53 -3.79 -28.17
C ASP H 96 -56.22 -3.30 -26.89
N ARG H 97 -56.45 -2.00 -26.77
CA ARG H 97 -56.95 -1.42 -25.51
C ARG H 97 -58.36 -1.87 -25.07
N ASP H 98 -59.07 -2.60 -25.93
CA ASP H 98 -60.45 -3.02 -25.66
C ASP H 98 -60.59 -4.39 -25.03
N MET H 99 -59.47 -5.04 -24.75
CA MET H 99 -59.50 -6.45 -24.39
C MET H 99 -58.44 -6.82 -23.35
N LYS I 1 -40.53 -26.37 5.22
CA LYS I 1 -39.26 -27.09 4.98
C LYS I 1 -39.39 -28.02 3.76
N ALA I 2 -38.39 -28.01 2.89
CA ALA I 2 -38.44 -28.77 1.64
C ALA I 2 -38.07 -30.24 1.84
N VAL I 3 -38.35 -31.02 0.82
CA VAL I 3 -38.11 -32.44 0.82
C VAL I 3 -36.65 -32.71 0.42
N TYR I 4 -36.08 -33.78 0.97
CA TYR I 4 -34.85 -34.38 0.45
C TYR I 4 -35.29 -35.50 -0.48
N ASN I 5 -34.83 -35.53 -1.72
CA ASN I 5 -35.18 -36.64 -2.59
C ASN I 5 -34.39 -37.91 -2.23
N PHE I 6 -35.00 -39.07 -2.49
CA PHE I 6 -34.42 -40.37 -2.14
C PHE I 6 -33.58 -40.83 -3.33
N ALA I 7 -33.98 -41.90 -4.01
CA ALA I 7 -33.26 -42.37 -5.19
C ALA I 7 -33.34 -41.38 -6.35
N THR I 8 -32.23 -41.23 -7.08
CA THR I 8 -32.27 -40.50 -8.35
C THR I 8 -33.11 -41.28 -9.36
N MET I 9 -33.42 -40.64 -10.47
CA MET I 9 -34.21 -41.25 -11.52
C MET I 9 -33.50 -42.48 -12.07
N PRO J 2 15.43 12.77 32.02
CA PRO J 2 16.30 11.73 31.40
C PRO J 2 17.62 12.31 30.86
N HIS J 3 18.68 11.50 30.95
CA HIS J 3 20.03 11.95 30.65
C HIS J 3 20.83 10.88 29.91
N SER J 4 21.94 11.29 29.31
CA SER J 4 22.80 10.37 28.58
C SER J 4 24.25 10.86 28.50
N MET J 5 25.16 9.92 28.32
CA MET J 5 26.56 10.23 28.02
C MET J 5 26.97 9.39 26.82
N ARG J 6 27.74 9.98 25.92
CA ARG J 6 28.34 9.26 24.81
C ARG J 6 29.76 9.67 24.55
N TYR J 7 30.54 8.72 24.03
CA TYR J 7 31.83 9.02 23.45
C TYR J 7 31.79 8.51 22.01
N PHE J 8 32.04 9.43 21.07
CA PHE J 8 32.10 9.13 19.63
C PHE J 8 33.57 9.20 19.22
N GLU J 9 34.10 8.08 18.75
CA GLU J 9 35.51 7.98 18.45
C GLU J 9 35.66 7.68 16.97
N THR J 10 36.67 8.25 16.37
CA THR J 10 36.91 8.10 14.95
C THR J 10 38.37 7.96 14.69
N ALA J 11 38.71 7.10 13.73
CA ALA J 11 40.07 6.95 13.25
C ALA J 11 40.02 6.83 11.74
N VAL J 12 40.74 7.71 11.06
CA VAL J 12 40.71 7.80 9.62
C VAL J 12 42.12 7.66 9.06
N SER J 13 42.31 6.68 8.19
CA SER J 13 43.55 6.54 7.45
C SER J 13 43.35 7.17 6.07
N ARG J 14 44.43 7.73 5.53
CA ARG J 14 44.44 8.28 4.17
C ARG J 14 45.68 7.80 3.41
N PRO J 15 45.59 7.73 2.08
CA PRO J 15 46.72 7.29 1.26
C PRO J 15 47.86 8.30 1.35
N GLY J 16 49.07 7.79 1.49
CA GLY J 16 50.25 8.62 1.64
C GLY J 16 50.27 9.39 2.94
N LEU J 17 49.57 8.90 3.96
CA LEU J 17 49.68 9.46 5.30
C LEU J 17 50.19 8.39 6.24
N GLU J 18 51.28 8.68 6.91
CA GLU J 18 51.87 7.81 7.91
C GLU J 18 50.83 7.06 8.71
N GLU J 19 50.12 7.84 9.53
CA GLU J 19 49.26 7.30 10.57
C GLU J 19 47.86 7.88 10.48
N PRO J 20 46.89 7.15 11.00
CA PRO J 20 45.51 7.64 11.00
C PRO J 20 45.34 8.73 12.04
N ARG J 21 44.41 9.63 11.77
CA ARG J 21 44.03 10.62 12.75
C ARG J 21 42.97 10.04 13.69
N TYR J 22 43.19 10.17 15.00
CA TYR J 22 42.24 9.74 16.00
C TYR J 22 41.60 10.93 16.71
N ILE J 23 40.27 10.96 16.66
CA ILE J 23 39.49 11.96 17.38
C ILE J 23 38.44 11.29 18.25
N SER J 24 38.38 11.69 19.52
CA SER J 24 37.31 11.31 20.43
C SER J 24 36.55 12.52 20.89
N VAL J 25 35.23 12.40 20.91
CA VAL J 25 34.38 13.46 21.42
C VAL J 25 33.39 12.89 22.43
N GLY J 26 33.34 13.52 23.62
CA GLY J 26 32.41 13.16 24.66
C GLY J 26 31.23 14.13 24.69
N TYR J 27 30.04 13.57 24.98
CA TYR J 27 28.78 14.30 25.07
C TYR J 27 28.04 13.92 26.36
N VAL J 28 27.57 14.93 27.09
CA VAL J 28 26.61 14.73 28.16
C VAL J 28 25.32 15.43 27.75
N ASP J 29 24.22 14.69 27.69
CA ASP J 29 22.93 15.20 27.23
C ASP J 29 23.11 15.85 25.86
N ASN J 30 23.75 15.10 24.94
CA ASN J 30 23.91 15.49 23.54
C ASN J 30 24.68 16.80 23.31
N LYS J 31 25.41 17.25 24.33
CA LYS J 31 26.20 18.47 24.24
C LYS J 31 27.67 18.10 24.47
N GLU J 32 28.53 18.55 23.59
CA GLU J 32 29.96 18.24 23.69
C GLU J 32 30.60 18.81 24.97
N PHE J 33 31.39 18.00 25.67
CA PHE J 33 32.02 18.41 26.93
C PHE J 33 33.51 18.07 27.06
N VAL J 34 33.99 17.10 26.29
CA VAL J 34 35.44 16.85 26.19
C VAL J 34 35.83 16.53 24.77
N ARG J 35 37.12 16.68 24.45
CA ARG J 35 37.57 16.42 23.10
C ARG J 35 39.06 16.12 23.02
N PHE J 36 39.42 15.14 22.20
CA PHE J 36 40.80 14.75 21.98
C PHE J 36 41.01 14.61 20.49
N ASP J 37 42.12 15.17 20.03
CA ASP J 37 42.48 15.18 18.61
C ASP J 37 43.99 15.01 18.48
N SER J 38 44.39 13.90 17.86
CA SER J 38 45.78 13.49 17.68
C SER J 38 46.59 14.37 16.74
N ASP J 39 45.91 15.20 15.95
CA ASP J 39 46.57 16.18 15.08
C ASP J 39 47.11 17.39 15.85
N ALA J 40 46.48 17.76 16.96
CA ALA J 40 47.00 18.84 17.82
C ALA J 40 48.47 18.65 18.15
N GLU J 41 49.18 19.77 18.34
CA GLU J 41 50.61 19.77 18.67
C GLU J 41 50.91 18.94 19.92
N ASN J 42 50.13 19.18 20.98
CA ASN J 42 50.20 18.42 22.22
C ASN J 42 48.86 17.68 22.41
N PRO J 43 48.75 16.48 21.85
CA PRO J 43 47.51 15.70 21.97
C PRO J 43 47.05 15.52 23.41
N ARG J 44 45.90 16.09 23.74
CA ARG J 44 45.30 15.99 25.06
C ARG J 44 43.77 16.04 25.02
N TYR J 45 43.15 15.41 26.00
CA TYR J 45 41.72 15.59 26.18
C TYR J 45 41.51 16.98 26.74
N GLU J 46 40.65 17.77 26.11
CA GLU J 46 40.44 19.15 26.51
C GLU J 46 38.97 19.39 26.88
N PRO J 47 38.73 20.26 27.86
CA PRO J 47 37.35 20.64 28.19
C PRO J 47 36.73 21.45 27.05
N ARG J 48 35.44 21.29 26.84
CA ARG J 48 34.69 21.96 25.78
C ARG J 48 33.45 22.66 26.32
N ALA J 49 33.23 22.55 27.63
CA ALA J 49 32.20 23.28 28.34
C ALA J 49 32.86 23.89 29.57
N PRO J 50 32.48 25.12 29.91
CA PRO J 50 33.11 25.80 31.05
C PRO J 50 33.15 24.94 32.32
N TRP J 51 32.03 24.27 32.61
CA TRP J 51 31.88 23.52 33.85
C TRP J 51 32.84 22.34 34.02
N MET J 52 33.40 21.82 32.93
CA MET J 52 34.35 20.70 32.97
C MET J 52 35.75 21.08 33.43
N GLU J 53 36.05 22.37 33.49
CA GLU J 53 37.34 22.83 34.01
C GLU J 53 37.46 22.64 35.52
N GLN J 54 36.36 22.27 36.17
CA GLN J 54 36.38 21.82 37.57
C GLN J 54 37.38 20.69 37.83
N GLU J 55 37.61 19.83 36.84
CA GLU J 55 38.40 18.62 37.04
C GLU J 55 39.89 18.92 37.16
N GLY J 56 40.56 18.20 38.05
CA GLY J 56 41.98 18.42 38.30
C GLY J 56 42.90 17.80 37.25
N PRO J 57 44.18 18.15 37.31
CA PRO J 57 45.18 17.62 36.36
C PRO J 57 45.30 16.08 36.35
N GLU J 58 44.92 15.41 37.45
CA GLU J 58 44.86 13.94 37.47
C GLU J 58 43.86 13.43 36.45
N TYR J 59 42.66 14.02 36.45
CA TYR J 59 41.57 13.66 35.54
C TYR J 59 42.01 13.77 34.08
N TRP J 60 42.59 14.92 33.72
CA TRP J 60 43.00 15.17 32.34
C TRP J 60 44.14 14.25 31.90
N GLU J 61 45.10 14.06 32.79
CA GLU J 61 46.25 13.21 32.51
C GLU J 61 45.84 11.75 32.28
N ARG J 62 44.81 11.30 33.00
CA ARG J 62 44.45 9.88 33.00
C ARG J 62 43.64 9.59 31.77
N GLU J 63 42.68 10.47 31.49
CA GLU J 63 41.87 10.37 30.30
C GLU J 63 42.79 10.45 29.11
N THR J 64 43.76 11.35 29.16
CA THR J 64 44.65 11.56 28.04
C THR J 64 45.42 10.28 27.76
N GLN J 65 45.98 9.65 28.79
CA GLN J 65 46.64 8.34 28.60
C GLN J 65 45.65 7.29 28.05
N LYS J 66 44.42 7.32 28.54
CA LYS J 66 43.36 6.44 28.05
C LYS J 66 43.15 6.64 26.53
N ALA J 67 43.10 7.90 26.10
CA ALA J 67 42.89 8.25 24.70
C ALA J 67 44.07 7.84 23.83
N LYS J 68 45.29 8.07 24.32
CA LYS J 68 46.49 7.59 23.61
C LYS J 68 46.43 6.06 23.43
N GLY J 69 45.93 5.34 24.42
CA GLY J 69 45.75 3.90 24.34
C GLY J 69 44.70 3.50 23.32
N GLN J 70 43.62 4.29 23.27
CA GLN J 70 42.55 4.12 22.29
C GLN J 70 43.06 4.34 20.87
N GLU J 71 43.92 5.34 20.71
CA GLU J 71 44.50 5.67 19.42
C GLU J 71 45.29 4.46 18.90
N GLN J 72 46.13 3.86 19.73
CA GLN J 72 46.83 2.63 19.32
C GLN J 72 45.88 1.49 19.00
N TRP J 73 44.83 1.35 19.82
CA TRP J 73 43.80 0.33 19.62
C TRP J 73 43.19 0.45 18.24
N PHE J 74 42.84 1.68 17.87
CA PHE J 74 42.16 1.97 16.60
C PHE J 74 43.11 1.74 15.45
N ARG J 75 44.36 2.09 15.66
CA ARG J 75 45.39 1.89 14.68
C ARG J 75 45.60 0.41 14.34
N VAL J 76 45.68 -0.42 15.39
CA VAL J 76 45.87 -1.84 15.20
C VAL J 76 44.63 -2.41 14.52
N SER J 77 43.45 -1.99 14.95
CA SER J 77 42.20 -2.50 14.41
C SER J 77 42.05 -2.13 12.94
N LEU J 78 42.37 -0.90 12.59
CA LEU J 78 42.37 -0.46 11.19
C LEU J 78 43.22 -1.40 10.31
N ARG J 79 44.42 -1.74 10.79
CA ARG J 79 45.31 -2.65 10.09
C ARG J 79 44.71 -4.04 9.96
N ASN J 80 44.16 -4.58 11.04
CA ASN J 80 43.56 -5.91 10.99
C ASN J 80 42.41 -5.94 9.97
N LEU J 81 41.55 -4.91 9.99
CA LEU J 81 40.38 -4.86 9.13
C LEU J 81 40.74 -4.83 7.65
N LEU J 82 41.85 -4.19 7.32
CA LEU J 82 42.39 -4.17 5.96
C LEU J 82 42.59 -5.60 5.46
N GLY J 83 43.20 -6.45 6.29
CA GLY J 83 43.34 -7.85 5.98
C GLY J 83 42.03 -8.61 5.98
N TYR J 84 41.15 -8.30 6.91
CA TYR J 84 39.87 -9.01 7.00
C TYR J 84 39.08 -8.85 5.71
N TYR J 85 39.15 -7.66 5.09
CA TYR J 85 38.35 -7.35 3.92
C TYR J 85 39.19 -7.35 2.65
N ASN J 86 40.45 -7.78 2.75
CA ASN J 86 41.31 -7.94 1.58
C ASN J 86 41.38 -6.64 0.78
N GLN J 87 41.58 -5.55 1.50
CA GLN J 87 41.64 -4.24 0.91
C GLN J 87 43.12 -3.95 0.74
N SER J 88 43.50 -3.31 -0.35
CA SER J 88 44.91 -3.14 -0.55
C SER J 88 45.30 -1.74 -0.07
N ALA J 89 46.60 -1.47 -0.05
CA ALA J 89 47.11 -0.15 0.26
C ALA J 89 46.59 0.81 -0.79
N GLY J 90 46.48 2.10 -0.46
CA GLY J 90 46.07 3.13 -1.40
C GLY J 90 44.65 3.68 -1.22
N GLY J 91 43.97 3.28 -0.15
CA GLY J 91 42.60 3.72 0.07
C GLY J 91 42.46 4.55 1.32
N SER J 92 41.30 5.19 1.46
CA SER J 92 40.91 5.85 2.70
C SER J 92 39.98 4.91 3.44
N HIS J 93 40.10 4.88 4.76
CA HIS J 93 39.35 3.99 5.63
C HIS J 93 38.97 4.69 6.92
N THR J 94 37.82 4.29 7.45
CA THR J 94 37.24 4.89 8.64
C THR J 94 36.78 3.85 9.63
N LEU J 95 37.20 3.98 10.87
CA LEU J 95 36.68 3.15 11.96
C LEU J 95 36.04 4.07 12.98
N GLN J 96 34.80 3.80 13.33
CA GLN J 96 34.05 4.63 14.26
C GLN J 96 33.48 3.82 15.40
N GLN J 97 33.37 4.45 16.57
CA GLN J 97 32.81 3.82 17.74
C GLN J 97 31.87 4.79 18.42
N MET J 98 30.70 4.31 18.86
CA MET J 98 29.85 5.04 19.78
C MET J 98 29.64 4.18 21.00
N SER J 99 29.81 4.79 22.17
CA SER J 99 29.58 4.09 23.41
C SER J 99 29.11 5.03 24.50
N GLY J 100 28.38 4.47 25.45
CA GLY J 100 27.88 5.21 26.58
C GLY J 100 26.60 4.64 27.15
N CYS J 101 25.95 5.43 27.99
CA CYS J 101 24.78 4.99 28.71
C CYS J 101 23.61 5.99 28.62
N ASP J 102 22.38 5.46 28.76
CA ASP J 102 21.16 6.24 28.81
C ASP J 102 20.60 6.09 30.22
N LEU J 103 20.28 7.21 30.88
CA LEU J 103 19.61 7.19 32.18
C LEU J 103 18.16 7.68 32.11
N GLY J 104 17.28 7.08 32.90
CA GLY J 104 15.94 7.59 33.05
C GLY J 104 15.93 8.87 33.87
N SER J 105 14.74 9.42 34.10
CA SER J 105 14.60 10.62 34.93
C SER J 105 14.86 10.33 36.41
N ASP J 106 14.78 9.05 36.79
CA ASP J 106 15.26 8.61 38.11
C ASP J 106 16.78 8.43 38.24
N TRP J 107 17.53 8.76 37.17
CA TRP J 107 19.01 8.68 37.13
C TRP J 107 19.54 7.25 37.14
N ARG J 108 18.65 6.32 36.84
CA ARG J 108 18.96 4.91 36.84
C ARG J 108 19.29 4.47 35.42
N LEU J 109 20.16 3.47 35.29
CA LEU J 109 20.58 3.00 33.98
C LEU J 109 19.39 2.40 33.22
N LEU J 110 19.10 2.97 32.06
CA LEU J 110 18.05 2.49 31.16
C LEU J 110 18.66 1.59 30.08
N ARG J 111 19.72 2.05 29.43
CA ARG J 111 20.37 1.30 28.34
C ARG J 111 21.87 1.61 28.21
N GLY J 112 22.67 0.57 27.97
CA GLY J 112 24.06 0.73 27.58
C GLY J 112 24.23 0.63 26.06
N TYR J 113 25.31 1.23 25.55
CA TYR J 113 25.60 1.24 24.10
C TYR J 113 27.08 1.01 23.82
N LEU J 114 27.35 0.09 22.92
CA LEU J 114 28.68 -0.12 22.40
C LEU J 114 28.53 -0.57 20.94
N GLN J 115 28.86 0.31 19.99
CA GLN J 115 28.75 0.00 18.56
C GLN J 115 29.97 0.48 17.77
N PHE J 116 30.27 -0.25 16.71
CA PHE J 116 31.39 0.07 15.83
C PHE J 116 30.95 0.05 14.38
N ALA J 117 31.53 0.94 13.59
CA ALA J 117 31.32 0.95 12.14
C ALA J 117 32.64 0.98 11.43
N TYR J 118 32.70 0.30 10.29
CA TYR J 118 33.85 0.38 9.41
C TYR J 118 33.35 0.84 8.03
N GLU J 119 34.06 1.75 7.39
CA GLU J 119 33.62 2.38 6.13
C GLU J 119 32.18 2.93 6.23
N GLY J 120 31.83 3.40 7.43
CA GLY J 120 30.51 3.95 7.71
C GLY J 120 29.37 2.96 7.74
N ARG J 121 29.67 1.69 7.99
CA ARG J 121 28.68 0.63 8.04
C ARG J 121 28.80 -0.18 9.34
N ASP J 122 27.67 -0.60 9.88
CA ASP J 122 27.66 -1.48 11.05
C ASP J 122 28.68 -2.62 10.90
N TYR J 123 29.59 -2.72 11.85
CA TYR J 123 30.58 -3.79 11.85
C TYR J 123 30.27 -4.78 12.98
N ILE J 124 30.32 -4.30 14.22
CA ILE J 124 29.95 -5.10 15.38
C ILE J 124 29.33 -4.19 16.45
N ALA J 125 28.36 -4.72 17.18
CA ALA J 125 27.69 -3.98 18.27
C ALA J 125 27.40 -4.92 19.43
N LEU J 126 27.61 -4.45 20.65
CA LEU J 126 27.12 -5.15 21.83
C LEU J 126 25.59 -5.10 21.84
N ASN J 127 24.92 -6.23 22.03
CA ASN J 127 23.45 -6.21 22.12
C ASN J 127 23.03 -5.56 23.44
N GLU J 128 21.73 -5.30 23.60
CA GLU J 128 21.20 -4.54 24.71
C GLU J 128 21.34 -5.32 26.02
N ASP J 129 21.41 -6.65 25.91
CA ASP J 129 21.70 -7.52 27.04
C ASP J 129 23.10 -7.32 27.64
N LEU J 130 23.97 -6.61 26.93
CA LEU J 130 25.36 -6.39 27.33
C LEU J 130 26.16 -7.69 27.53
N LYS J 131 25.76 -8.75 26.81
CA LYS J 131 26.37 -10.08 26.87
C LYS J 131 26.73 -10.68 25.50
N THR J 132 25.88 -10.45 24.50
CA THR J 132 26.07 -11.05 23.17
C THR J 132 26.34 -9.98 22.09
N TRP J 133 26.90 -10.42 20.98
CA TRP J 133 27.33 -9.53 19.91
C TRP J 133 26.50 -9.71 18.63
N THR J 134 26.17 -8.59 17.98
CA THR J 134 25.63 -8.60 16.61
C THR J 134 26.75 -8.18 15.63
N ALA J 135 27.00 -9.04 14.66
CA ALA J 135 27.97 -8.78 13.61
C ALA J 135 27.44 -9.45 12.32
N ALA J 136 27.09 -8.62 11.36
CA ALA J 136 26.50 -9.10 10.12
C ALA J 136 27.55 -9.68 9.17
N ASP J 137 28.66 -8.97 8.94
CA ASP J 137 29.56 -9.31 7.84
C ASP J 137 30.27 -10.66 8.04
N MET J 138 30.53 -11.39 6.97
CA MET J 138 31.34 -12.60 7.09
C MET J 138 32.74 -12.27 7.64
N ALA J 139 33.29 -11.13 7.25
CA ALA J 139 34.59 -10.69 7.72
C ALA J 139 34.58 -10.29 9.20
N ALA J 140 33.42 -9.88 9.70
CA ALA J 140 33.27 -9.48 11.08
C ALA J 140 33.19 -10.66 12.03
N GLN J 141 32.92 -11.86 11.50
CA GLN J 141 32.80 -13.04 12.35
C GLN J 141 34.09 -13.29 13.13
N ILE J 142 35.23 -12.99 12.53
CA ILE J 142 36.54 -13.18 13.17
C ILE J 142 36.60 -12.34 14.47
N THR J 143 36.19 -11.08 14.38
CA THR J 143 36.12 -10.22 15.55
C THR J 143 35.16 -10.76 16.61
N ARG J 144 33.98 -11.22 16.17
CA ARG J 144 32.97 -11.71 17.08
C ARG J 144 33.49 -12.89 17.90
N ARG J 145 34.17 -13.84 17.25
CA ARG J 145 34.77 -14.98 17.96
C ARG J 145 35.80 -14.55 18.98
N LYS J 146 36.77 -13.72 18.57
CA LYS J 146 37.80 -13.22 19.46
C LYS J 146 37.21 -12.56 20.70
N TRP J 147 36.20 -11.74 20.49
CA TRP J 147 35.60 -10.97 21.58
C TRP J 147 34.75 -11.88 22.48
N GLU J 148 34.13 -12.89 21.88
CA GLU J 148 33.42 -13.91 22.66
C GLU J 148 34.40 -14.71 23.50
N GLN J 149 35.53 -15.10 22.90
CA GLN J 149 36.49 -15.97 23.56
C GLN J 149 37.36 -15.23 24.60
N SER J 150 37.45 -13.91 24.49
CA SER J 150 38.21 -13.09 25.45
C SER J 150 37.33 -12.48 26.54
N GLY J 151 36.03 -12.78 26.53
CA GLY J 151 35.14 -12.19 27.52
C GLY J 151 35.02 -10.67 27.43
N ALA J 152 35.10 -10.14 26.22
CA ALA J 152 35.09 -8.67 26.02
C ALA J 152 33.82 -8.02 26.56
N ALA J 153 32.66 -8.65 26.35
CA ALA J 153 31.38 -8.06 26.75
C ALA J 153 31.25 -7.84 28.26
N GLU J 154 31.74 -8.79 29.05
CA GLU J 154 31.69 -8.64 30.50
C GLU J 154 32.43 -7.36 30.91
N HIS J 155 33.55 -7.12 30.25
CA HIS J 155 34.35 -5.92 30.51
C HIS J 155 33.68 -4.62 30.07
N TYR J 156 33.07 -4.59 28.90
CA TYR J 156 32.36 -3.38 28.47
C TYR J 156 31.11 -3.14 29.33
N LYS J 157 30.45 -4.23 29.71
CA LYS J 157 29.32 -4.21 30.62
C LYS J 157 29.68 -3.57 31.97
N ALA J 158 30.87 -3.87 32.47
CA ALA J 158 31.33 -3.31 33.74
C ALA J 158 31.47 -1.80 33.62
N TYR J 159 31.99 -1.33 32.49
CA TYR J 159 32.10 0.11 32.25
C TYR J 159 30.71 0.76 32.10
N LEU J 160 29.83 0.13 31.32
CA LEU J 160 28.54 0.72 30.98
C LEU J 160 27.63 0.82 32.20
N GLU J 161 27.69 -0.16 33.10
CA GLU J 161 26.84 -0.20 34.30
C GLU J 161 27.44 0.53 35.49
N GLY J 162 28.77 0.62 35.53
CA GLY J 162 29.49 1.23 36.64
C GLY J 162 30.01 2.60 36.26
N GLU J 163 31.28 2.66 35.86
CA GLU J 163 31.94 3.92 35.48
C GLU J 163 31.09 4.90 34.66
N CYS J 164 30.52 4.44 33.55
CA CYS J 164 29.76 5.33 32.65
C CYS J 164 28.66 6.05 33.44
N VAL J 165 27.92 5.27 34.24
CA VAL J 165 26.86 5.82 35.08
C VAL J 165 27.43 6.74 36.17
N GLU J 166 28.41 6.26 36.92
CA GLU J 166 28.90 6.98 38.09
C GLU J 166 29.45 8.35 37.70
N TRP J 167 30.18 8.40 36.60
CA TRP J 167 30.79 9.65 36.16
C TRP J 167 29.75 10.58 35.51
N LEU J 168 28.76 10.01 34.83
CA LEU J 168 27.69 10.84 34.31
C LEU J 168 26.87 11.49 35.44
N HIS J 169 26.62 10.77 36.54
CA HIS J 169 26.00 11.37 37.73
C HIS J 169 26.82 12.59 38.18
N ARG J 170 28.13 12.37 38.35
CA ARG J 170 29.05 13.42 38.76
C ARG J 170 29.01 14.64 37.84
N TYR J 171 29.00 14.41 36.53
CA TYR J 171 28.97 15.49 35.54
C TYR J 171 27.64 16.26 35.59
N LEU J 172 26.53 15.56 35.84
CA LEU J 172 25.20 16.19 35.90
C LEU J 172 25.07 17.13 37.10
N LYS J 173 25.71 16.78 38.21
CA LYS J 173 25.72 17.64 39.39
C LYS J 173 26.62 18.86 39.13
N ASN J 174 27.86 18.58 38.73
CA ASN J 174 28.85 19.62 38.44
C ASN J 174 28.40 20.68 37.42
N GLY J 175 27.52 20.30 36.50
CA GLY J 175 27.06 21.19 35.45
C GLY J 175 25.56 21.26 35.34
N ASN J 176 24.87 21.37 36.47
CA ASN J 176 23.41 21.38 36.50
C ASN J 176 22.82 22.69 35.91
N ALA J 177 23.47 23.81 36.20
CA ALA J 177 23.00 25.12 35.74
C ALA J 177 23.28 25.43 34.26
N THR J 178 23.66 24.42 33.47
CA THR J 178 23.97 24.63 32.04
C THR J 178 23.33 23.62 31.06
N LEU J 179 22.88 22.45 31.54
CA LEU J 179 22.16 21.50 30.67
C LEU J 179 20.90 20.90 31.31
N LEU J 180 20.27 21.67 32.20
CA LEU J 180 18.98 21.34 32.79
C LEU J 180 17.85 22.07 32.06
N ARG J 181 18.21 23.03 31.22
CA ARG J 181 17.22 23.91 30.61
C ARG J 181 16.92 23.54 29.16
N THR J 182 15.80 24.06 28.69
CA THR J 182 15.42 24.01 27.29
C THR J 182 15.06 25.41 26.86
N ASP J 183 15.22 25.69 25.57
CA ASP J 183 14.72 26.93 24.98
C ASP J 183 13.52 26.58 24.12
N SER J 184 12.42 27.26 24.36
CA SER J 184 11.20 27.03 23.60
C SER J 184 11.28 27.69 22.24
N PRO J 185 10.73 27.06 21.20
CA PRO J 185 10.69 27.67 19.88
C PRO J 185 9.75 28.86 19.81
N LYS J 186 10.20 29.91 19.14
CA LYS J 186 9.35 31.07 18.81
C LYS J 186 9.04 30.92 17.34
N ALA J 187 7.75 30.84 17.02
CA ALA J 187 7.29 30.49 15.69
C ALA J 187 6.50 31.60 15.03
N HIS J 188 6.66 31.73 13.71
CA HIS J 188 5.82 32.62 12.90
C HIS J 188 5.60 32.04 11.51
N VAL J 189 4.70 32.67 10.74
CA VAL J 189 4.39 32.23 9.39
C VAL J 189 4.59 33.38 8.41
N THR J 190 5.23 33.09 7.27
CA THR J 190 5.57 34.09 6.26
C THR J 190 4.81 33.84 4.96
N HIS J 191 4.51 34.92 4.25
CA HIS J 191 3.70 34.87 3.02
C HIS J 191 4.58 35.01 1.79
N HIS J 192 4.41 34.10 0.83
CA HIS J 192 5.23 34.08 -0.39
C HIS J 192 4.42 33.67 -1.63
N PRO J 193 4.04 34.63 -2.47
CA PRO J 193 3.31 34.31 -3.72
C PRO J 193 4.24 33.76 -4.80
N ARG J 194 3.76 32.84 -5.63
CA ARG J 194 4.62 32.23 -6.68
C ARG J 194 4.02 32.28 -8.09
N SER J 195 2.76 31.85 -8.25
CA SER J 195 2.14 31.80 -9.58
C SER J 195 0.61 31.89 -9.52
N LYS J 196 0.08 33.04 -9.91
CA LYS J 196 -1.36 33.31 -10.04
C LYS J 196 -2.28 32.47 -9.13
N GLY J 197 -2.75 33.09 -8.05
CA GLY J 197 -3.71 32.48 -7.16
C GLY J 197 -3.17 31.30 -6.36
N GLU J 198 -1.90 31.37 -5.96
CA GLU J 198 -1.28 30.30 -5.19
C GLU J 198 -0.03 30.77 -4.44
N VAL J 199 -0.15 30.88 -3.12
CA VAL J 199 0.94 31.32 -2.26
C VAL J 199 1.44 30.19 -1.34
N THR J 200 2.76 30.12 -1.19
CA THR J 200 3.41 29.25 -0.23
C THR J 200 3.42 29.89 1.15
N LEU J 201 2.96 29.15 2.16
CA LEU J 201 3.04 29.57 3.56
C LEU J 201 4.18 28.78 4.20
N ARG J 202 5.05 29.47 4.95
CA ARG J 202 6.24 28.86 5.55
C ARG J 202 6.28 29.08 7.07
N CYS J 203 6.08 27.99 7.81
CA CYS J 203 6.10 28.03 9.27
C CYS J 203 7.52 27.88 9.84
N TRP J 204 8.02 28.95 10.43
CA TRP J 204 9.36 28.96 11.00
C TRP J 204 9.33 28.56 12.46
N ALA J 205 10.37 27.87 12.90
CA ALA J 205 10.63 27.62 14.31
C ALA J 205 12.06 28.04 14.58
N LEU J 206 12.25 28.91 15.55
CA LEU J 206 13.57 29.50 15.82
C LEU J 206 13.90 29.52 17.31
N GLY J 207 15.20 29.48 17.63
CA GLY J 207 15.67 29.67 18.99
C GLY J 207 15.42 28.52 19.96
N PHE J 208 15.13 27.33 19.46
CA PHE J 208 14.81 26.19 20.33
C PHE J 208 16.00 25.29 20.67
N TYR J 209 15.92 24.65 21.82
CA TYR J 209 16.89 23.61 22.23
C TYR J 209 16.18 22.64 23.23
N PRO J 210 16.40 21.33 23.15
CA PRO J 210 17.22 20.65 22.12
C PRO J 210 16.62 20.68 20.73
N ALA J 211 17.32 20.00 19.83
CA ALA J 211 17.05 20.06 18.39
C ALA J 211 15.78 19.35 17.96
N ASP J 212 15.31 18.39 18.75
CA ASP J 212 14.16 17.57 18.36
C ASP J 212 12.92 18.43 18.30
N ILE J 213 12.26 18.44 17.15
CA ILE J 213 11.08 19.26 16.96
C ILE J 213 10.24 18.68 15.81
N THR J 214 8.95 19.01 15.80
CA THR J 214 8.07 18.60 14.73
C THR J 214 7.13 19.74 14.35
N LEU J 215 7.11 20.07 13.06
CA LEU J 215 6.19 21.03 12.49
C LEU J 215 5.20 20.28 11.59
N THR J 216 3.93 20.63 11.68
CA THR J 216 2.88 20.03 10.84
C THR J 216 1.95 21.09 10.31
N TRP J 217 1.48 20.92 9.08
CA TRP J 217 0.47 21.79 8.52
C TRP J 217 -0.85 21.04 8.45
N GLN J 218 -1.95 21.77 8.66
CA GLN J 218 -3.28 21.16 8.70
C GLN J 218 -4.30 21.94 7.89
N LEU J 219 -5.26 21.22 7.30
CA LEU J 219 -6.44 21.82 6.69
C LEU J 219 -7.62 21.53 7.62
N ASN J 220 -8.02 22.54 8.39
CA ASN J 220 -8.99 22.42 9.51
C ASN J 220 -9.40 20.99 9.86
N GLY J 221 -8.44 20.21 10.36
CA GLY J 221 -8.71 18.84 10.74
C GLY J 221 -7.48 17.96 10.73
N GLU J 222 -7.10 17.48 9.54
CA GLU J 222 -6.05 16.46 9.40
C GLU J 222 -4.73 17.02 8.88
N GLU J 223 -3.68 16.22 9.04
CA GLU J 223 -2.32 16.64 8.68
C GLU J 223 -2.14 16.64 7.16
N LEU J 224 -0.93 16.96 6.70
CA LEU J 224 -0.67 17.13 5.27
C LEU J 224 0.70 16.56 4.88
N THR J 225 0.70 15.33 4.36
CA THR J 225 1.85 14.78 3.64
C THR J 225 1.79 15.25 2.17
N GLN J 226 0.60 15.62 1.73
CA GLN J 226 0.37 16.21 0.40
C GLN J 226 1.37 17.32 0.10
N ASP J 227 2.51 16.91 -0.46
CA ASP J 227 3.65 17.79 -0.73
C ASP J 227 3.79 18.91 0.30
N MET J 228 4.11 18.51 1.53
CA MET J 228 4.58 19.44 2.57
C MET J 228 6.08 19.54 2.42
N GLU J 229 6.58 20.72 2.06
CA GLU J 229 8.03 20.95 2.00
C GLU J 229 8.58 21.27 3.40
N LEU J 230 9.85 20.93 3.61
CA LEU J 230 10.54 21.26 4.86
C LEU J 230 12.06 21.18 4.71
N VAL J 231 12.77 21.50 5.79
CA VAL J 231 14.23 21.34 5.84
C VAL J 231 14.67 20.58 7.09
N GLU J 232 15.83 19.95 6.98
CA GLU J 232 16.58 19.42 8.12
C GLU J 232 16.70 20.47 9.20
N THR J 233 16.54 20.03 10.45
CA THR J 233 16.83 20.89 11.60
C THR J 233 18.29 21.31 11.55
N ARG J 234 18.53 22.60 11.75
CA ARG J 234 19.84 23.19 11.50
C ARG J 234 20.28 24.02 12.69
N PRO J 235 21.57 24.03 13.00
CA PRO J 235 22.08 24.92 14.07
C PRO J 235 22.14 26.40 13.65
N ALA J 236 21.67 27.28 14.52
CA ALA J 236 21.81 28.73 14.33
C ALA J 236 23.27 29.10 14.51
N GLY J 237 23.95 28.31 15.34
CA GLY J 237 25.37 28.47 15.60
C GLY J 237 25.62 29.08 16.97
N ASP J 238 24.56 29.47 17.66
CA ASP J 238 24.65 30.04 19.01
C ASP J 238 24.15 29.03 20.04
N GLY J 239 23.98 27.79 19.60
CA GLY J 239 23.53 26.71 20.45
C GLY J 239 22.07 26.35 20.29
N THR J 240 21.27 27.20 19.66
CA THR J 240 19.89 26.87 19.35
C THR J 240 19.79 26.37 17.90
N PHE J 241 18.60 25.96 17.50
CA PHE J 241 18.35 25.38 16.18
C PHE J 241 17.16 26.05 15.49
N GLN J 242 16.98 25.70 14.22
CA GLN J 242 15.94 26.29 13.35
C GLN J 242 15.32 25.23 12.48
N LYS J 243 14.10 25.48 12.04
CA LYS J 243 13.41 24.60 11.11
C LYS J 243 12.23 25.33 10.47
N TRP J 244 11.93 25.01 9.21
CA TRP J 244 10.67 25.45 8.65
C TRP J 244 9.96 24.34 7.88
N ALA J 245 8.66 24.53 7.72
CA ALA J 245 7.84 23.63 6.91
C ALA J 245 6.84 24.50 6.13
N SER J 246 6.73 24.25 4.82
CA SER J 246 5.82 25.00 3.97
C SER J 246 4.81 24.12 3.22
N VAL J 247 3.67 24.71 2.86
CA VAL J 247 2.65 24.06 2.04
C VAL J 247 2.06 25.04 1.02
N VAL J 248 1.75 24.52 -0.18
CA VAL J 248 1.10 25.29 -1.23
C VAL J 248 -0.39 25.46 -0.91
N VAL J 249 -0.93 26.66 -1.18
CA VAL J 249 -2.26 27.04 -0.70
C VAL J 249 -2.94 28.02 -1.67
N PRO J 250 -4.25 27.88 -1.91
CA PRO J 250 -4.99 28.87 -2.70
C PRO J 250 -4.96 30.26 -2.08
N LEU J 251 -4.81 31.30 -2.90
CA LEU J 251 -4.82 32.68 -2.41
C LEU J 251 -6.24 33.09 -2.06
N GLY J 252 -6.42 33.65 -0.86
CA GLY J 252 -7.73 33.97 -0.32
C GLY J 252 -8.19 32.96 0.72
N LYS J 253 -7.81 31.70 0.54
CA LYS J 253 -8.09 30.64 1.51
C LYS J 253 -6.80 30.20 2.21
N GLU J 254 -6.11 31.16 2.83
CA GLU J 254 -4.89 30.86 3.60
C GLU J 254 -5.13 30.87 5.11
N GLN J 255 -6.28 31.40 5.55
CA GLN J 255 -6.69 31.37 6.96
C GLN J 255 -7.37 30.04 7.33
N ASN J 256 -7.55 29.15 6.35
CA ASN J 256 -7.99 27.78 6.60
C ASN J 256 -6.86 26.92 7.17
N TYR J 257 -5.62 27.38 7.02
CA TYR J 257 -4.44 26.56 7.31
C TYR J 257 -3.80 26.93 8.65
N THR J 258 -3.40 25.90 9.40
CA THR J 258 -2.79 26.06 10.71
C THR J 258 -1.52 25.22 10.86
N CYS J 259 -0.42 25.89 11.20
CA CYS J 259 0.82 25.22 11.56
C CYS J 259 0.83 24.87 13.05
N ARG J 260 1.34 23.69 13.37
CA ARG J 260 1.49 23.26 14.75
C ARG J 260 2.93 22.88 15.04
N VAL J 261 3.50 23.44 16.12
CA VAL J 261 4.88 23.16 16.51
C VAL J 261 4.88 22.31 17.78
N TYR J 262 5.69 21.25 17.77
CA TYR J 262 5.79 20.32 18.88
C TYR J 262 7.22 20.32 19.41
N HIS J 263 7.40 20.59 20.69
CA HIS J 263 8.74 20.68 21.29
C HIS J 263 8.71 20.46 22.81
N GLU J 264 9.78 19.88 23.37
CA GLU J 264 9.76 19.38 24.74
C GLU J 264 9.88 20.45 25.81
N GLY J 265 10.21 21.68 25.39
CA GLY J 265 10.22 22.84 26.25
C GLY J 265 8.90 23.60 26.26
N LEU J 266 8.02 23.29 25.31
CA LEU J 266 6.68 23.87 25.29
C LEU J 266 5.81 23.26 26.38
N PRO J 267 4.98 24.08 27.03
CA PRO J 267 3.97 23.55 27.95
C PRO J 267 2.86 22.84 27.18
N GLU J 268 2.63 23.28 25.95
CA GLU J 268 1.75 22.59 25.01
C GLU J 268 2.09 23.00 23.57
N PRO J 269 1.76 22.18 22.58
CA PRO J 269 2.01 22.53 21.18
C PRO J 269 1.51 23.94 20.78
N LEU J 270 2.28 24.66 19.96
CA LEU J 270 1.85 25.94 19.43
C LEU J 270 0.95 25.75 18.21
N THR J 271 -0.12 26.54 18.13
CA THR J 271 -0.95 26.63 16.93
C THR J 271 -0.78 28.02 16.34
N LEU J 272 -0.69 28.10 15.01
CA LEU J 272 -0.27 29.31 14.33
C LEU J 272 -0.85 29.46 12.94
N ARG J 273 -1.02 30.71 12.50
CA ARG J 273 -1.38 31.03 11.13
C ARG J 273 -0.91 32.44 10.73
N TRP J 274 -1.21 32.85 9.51
CA TRP J 274 -0.90 34.21 9.05
C TRP J 274 -1.63 35.24 9.91
N ILE K 1 29.62 2.96 -0.80
CA ILE K 1 30.26 3.47 0.47
C ILE K 1 30.16 4.98 0.66
N GLN K 2 30.13 5.72 -0.44
CA GLN K 2 30.12 7.18 -0.34
C GLN K 2 28.71 7.69 -0.09
N LYS K 3 28.65 8.75 0.71
CA LYS K 3 27.41 9.42 1.05
C LYS K 3 27.62 10.89 0.69
N THR K 4 26.73 11.44 -0.15
CA THR K 4 26.96 12.78 -0.67
C THR K 4 26.45 13.88 0.28
N PRO K 5 27.26 14.90 0.50
CA PRO K 5 26.86 15.97 1.44
C PRO K 5 25.54 16.65 1.05
N GLN K 6 24.71 16.91 2.06
CA GLN K 6 23.54 17.76 1.97
C GLN K 6 23.93 19.10 2.54
N ILE K 7 23.50 20.18 1.88
CA ILE K 7 23.98 21.49 2.17
C ILE K 7 22.81 22.47 2.38
N GLN K 8 22.92 23.27 3.44
CA GLN K 8 22.02 24.37 3.71
C GLN K 8 22.80 25.63 3.98
N VAL K 9 22.34 26.73 3.38
CA VAL K 9 22.96 28.03 3.55
C VAL K 9 21.91 28.98 4.03
N TYR K 10 22.12 29.57 5.20
CA TYR K 10 21.10 30.37 5.88
C TYR K 10 21.75 31.26 6.94
N SER K 11 21.06 32.33 7.31
CA SER K 11 21.52 33.23 8.36
C SER K 11 21.12 32.78 9.77
N ARG K 12 21.94 33.17 10.74
CA ARG K 12 21.65 32.91 12.12
C ARG K 12 20.38 33.66 12.57
N HIS K 13 20.33 34.96 12.27
CA HIS K 13 19.23 35.81 12.69
C HIS K 13 18.38 36.16 11.47
N PRO K 14 17.15 36.61 11.70
CA PRO K 14 16.30 37.09 10.59
C PRO K 14 17.05 38.12 9.77
N PRO K 15 17.14 37.93 8.45
CA PRO K 15 17.91 38.82 7.60
C PRO K 15 17.26 40.19 7.44
N GLU K 16 18.08 41.22 7.57
CA GLU K 16 17.68 42.60 7.37
C GLU K 16 18.81 43.32 6.65
N ASN K 17 18.54 43.81 5.45
CA ASN K 17 19.54 44.56 4.68
C ASN K 17 20.15 45.69 5.50
N GLY K 18 21.48 45.77 5.50
CA GLY K 18 22.21 46.81 6.22
C GLY K 18 22.57 46.43 7.64
N LYS K 19 22.23 45.21 8.05
CA LYS K 19 22.40 44.78 9.43
C LYS K 19 23.39 43.61 9.53
N PRO K 20 24.46 43.77 10.32
CA PRO K 20 25.39 42.67 10.61
C PRO K 20 24.71 41.38 11.08
N ASN K 21 25.17 40.27 10.55
CA ASN K 21 24.54 38.96 10.73
C ASN K 21 25.62 37.88 10.62
N ILE K 22 25.21 36.62 10.73
CA ILE K 22 26.10 35.50 10.49
C ILE K 22 25.45 34.57 9.48
N LEU K 23 26.21 34.26 8.42
CA LEU K 23 25.81 33.30 7.40
C LEU K 23 26.41 31.94 7.73
N ASN K 24 25.58 30.92 7.58
CA ASN K 24 25.94 29.55 7.91
C ASN K 24 25.90 28.73 6.65
N CYS K 25 26.83 27.80 6.54
CA CYS K 25 26.75 26.72 5.60
C CYS K 25 26.86 25.43 6.42
N TYR K 26 25.78 24.65 6.41
CA TYR K 26 25.64 23.47 7.23
C TYR K 26 25.69 22.27 6.28
N VAL K 27 26.70 21.42 6.45
CA VAL K 27 26.98 20.30 5.54
C VAL K 27 26.88 19.01 6.38
N THR K 28 25.97 18.11 5.97
CA THR K 28 25.66 16.91 6.71
C THR K 28 25.60 15.66 5.83
N GLN K 29 25.47 14.51 6.50
CA GLN K 29 25.18 13.22 5.89
C GLN K 29 26.23 12.76 4.89
N PHE K 30 27.50 13.08 5.15
CA PHE K 30 28.53 12.72 4.19
C PHE K 30 29.50 11.64 4.70
N HIS K 31 30.11 10.93 3.75
CA HIS K 31 31.15 9.94 4.02
C HIS K 31 31.96 9.72 2.76
N PRO K 32 33.30 9.64 2.83
CA PRO K 32 34.11 9.74 4.05
C PRO K 32 34.23 11.16 4.64
N PRO K 33 34.83 11.29 5.83
CA PRO K 33 34.86 12.59 6.54
C PRO K 33 35.66 13.72 5.86
N HIS K 34 36.61 13.41 4.97
CA HIS K 34 37.36 14.44 4.26
C HIS K 34 36.46 15.24 3.31
N ILE K 35 36.54 16.55 3.43
CA ILE K 35 35.68 17.48 2.70
C ILE K 35 36.33 18.86 2.64
N GLU K 36 36.03 19.62 1.58
CA GLU K 36 36.48 20.99 1.42
C GLU K 36 35.28 21.91 1.32
N ILE K 37 35.21 22.90 2.20
CA ILE K 37 34.11 23.84 2.17
C ILE K 37 34.63 25.28 1.99
N GLN K 38 34.00 26.04 1.10
CA GLN K 38 34.26 27.47 0.95
C GLN K 38 32.96 28.28 0.94
N MET K 39 32.98 29.46 1.55
CA MET K 39 31.88 30.40 1.42
C MET K 39 32.30 31.52 0.47
N LEU K 40 31.38 31.92 -0.40
CA LEU K 40 31.68 32.87 -1.47
C LEU K 40 30.76 34.07 -1.39
N LYS K 41 31.34 35.26 -1.51
CA LYS K 41 30.63 36.49 -1.74
C LYS K 41 30.86 36.95 -3.18
N ASN K 42 29.77 37.05 -3.96
CA ASN K 42 29.82 37.44 -5.35
C ASN K 42 30.84 36.61 -6.14
N GLY K 43 30.82 35.30 -5.91
CA GLY K 43 31.72 34.36 -6.56
C GLY K 43 33.17 34.37 -6.08
N LYS K 44 33.48 35.21 -5.08
CA LYS K 44 34.83 35.37 -4.58
C LYS K 44 34.94 34.70 -3.21
N LYS K 45 36.05 34.01 -2.97
CA LYS K 45 36.25 33.28 -1.71
C LYS K 45 36.29 34.26 -0.56
N ILE K 46 35.49 34.00 0.47
CA ILE K 46 35.46 34.82 1.67
C ILE K 46 36.61 34.34 2.56
N PRO K 47 37.55 35.24 2.88
CA PRO K 47 38.80 34.82 3.56
C PRO K 47 38.58 34.25 4.96
N LYS K 48 37.88 34.96 5.84
CA LYS K 48 37.80 34.50 7.22
C LYS K 48 36.52 33.71 7.45
N VAL K 49 36.64 32.39 7.32
CA VAL K 49 35.51 31.49 7.54
C VAL K 49 35.83 30.58 8.71
N GLU K 50 34.93 30.59 9.68
CA GLU K 50 35.06 29.74 10.85
C GLU K 50 34.52 28.36 10.51
N MET K 51 35.21 27.34 11.01
CA MET K 51 34.85 25.95 10.73
C MET K 51 34.75 25.19 12.03
N SER K 52 33.60 24.58 12.29
CA SER K 52 33.42 23.73 13.45
C SER K 52 34.30 22.50 13.32
N ASP K 53 34.56 21.84 14.43
CA ASP K 53 35.30 20.59 14.39
C ASP K 53 34.44 19.46 13.81
N MET K 54 35.09 18.36 13.40
CA MET K 54 34.41 17.22 12.77
C MET K 54 33.59 16.48 13.81
N SER K 55 32.31 16.26 13.53
CA SER K 55 31.49 15.38 14.34
C SER K 55 30.72 14.40 13.45
N PHE K 56 30.19 13.33 14.04
CA PHE K 56 29.31 12.42 13.30
C PHE K 56 28.03 12.07 14.07
N SER K 57 27.02 11.65 13.33
CA SER K 57 25.70 11.41 13.90
C SER K 57 25.51 9.96 14.22
N LYS K 58 24.41 9.64 14.88
CA LYS K 58 24.19 8.27 15.28
C LYS K 58 23.99 7.28 14.11
N ASP K 59 23.75 7.79 12.89
CA ASP K 59 23.77 6.93 11.69
C ASP K 59 25.16 6.85 11.02
N TRP K 60 26.19 7.37 11.70
CA TRP K 60 27.62 7.26 11.34
C TRP K 60 28.12 8.31 10.35
N SER K 61 27.20 9.03 9.72
CA SER K 61 27.54 10.07 8.75
C SER K 61 28.08 11.34 9.40
N PHE K 62 28.96 12.05 8.70
CA PHE K 62 29.63 13.22 9.26
C PHE K 62 28.89 14.51 9.00
N TYR K 63 29.15 15.51 9.83
CA TYR K 63 28.59 16.86 9.66
C TYR K 63 29.55 17.96 10.14
N ILE K 64 29.41 19.14 9.53
CA ILE K 64 30.20 20.33 9.85
C ILE K 64 29.34 21.56 9.64
N LEU K 65 29.56 22.56 10.51
CA LEU K 65 29.00 23.89 10.35
C LEU K 65 30.11 24.89 10.06
N ALA K 66 30.00 25.55 8.91
CA ALA K 66 30.89 26.65 8.55
C ALA K 66 30.08 27.94 8.70
N HIS K 67 30.72 29.02 9.11
CA HIS K 67 30.03 30.31 9.17
C HIS K 67 31.01 31.47 9.05
N THR K 68 30.44 32.65 8.82
CA THR K 68 31.19 33.88 8.59
C THR K 68 30.28 35.07 8.84
N GLU K 69 30.87 36.19 9.23
CA GLU K 69 30.14 37.43 9.42
C GLU K 69 29.75 37.94 8.06
N PHE K 70 28.54 38.49 7.97
CA PHE K 70 28.14 39.16 6.75
C PHE K 70 27.11 40.26 7.01
N THR K 71 27.01 41.17 6.06
CA THR K 71 26.04 42.25 6.12
C THR K 71 25.28 42.23 4.81
N PRO K 72 24.12 41.57 4.77
CA PRO K 72 23.39 41.41 3.52
C PRO K 72 22.94 42.76 2.94
N THR K 73 22.90 42.81 1.61
CA THR K 73 22.29 43.90 0.85
C THR K 73 21.31 43.28 -0.13
N GLU K 74 20.65 44.12 -0.92
CA GLU K 74 19.69 43.63 -1.89
C GLU K 74 20.38 42.76 -2.94
N THR K 75 21.64 43.06 -3.20
CA THR K 75 22.30 42.66 -4.42
C THR K 75 23.41 41.58 -4.24
N ASP K 76 24.11 41.59 -3.11
CA ASP K 76 25.20 40.61 -2.89
C ASP K 76 24.70 39.17 -2.87
N THR K 77 25.30 38.32 -3.70
CA THR K 77 25.01 36.92 -3.63
C THR K 77 26.02 36.24 -2.73
N TYR K 78 25.54 35.38 -1.84
CA TYR K 78 26.39 34.53 -1.06
C TYR K 78 26.13 33.09 -1.46
N ALA K 79 27.14 32.24 -1.25
CA ALA K 79 27.04 30.85 -1.63
C ALA K 79 28.01 30.00 -0.80
N CYS K 80 27.83 28.70 -0.89
CA CYS K 80 28.69 27.74 -0.22
C CYS K 80 29.08 26.70 -1.25
N ARG K 81 30.36 26.38 -1.32
CA ARG K 81 30.89 25.50 -2.34
C ARG K 81 31.62 24.35 -1.69
N VAL K 82 31.14 23.14 -1.94
CA VAL K 82 31.59 21.93 -1.28
C VAL K 82 32.22 20.98 -2.28
N LYS K 83 33.43 20.52 -1.99
CA LYS K 83 34.04 19.45 -2.75
C LYS K 83 34.15 18.20 -1.87
N HIS K 84 33.84 17.07 -2.47
CA HIS K 84 33.77 15.80 -1.77
C HIS K 84 33.84 14.67 -2.81
N ASP K 85 34.41 13.53 -2.41
CA ASP K 85 34.70 12.42 -3.33
C ASP K 85 33.45 11.78 -3.91
N SER K 86 32.34 11.86 -3.18
CA SER K 86 31.02 11.47 -3.69
C SER K 86 30.56 12.25 -4.94
N MET K 87 31.19 13.38 -5.23
CA MET K 87 30.76 14.21 -6.35
C MET K 87 31.91 14.39 -7.33
N ALA K 88 31.61 14.25 -8.62
CA ALA K 88 32.59 14.49 -9.66
C ALA K 88 33.00 15.95 -9.70
N GLU K 89 32.04 16.84 -9.42
CA GLU K 89 32.28 18.28 -9.42
C GLU K 89 31.91 18.96 -8.08
N PRO K 90 32.51 20.10 -7.78
CA PRO K 90 32.05 20.92 -6.65
C PRO K 90 30.55 21.23 -6.75
N LYS K 91 29.86 21.25 -5.62
CA LYS K 91 28.46 21.64 -5.54
C LYS K 91 28.39 23.00 -4.89
N THR K 92 27.72 23.93 -5.56
CA THR K 92 27.49 25.27 -5.06
C THR K 92 26.01 25.43 -4.74
N VAL K 93 25.71 25.92 -3.54
CA VAL K 93 24.35 26.32 -3.21
C VAL K 93 24.35 27.76 -2.70
N TYR K 94 23.42 28.52 -3.25
CA TYR K 94 23.25 29.94 -2.98
C TYR K 94 22.35 30.18 -1.78
N TRP K 95 22.68 31.22 -1.01
CA TRP K 95 21.80 31.71 0.04
C TRP K 95 20.51 32.26 -0.55
N ASP K 96 19.40 31.74 -0.06
CA ASP K 96 18.07 32.22 -0.35
C ASP K 96 17.55 32.75 0.98
N ARG K 97 17.39 34.07 1.10
CA ARG K 97 17.01 34.71 2.37
C ARG K 97 15.63 34.34 2.92
N ASP K 98 14.74 33.81 2.06
CA ASP K 98 13.43 33.30 2.48
C ASP K 98 13.43 31.83 2.88
N MET K 99 14.62 31.23 3.03
CA MET K 99 14.73 29.79 3.28
C MET K 99 15.79 29.48 4.33
N LYS L 1 33.72 9.88 31.93
CA LYS L 1 35.03 9.26 31.57
C LYS L 1 34.84 8.26 30.46
N ALA L 2 35.85 8.20 29.60
CA ALA L 2 35.73 7.48 28.35
C ALA L 2 35.89 6.01 28.60
N VAL L 3 35.39 5.24 27.64
CA VAL L 3 35.57 3.81 27.60
C VAL L 3 37.01 3.47 27.26
N TYR L 4 37.42 2.31 27.71
CA TYR L 4 38.73 1.74 27.49
C TYR L 4 38.45 0.45 26.72
N ASN L 5 38.98 0.30 25.51
CA ASN L 5 38.60 -0.85 24.70
C ASN L 5 39.42 -2.05 25.14
N PHE L 6 38.91 -3.26 24.90
CA PHE L 6 39.61 -4.50 25.26
C PHE L 6 40.31 -5.11 24.05
N ALA L 7 39.95 -6.33 23.64
CA ALA L 7 40.54 -6.92 22.45
C ALA L 7 40.33 -6.04 21.22
N THR L 8 41.38 -5.93 20.40
CA THR L 8 41.25 -5.26 19.12
C THR L 8 40.36 -6.09 18.21
N MET L 9 39.95 -5.48 17.09
CA MET L 9 39.21 -6.18 16.09
C MET L 9 40.00 -7.33 15.50
#